data_7W77
#
_entry.id   7W77
#
_cell.length_a   1.00
_cell.length_b   1.00
_cell.length_c   1.00
_cell.angle_alpha   90.00
_cell.angle_beta   90.00
_cell.angle_gamma   90.00
#
_symmetry.space_group_name_H-M   'P 1'
#
loop_
_entity.id
_entity.type
_entity.pdbx_description
1 polymer 'Sodium channel subunit beta-1'
2 polymer 'Sodium channel subunit beta-2'
3 polymer 'Sodium channel protein type 3 subunit alpha'
4 branched beta-D-mannopyranose-(1-4)-2-acetamido-2-deoxy-beta-D-glucopyranose-(1-4)-2-acetamido-2-deoxy-beta-D-glucopyranose
5 branched 2-acetamido-2-deoxy-beta-D-glucopyranose-(1-4)-2-acetamido-2-deoxy-beta-D-glucopyranose
6 non-polymer 2-acetamido-2-deoxy-beta-D-glucopyranose
7 non-polymer (3beta,14beta,17beta,25R)-3-[4-methoxy-3-(methoxymethyl)butoxy]spirost-5-en
8 non-polymer '[(2~{R})-1-[2-azanylethoxy(oxidanyl)phosphoryl]oxy-3-hexadecanoyloxy-propan-2-yl] (~{Z})-octadec-9-enoate'
9 non-polymer '[(1S,2R,3R,4R,5R,6S,8R,9S,13S,16S,17R,18R)-11-ethyl-5-hydroxy-6,16,18-trimethoxy-4-(4-methoxybenzoyl)-13-(methoxymethyl)-11-azahexacyclo[7.7.2.12,5.01,10.03,8.013,17]nonadecan-8-yl] acetate'
#
loop_
_entity_poly.entity_id
_entity_poly.type
_entity_poly.pdbx_seq_one_letter_code
_entity_poly.pdbx_strand_id
1 'polypeptide(L)'
;MGRLLALVVGAALVSSACGGCVEVDSETEAVYGMTFKILCISCKRRSETNAETFTEWTFRQKGTEEFVKILRYENEVLQL
EEDERFEGRVVWNGSRGTKDLQDLSIFITNVTYNHSGDYECHVYRLLFFENYEHNTSVVKKIHIEVVDKANRDMASIVSE
IMMYVLIVVLTIWLVAEMIYCYKKIAAATETAAQENASEYLAITSESKENCTGVQVAE
;
B
2 'polypeptide(L)'
;MHRDAWLPRPAFSLTGLSLFFSLVPPGRSMEVTVPATLNVLNGSDARLPCTFNSCYTVNHKQFSLNWTYQECNNCSEEMF
LQFRMKIINLKLERFQDRVEFSGNPSKYDVSVMLRNVQPEDEGIYNCYIMNPPDRHRGHGKIHLQVLMEEPPERDSTVAV
IVGASVGGFLAVVILVLMVVKCVRRKKEQKLSTDDLKTEEEGKTDGEGNPDDGAK
;
C
3 'polypeptide(L)'
;MAQALLVPPGPESFRLFTRESLAAIEKRAAEEKAKKPKKEQDNDDENKPKPNSDLEAGKNLPFIYGDIPPEMVSEPLEDL
DPYYINKKTFIVMNKGKAIFRFSATSALYILTPLNPVRKIAIKILVHSLFSMLIMCTILTNCVFMTLSNPPDWTKNVEYT
FTGIYTFESLIKILARGFCLEDFTFLRDPWNWLDFSVIVMAYVTEFVSLGNVSALRTFRVLRALKTISVIPGLKTIVGAL
IQSVKKLSDVMILTVFCLSVFALIGLQLFMGNLRNKCLQWPPSDSAFETNTTSYFNGTMDSNGTFVNVTMSTFNWKDYIG
DDSHFYVLDGQKDPLLCGNGSDAGQCPEGYICVKAGRNPNYGYTSFDTFSWAFLSLFRLMTQDYWENLYQLTLRAAGKTY
MIFFVLVIFLGSFYLVNLILAVVAMAYEEQNQATLEEAEQKEAEFQQMLEQLKKQQEEAQAVAAASAASRDFSGIGGLGE
LLESSSEASKLSSKSAKEWRNRRKKRRQREHLEGNNKGERDSFPKSESEDSVKRSSFLFSMDGNRLTSDKKFCSPHQSLL
SIRGSLFSPRRNSKTSIFSFRGRAKDVGSENDFADDEHSTFEDSESRRDSLFVPHRHGERRNSNVSQASMSSRMVPGLPA
NGKMHSTVDCNGVVSLVGGPSALTSPTGQLPPEGTTTETEVRKRRLSSYQISMEMLEDSSGRQRAVSIASILTNTMEELE
ESRQKCPPCWYRFANVFLIWDCCDAWLKVKHLVNLIVMDPFVDLAITICIVLNTLFMAMEHYPMTEQFSSVLTVGNLVFT
GIFTAEMVLKIIAMDPYYYFQEGWNIFDGIIVSLSLMELGLSNVEGLSVLRSFRLLRVFKLAKSWPTLNMLIKIIGNSVG
ALGNLTLVLAIIVFIFAVVGMQLFGKSYKECVCKINDDCTLPRWHMNDFFHSFLIVFRVLCGEWIETMWDCMEVAGQTMC
LIVFMLVMVIGNLVVLNLFLALLLSSFSSDNLAATDDDNEMNNLQIAVGRMQKGIDYVKNKMRECFQKAFFRKPKVIEIH
EGNKIDSCMSNNTGIEISKELNYLRDGNGTTSGVGTGSSVEKYVIDENDYMSFINNPSLTVTVPIAVGESDFENLNTEEF
SSESELEESKEKLNATSSSEGSTVDVVLPREGEQAETEPEEDLKPEACFTEGCIKKFPFCQVSTEEGKGKIWWNLRKTCY
SIVEHNWFETFIVFMILLSSGALAFEDIYIEQRKTIKTMLEYADKVFTYIFILEMLLKWVAYGFQTYFTNAWCWLDFLIV
DVSLVSLVANALGYSELGAIKSLRTLRALRPLRALSRFEGMRVVVNALVGAIPSIMNVLLVCLIFWLIFSIMGVNLFAGK
FYHCVNMTTGNMFDISDVNNLSDCQALGKQARWKNVKVNFDNVGAGYLALLQVATFKGWMDIMYAAVDSRDVKLQPVYEE
NLYMYLYFVIFIIFGSFFTLNLFIGVIIDNFNQQKKKFGGQDIFMTEEQKKYYNAMKKLGSKKPQKPIPRPANKFQGMVF
DFVTRQVFDISIMILICLNMVTMMVETDDQGKYMTLVLSRINLVFIVLFTGEFVLKLVSLRHYYFTIGWNIFDFVVVILS
IVGMFLAEMIEKYFVSPTLFRVIRLARIGRILRLIKGAKGIRTLLFALMMSLPALFNIGLLLFLVMFIYAIFGMSNFAYV
KKEAGIDDMFNFETFGNSMICLFQITTSAGWDGLLAPILNSAPPDCDPDTIHPGSSVKGDCGNPSVGIFFFVSYIIISFL
VVVNMYIAVILENFSVATEESAEPLSEDDFEMFYEVWEKFDPDATQFIEFSKLSDFAAALDPPLLIAKPNKVQLIAMDLP
MVSGDRIHCLDILFAFTKRVLGESGEMDALRIQMEDRFMASNPSKVSYEPITTTLKRKQEEVSAAIIQRNFRCYLLKQRL
KNISSNYNKEAIKGRIDLPIKQDMIIDKLNG
;
D
#
# COMPACT_ATOMS: atom_id res chain seq x y z
N GLY A 20 19.51 -10.06 11.34
CA GLY A 20 20.56 -10.61 10.52
C GLY A 20 21.86 -10.84 11.28
N CYS A 21 22.97 -10.45 10.67
CA CYS A 21 24.28 -10.61 11.30
C CYS A 21 25.07 -9.31 11.19
N VAL A 22 25.93 -9.07 12.17
CA VAL A 22 26.75 -7.88 12.23
C VAL A 22 28.19 -8.30 12.44
N GLU A 23 29.11 -7.46 11.96
CA GLU A 23 30.55 -7.69 12.11
C GLU A 23 31.05 -6.93 13.33
N VAL A 24 31.50 -7.66 14.35
CA VAL A 24 32.05 -7.05 15.54
C VAL A 24 33.56 -7.27 15.54
N ASP A 25 34.28 -6.37 16.19
CA ASP A 25 35.72 -6.49 16.31
C ASP A 25 36.07 -7.35 17.52
N SER A 26 37.05 -8.23 17.33
CA SER A 26 37.49 -9.10 18.41
C SER A 26 38.14 -8.28 19.52
N GLU A 27 38.07 -8.80 20.74
CA GLU A 27 38.67 -8.12 21.89
C GLU A 27 40.18 -8.03 21.71
N THR A 28 40.73 -6.87 22.04
CA THR A 28 42.14 -6.59 21.76
C THR A 28 43.07 -7.38 22.66
N GLU A 29 42.71 -7.59 23.92
CA GLU A 29 43.61 -8.19 24.89
C GLU A 29 43.01 -9.48 25.45
N ALA A 30 43.88 -10.43 25.75
CA ALA A 30 43.52 -11.67 26.43
C ALA A 30 44.19 -11.72 27.79
N VAL A 31 43.78 -12.70 28.60
CA VAL A 31 44.29 -12.86 29.96
C VAL A 31 44.97 -14.22 30.07
N TYR A 32 46.13 -14.24 30.72
CA TYR A 32 46.91 -15.46 30.82
C TYR A 32 46.18 -16.52 31.63
N GLY A 33 46.32 -17.77 31.20
CA GLY A 33 45.76 -18.90 31.93
C GLY A 33 44.30 -19.20 31.63
N MET A 34 43.54 -18.17 31.28
CA MET A 34 42.12 -18.32 31.01
C MET A 34 41.89 -18.58 29.52
N THR A 35 40.64 -18.52 29.10
CA THR A 35 40.24 -18.77 27.72
C THR A 35 40.00 -17.45 26.99
N PHE A 36 40.13 -17.50 25.66
CA PHE A 36 39.88 -16.33 24.83
C PHE A 36 39.08 -16.75 23.60
N LYS A 37 38.36 -15.79 23.03
CA LYS A 37 37.54 -16.02 21.84
C LYS A 37 37.87 -14.94 20.82
N ILE A 38 38.62 -15.30 19.78
CA ILE A 38 38.98 -14.36 18.72
C ILE A 38 37.93 -14.46 17.63
N LEU A 39 37.33 -13.32 17.29
CA LEU A 39 36.21 -13.29 16.35
C LEU A 39 36.65 -12.81 14.97
N CYS A 40 35.97 -13.33 13.95
CA CYS A 40 36.17 -12.92 12.57
C CYS A 40 34.81 -13.09 11.86
N ILE A 41 34.03 -12.01 11.85
CA ILE A 41 32.67 -12.07 11.32
C ILE A 41 32.70 -11.43 9.94
N SER A 42 32.74 -12.26 8.91
CA SER A 42 32.67 -11.82 7.53
C SER A 42 31.25 -12.05 7.03
N CYS A 43 30.35 -11.16 7.46
CA CYS A 43 28.97 -11.22 6.99
C CYS A 43 28.90 -11.02 5.49
N LYS A 44 28.08 -11.84 4.83
CA LYS A 44 27.83 -11.70 3.42
C LYS A 44 27.20 -10.35 3.12
N ARG A 45 27.56 -9.77 1.97
CA ARG A 45 26.96 -8.51 1.56
C ARG A 45 25.47 -8.66 1.31
N ARG A 46 25.04 -9.86 0.89
CA ARG A 46 23.64 -10.18 0.71
C ARG A 46 23.35 -11.46 1.47
N SER A 47 22.34 -11.41 2.35
CA SER A 47 22.14 -12.48 3.31
C SER A 47 21.60 -13.76 2.66
N GLU A 48 20.71 -13.64 1.69
CA GLU A 48 20.03 -14.82 1.16
C GLU A 48 20.87 -15.57 0.13
N THR A 49 21.98 -14.99 -0.33
CA THR A 49 22.84 -15.67 -1.28
C THR A 49 23.48 -16.89 -0.64
N ASN A 50 23.31 -18.05 -1.28
CA ASN A 50 23.93 -19.27 -0.79
C ASN A 50 25.45 -19.19 -0.98
N ALA A 51 26.19 -19.76 -0.04
CA ALA A 51 27.64 -19.68 -0.10
C ALA A 51 28.26 -20.92 0.53
N GLU A 52 29.48 -21.22 0.10
CA GLU A 52 30.31 -22.26 0.68
C GLU A 52 31.56 -21.56 1.20
N THR A 53 31.69 -21.45 2.52
CA THR A 53 32.72 -20.64 3.13
C THR A 53 33.74 -21.53 3.84
N PHE A 54 35.01 -21.31 3.55
CA PHE A 54 36.10 -21.91 4.32
C PHE A 54 37.10 -20.82 4.65
N THR A 55 38.09 -21.13 5.47
CA THR A 55 38.94 -20.05 5.98
C THR A 55 40.31 -20.56 6.40
N GLU A 56 41.32 -19.73 6.15
CA GLU A 56 42.69 -19.92 6.61
C GLU A 56 42.86 -19.05 7.85
N TRP A 57 43.38 -19.61 8.93
CA TRP A 57 43.80 -18.80 10.07
C TRP A 57 45.30 -18.90 10.24
N THR A 58 45.94 -17.73 10.27
CA THR A 58 47.38 -17.64 10.45
C THR A 58 47.66 -16.50 11.43
N PHE A 59 48.92 -16.38 11.83
CA PHE A 59 49.30 -15.23 12.64
C PHE A 59 50.82 -15.10 12.63
N ARG A 60 51.29 -13.99 13.20
CA ARG A 60 52.70 -13.75 13.44
C ARG A 60 52.92 -13.42 14.91
N GLN A 61 53.99 -13.97 15.48
CA GLN A 61 54.39 -13.68 16.84
C GLN A 61 54.79 -12.21 16.98
N LYS A 62 54.69 -11.68 18.19
CA LYS A 62 55.24 -10.37 18.48
C LYS A 62 56.76 -10.41 18.33
N GLY A 63 57.28 -9.49 17.52
CA GLY A 63 58.69 -9.48 17.20
C GLY A 63 59.10 -10.42 16.10
N THR A 64 58.16 -11.13 15.49
CA THR A 64 58.43 -12.05 14.38
C THR A 64 57.76 -11.54 13.12
N GLU A 65 58.48 -11.61 12.01
CA GLU A 65 58.03 -11.08 10.72
C GLU A 65 57.83 -12.25 9.76
N GLU A 66 56.63 -12.83 9.79
CA GLU A 66 56.24 -13.93 8.91
C GLU A 66 54.73 -14.10 9.08
N PHE A 67 54.18 -15.14 8.45
CA PHE A 67 52.79 -15.54 8.67
C PHE A 67 52.70 -17.05 8.45
N VAL A 68 52.74 -17.81 9.52
CA VAL A 68 52.69 -19.26 9.45
C VAL A 68 51.25 -19.70 9.70
N LYS A 69 50.69 -20.46 8.76
CA LYS A 69 49.32 -20.94 8.88
C LYS A 69 49.17 -21.81 10.11
N ILE A 70 48.14 -21.53 10.92
CA ILE A 70 47.95 -22.31 12.14
C ILE A 70 46.77 -23.26 11.97
N LEU A 71 45.76 -22.86 11.22
CA LEU A 71 44.64 -23.78 11.06
C LEU A 71 43.85 -23.47 9.80
N ARG A 72 42.98 -24.42 9.44
CA ARG A 72 42.14 -24.36 8.26
C ARG A 72 40.75 -24.87 8.64
N TYR A 73 39.73 -24.04 8.46
CA TYR A 73 38.37 -24.50 8.68
C TYR A 73 37.68 -24.71 7.35
N GLU A 74 36.93 -25.81 7.27
CA GLU A 74 36.26 -26.26 6.07
C GLU A 74 34.78 -26.43 6.40
N ASN A 75 34.02 -27.11 5.53
CA ASN A 75 32.60 -27.33 5.72
C ASN A 75 32.22 -27.66 7.16
N GLU A 76 32.79 -28.73 7.70
CA GLU A 76 32.46 -29.13 9.07
C GLU A 76 33.71 -29.37 9.92
N VAL A 77 34.80 -29.81 9.28
CA VAL A 77 35.99 -30.28 9.98
C VAL A 77 37.00 -29.16 10.10
N LEU A 78 37.66 -29.07 11.25
CA LEU A 78 38.74 -28.14 11.48
C LEU A 78 40.08 -28.88 11.47
N GLN A 79 41.05 -28.37 10.73
CA GLN A 79 42.37 -28.96 10.63
C GLN A 79 43.39 -28.00 11.22
N LEU A 80 44.39 -28.55 11.93
CA LEU A 80 45.43 -27.75 12.53
C LEU A 80 46.79 -28.37 12.23
N GLU A 81 47.82 -27.53 12.17
CA GLU A 81 49.16 -27.98 11.86
C GLU A 81 49.81 -28.60 13.09
N GLU A 82 51.11 -28.91 12.97
CA GLU A 82 51.92 -29.45 14.05
C GLU A 82 52.47 -28.36 14.97
N ASP A 83 51.93 -27.14 14.89
CA ASP A 83 52.42 -26.05 15.73
C ASP A 83 52.17 -26.36 17.19
N GLU A 84 53.21 -26.21 18.01
CA GLU A 84 53.11 -26.51 19.44
C GLU A 84 52.37 -25.41 20.20
N ARG A 85 52.28 -24.20 19.64
CA ARG A 85 51.59 -23.11 20.32
C ARG A 85 50.08 -23.30 20.34
N PHE A 86 49.53 -24.23 19.55
CA PHE A 86 48.10 -24.50 19.57
C PHE A 86 47.79 -25.98 19.52
N GLU A 87 48.74 -26.85 19.85
CA GLU A 87 48.50 -28.29 19.80
C GLU A 87 47.53 -28.69 20.90
N GLY A 88 46.28 -28.96 20.52
CA GLY A 88 45.27 -29.37 21.48
C GLY A 88 44.88 -28.31 22.49
N ARG A 89 44.90 -27.03 22.09
CA ARG A 89 44.41 -25.98 22.97
C ARG A 89 43.58 -24.94 22.22
N VAL A 90 43.10 -25.26 21.03
CA VAL A 90 42.20 -24.39 20.27
C VAL A 90 41.03 -25.23 19.77
N VAL A 91 39.84 -24.63 19.81
CA VAL A 91 38.62 -25.27 19.33
C VAL A 91 37.84 -24.27 18.48
N TRP A 92 36.86 -24.82 17.76
CA TRP A 92 36.06 -24.01 16.85
C TRP A 92 34.84 -23.45 17.55
N ASN A 93 34.54 -22.17 17.30
CA ASN A 93 33.31 -21.57 17.79
C ASN A 93 32.69 -20.67 16.73
N GLY A 94 32.73 -21.10 15.47
CA GLY A 94 32.00 -20.46 14.40
C GLY A 94 30.61 -21.05 14.23
N SER A 95 30.05 -20.84 13.06
CA SER A 95 28.75 -21.44 12.75
C SER A 95 28.90 -22.93 12.53
N ARG A 96 28.03 -23.71 13.16
CA ARG A 96 28.09 -25.17 13.10
C ARG A 96 27.01 -25.72 12.19
N GLY A 97 27.40 -26.66 11.34
CA GLY A 97 26.44 -27.39 10.51
C GLY A 97 25.64 -26.53 9.56
N THR A 98 26.29 -25.60 8.87
CA THR A 98 25.60 -24.71 7.95
C THR A 98 26.25 -24.60 6.58
N LYS A 99 27.55 -24.86 6.46
CA LYS A 99 28.29 -24.83 5.20
C LYS A 99 28.38 -23.40 4.65
N ASP A 100 27.71 -22.46 5.31
CA ASP A 100 27.77 -21.03 5.01
C ASP A 100 28.13 -20.36 6.33
N LEU A 101 29.43 -20.24 6.58
CA LEU A 101 29.92 -19.94 7.93
C LEU A 101 29.42 -18.59 8.42
N GLN A 102 29.85 -17.50 7.78
CA GLN A 102 29.45 -16.15 8.16
C GLN A 102 29.89 -15.81 9.58
N ASP A 103 30.70 -16.68 10.19
CA ASP A 103 31.26 -16.47 11.52
C ASP A 103 32.48 -17.37 11.64
N LEU A 104 33.61 -16.78 12.02
CA LEU A 104 34.89 -17.49 12.04
C LEU A 104 35.51 -17.17 13.39
N SER A 105 35.24 -17.98 14.40
CA SER A 105 35.66 -17.67 15.77
C SER A 105 36.54 -18.80 16.28
N ILE A 106 37.74 -18.44 16.75
CA ILE A 106 38.64 -19.40 17.36
C ILE A 106 38.56 -19.26 18.87
N PHE A 107 38.36 -20.38 19.57
CA PHE A 107 38.33 -20.38 21.02
C PHE A 107 39.62 -21.00 21.53
N ILE A 108 40.50 -20.17 22.06
CA ILE A 108 41.78 -20.61 22.58
C ILE A 108 41.62 -20.88 24.06
N THR A 109 41.60 -22.16 24.43
CA THR A 109 41.56 -22.53 25.84
C THR A 109 42.98 -22.54 26.40
N ASN A 110 43.10 -22.11 27.65
CA ASN A 110 44.39 -22.02 28.34
C ASN A 110 45.35 -21.11 27.58
N VAL A 111 44.97 -19.83 27.47
CA VAL A 111 45.77 -18.86 26.76
C VAL A 111 47.09 -18.65 27.49
N THR A 112 48.20 -18.75 26.77
CA THR A 112 49.55 -18.60 27.32
C THR A 112 50.25 -17.45 26.59
N TYR A 113 51.54 -17.28 26.92
CA TYR A 113 52.35 -16.25 26.29
C TYR A 113 52.91 -16.68 24.94
N ASN A 114 52.67 -17.93 24.53
CA ASN A 114 53.01 -18.36 23.17
C ASN A 114 52.30 -17.53 22.10
N HIS A 115 51.03 -17.19 22.30
CA HIS A 115 50.26 -16.56 21.24
C HIS A 115 49.85 -15.15 21.68
N SER A 116 50.60 -14.16 21.23
CA SER A 116 50.26 -12.75 21.40
C SER A 116 50.88 -11.99 20.24
N GLY A 117 50.08 -11.71 19.21
CA GLY A 117 50.60 -11.08 18.02
C GLY A 117 49.55 -10.64 17.02
N ASP A 118 49.78 -10.90 15.74
CA ASP A 118 48.89 -10.42 14.68
C ASP A 118 48.27 -11.61 13.96
N TYR A 119 46.98 -11.83 14.17
CA TYR A 119 46.22 -12.89 13.51
C TYR A 119 45.59 -12.38 12.23
N GLU A 120 45.66 -13.23 11.20
CA GLU A 120 45.01 -12.98 9.92
C GLU A 120 43.98 -14.08 9.67
N CYS A 121 42.77 -13.65 9.34
CA CYS A 121 41.61 -14.48 9.04
C CYS A 121 41.32 -14.32 7.54
N HIS A 122 41.76 -15.29 6.74
CA HIS A 122 41.52 -15.27 5.31
C HIS A 122 40.26 -16.09 5.03
N VAL A 123 39.13 -15.41 4.92
CA VAL A 123 37.86 -16.07 4.66
C VAL A 123 37.64 -16.13 3.15
N TYR A 124 37.50 -17.33 2.62
CA TYR A 124 37.30 -17.57 1.20
C TYR A 124 35.89 -18.13 1.03
N ARG A 125 35.06 -17.40 0.30
CA ARG A 125 33.64 -17.68 0.16
C ARG A 125 33.32 -17.91 -1.30
N LEU A 126 32.81 -19.10 -1.62
CA LEU A 126 32.31 -19.42 -2.96
C LEU A 126 30.81 -19.16 -2.94
N LEU A 127 30.41 -18.00 -3.45
CA LEU A 127 28.99 -17.64 -3.49
C LEU A 127 28.35 -18.22 -4.73
N PHE A 128 27.24 -18.94 -4.54
CA PHE A 128 26.48 -19.51 -5.64
C PHE A 128 25.43 -18.53 -6.12
N PHE A 129 25.09 -18.65 -7.41
CA PHE A 129 24.09 -17.80 -8.03
C PHE A 129 23.39 -18.64 -9.10
N GLU A 130 22.70 -17.98 -10.03
CA GLU A 130 21.99 -18.67 -11.09
C GLU A 130 22.94 -19.59 -11.87
N ASN A 131 23.94 -19.00 -12.52
CA ASN A 131 25.00 -19.77 -13.17
C ASN A 131 26.33 -19.03 -13.05
N TYR A 132 26.52 -18.28 -11.96
CA TYR A 132 27.69 -17.43 -11.77
C TYR A 132 28.24 -17.65 -10.37
N GLU A 133 29.16 -18.60 -10.23
CA GLU A 133 29.81 -18.84 -8.95
C GLU A 133 30.95 -17.85 -8.75
N HIS A 134 30.84 -17.00 -7.74
CA HIS A 134 31.89 -16.04 -7.42
C HIS A 134 32.77 -16.58 -6.31
N ASN A 135 34.05 -16.20 -6.35
CA ASN A 135 35.06 -16.76 -5.44
C ASN A 135 35.74 -15.59 -4.74
N THR A 136 35.12 -15.13 -3.64
CA THR A 136 35.55 -13.91 -2.96
C THR A 136 36.51 -14.24 -1.83
N SER A 137 37.47 -13.33 -1.60
CA SER A 137 38.44 -13.49 -0.54
C SER A 137 38.46 -12.21 0.30
N VAL A 138 38.33 -12.36 1.62
CA VAL A 138 38.38 -11.24 2.55
C VAL A 138 39.40 -11.54 3.62
N VAL A 139 40.14 -10.53 4.06
CA VAL A 139 41.18 -10.69 5.08
C VAL A 139 40.84 -9.81 6.27
N LYS A 140 40.75 -10.42 7.44
CA LYS A 140 40.51 -9.71 8.70
C LYS A 140 41.77 -9.81 9.56
N LYS A 141 42.36 -8.66 9.87
CA LYS A 141 43.58 -8.60 10.68
C LYS A 141 43.21 -8.12 12.07
N ILE A 142 43.60 -8.89 13.10
CA ILE A 142 43.32 -8.56 14.48
C ILE A 142 44.58 -8.76 15.31
N HIS A 143 44.88 -7.79 16.17
CA HIS A 143 46.07 -7.83 17.01
C HIS A 143 45.67 -8.14 18.44
N ILE A 144 46.27 -9.18 19.02
CA ILE A 144 46.03 -9.53 20.41
C ILE A 144 47.37 -9.52 21.15
N GLU A 145 47.29 -9.30 22.47
CA GLU A 145 48.48 -9.24 23.32
C GLU A 145 48.07 -9.77 24.70
N VAL A 146 48.48 -10.99 25.01
CA VAL A 146 48.07 -11.61 26.25
C VAL A 146 48.75 -10.93 27.44
N VAL A 147 47.96 -10.66 28.48
CA VAL A 147 48.49 -10.08 29.71
C VAL A 147 48.18 -11.02 30.87
N ASP A 148 48.72 -10.72 32.05
CA ASP A 148 48.51 -11.57 33.21
C ASP A 148 47.35 -11.12 34.10
N LYS A 149 47.07 -9.82 34.14
CA LYS A 149 45.98 -9.28 34.93
C LYS A 149 44.93 -8.69 34.00
N ALA A 150 43.66 -8.97 34.27
CA ALA A 150 42.56 -8.51 33.43
C ALA A 150 42.38 -7.01 33.62
N ASN A 151 42.92 -6.22 32.69
CA ASN A 151 42.73 -4.78 32.73
C ASN A 151 41.38 -4.40 32.16
N ARG A 152 40.57 -3.73 32.98
CA ARG A 152 39.27 -3.26 32.51
C ARG A 152 39.47 -2.14 31.50
N ASP A 153 38.61 -2.12 30.47
CA ASP A 153 38.80 -1.22 29.34
C ASP A 153 38.71 0.24 29.77
N MET A 154 39.44 1.10 29.06
CA MET A 154 39.47 2.52 29.40
C MET A 154 38.09 3.15 29.28
N ALA A 155 37.30 2.71 28.28
CA ALA A 155 35.96 3.27 28.10
C ALA A 155 35.09 2.98 29.31
N SER A 156 35.15 1.74 29.84
CA SER A 156 34.35 1.39 31.00
C SER A 156 34.76 2.21 32.22
N ILE A 157 36.07 2.37 32.43
CA ILE A 157 36.56 3.14 33.57
C ILE A 157 36.12 4.59 33.47
N VAL A 158 36.28 5.20 32.29
CA VAL A 158 35.91 6.59 32.11
C VAL A 158 34.41 6.77 32.29
N SER A 159 33.61 5.85 31.74
CA SER A 159 32.16 5.95 31.88
C SER A 159 31.72 5.82 33.33
N GLU A 160 32.32 4.89 34.07
CA GLU A 160 31.97 4.74 35.48
C GLU A 160 32.36 5.97 36.29
N ILE A 161 33.56 6.52 36.04
CA ILE A 161 33.99 7.71 36.74
C ILE A 161 33.06 8.88 36.42
N MET A 162 32.71 9.04 35.15
CA MET A 162 31.80 10.13 34.77
C MET A 162 30.42 9.93 35.37
N MET A 163 29.93 8.68 35.45
CA MET A 163 28.66 8.41 36.10
C MET A 163 28.68 8.84 37.55
N TYR A 164 29.72 8.44 38.29
CA TYR A 164 29.81 8.83 39.69
C TYR A 164 29.94 10.33 39.86
N VAL A 165 30.76 10.98 39.03
CA VAL A 165 30.92 12.43 39.11
C VAL A 165 29.60 13.13 38.83
N LEU A 166 28.88 12.69 37.80
CA LEU A 166 27.59 13.31 37.49
C LEU A 166 26.60 13.13 38.62
N ILE A 167 26.53 11.93 39.20
CA ILE A 167 25.60 11.68 40.29
C ILE A 167 25.93 12.59 41.48
N VAL A 168 27.21 12.66 41.85
CA VAL A 168 27.60 13.45 43.01
C VAL A 168 27.37 14.94 42.75
N VAL A 169 27.77 15.44 41.58
CA VAL A 169 27.62 16.87 41.31
C VAL A 169 26.15 17.24 41.22
N LEU A 170 25.30 16.36 40.69
CA LEU A 170 23.88 16.68 40.60
C LEU A 170 23.22 16.62 41.97
N THR A 171 23.67 15.70 42.84
CA THR A 171 23.19 15.71 44.22
C THR A 171 23.60 17.00 44.93
N ILE A 172 24.84 17.45 44.71
CA ILE A 172 25.29 18.70 45.31
C ILE A 172 24.49 19.89 44.79
N TRP A 173 24.23 19.92 43.48
CA TRP A 173 23.41 20.98 42.92
C TRP A 173 22.01 20.96 43.52
N LEU A 174 21.42 19.78 43.67
CA LEU A 174 20.08 19.67 44.23
C LEU A 174 20.05 20.17 45.67
N VAL A 175 21.02 19.75 46.49
CA VAL A 175 21.00 20.17 47.89
C VAL A 175 21.33 21.66 48.01
N ALA A 176 22.16 22.20 47.12
CA ALA A 176 22.44 23.63 47.15
C ALA A 176 21.19 24.43 46.81
N GLU A 177 20.44 24.00 45.79
CA GLU A 177 19.19 24.68 45.49
C GLU A 177 18.19 24.54 46.62
N MET A 178 18.13 23.36 47.25
CA MET A 178 17.20 23.17 48.36
C MET A 178 17.54 24.08 49.53
N ILE A 179 18.82 24.20 49.88
CA ILE A 179 19.18 25.05 51.01
C ILE A 179 19.00 26.53 50.66
N TYR A 180 19.26 26.93 49.41
CA TYR A 180 19.02 28.31 49.00
C TYR A 180 17.52 28.63 49.10
N CYS A 181 16.68 27.73 48.62
CA CYS A 181 15.23 27.94 48.72
C CYS A 181 14.77 27.90 50.17
N TYR A 182 15.43 27.09 51.01
CA TYR A 182 15.09 27.06 52.43
C TYR A 182 15.39 28.40 53.09
N LYS A 183 16.56 28.98 52.78
CA LYS A 183 16.89 30.29 53.31
C LYS A 183 15.92 31.35 52.81
N LYS A 184 15.58 31.31 51.51
CA LYS A 184 14.64 32.28 50.96
C LYS A 184 13.26 32.16 51.59
N ILE A 185 12.77 30.93 51.77
CA ILE A 185 11.45 30.75 52.36
C ILE A 185 11.45 31.10 53.84
N ALA A 186 12.58 30.89 54.53
CA ALA A 186 12.68 31.36 55.91
C ALA A 186 12.59 32.87 55.98
N ALA A 187 13.32 33.55 55.09
CA ALA A 187 13.26 35.01 55.05
C ALA A 187 11.86 35.51 54.70
N ALA A 188 11.15 34.78 53.85
CA ALA A 188 9.80 35.16 53.46
C ALA A 188 8.76 34.87 54.53
N THR A 189 8.95 33.82 55.33
CA THR A 189 7.95 33.42 56.31
C THR A 189 8.15 34.05 57.68
N GLU A 190 9.38 34.39 58.05
CA GLU A 190 9.56 35.11 59.31
C GLU A 190 9.09 36.56 59.24
N THR A 191 8.76 37.06 58.05
CA THR A 191 8.20 38.40 57.94
C THR A 191 6.87 38.53 58.66
N ALA A 192 6.00 37.54 58.52
CA ALA A 192 4.70 37.56 59.18
C ALA A 192 4.84 37.31 60.68
N GLY B 27 -6.15 -19.81 -24.16
CA GLY B 27 -6.68 -19.32 -25.41
C GLY B 27 -7.26 -20.41 -26.29
N ARG B 28 -7.72 -20.02 -27.47
CA ARG B 28 -8.28 -20.95 -28.44
C ARG B 28 -7.33 -21.24 -29.59
N SER B 29 -6.86 -20.20 -30.28
CA SER B 29 -5.95 -20.34 -31.42
C SER B 29 -5.36 -18.97 -31.72
N MET B 30 -4.62 -18.89 -32.82
CA MET B 30 -4.05 -17.63 -33.29
C MET B 30 -4.89 -17.12 -34.44
N GLU B 31 -5.37 -15.87 -34.32
CA GLU B 31 -6.20 -15.27 -35.35
C GLU B 31 -5.34 -14.93 -36.56
N VAL B 32 -5.49 -15.71 -37.64
CA VAL B 32 -4.74 -15.53 -38.88
C VAL B 32 -5.67 -14.95 -39.92
N THR B 33 -5.28 -13.81 -40.48
CA THR B 33 -6.10 -13.09 -41.46
C THR B 33 -5.72 -13.61 -42.85
N VAL B 34 -6.46 -14.60 -43.33
CA VAL B 34 -6.27 -15.18 -44.65
C VAL B 34 -7.63 -15.34 -45.31
N PRO B 35 -7.82 -14.86 -46.55
CA PRO B 35 -9.11 -15.02 -47.21
C PRO B 35 -9.39 -16.49 -47.52
N ALA B 36 -10.69 -16.78 -47.70
CA ALA B 36 -11.11 -18.15 -47.95
C ALA B 36 -10.52 -18.69 -49.24
N THR B 37 -10.56 -17.90 -50.31
CA THR B 37 -10.00 -18.31 -51.58
C THR B 37 -9.61 -17.09 -52.39
N LEU B 38 -8.62 -17.26 -53.25
CA LEU B 38 -8.16 -16.20 -54.15
C LEU B 38 -7.52 -16.86 -55.36
N ASN B 39 -7.86 -16.37 -56.54
CA ASN B 39 -7.40 -16.96 -57.80
C ASN B 39 -6.66 -15.92 -58.61
N VAL B 40 -5.56 -16.33 -59.23
CA VAL B 40 -4.69 -15.45 -60.00
C VAL B 40 -4.79 -15.82 -61.48
N LEU B 41 -4.67 -14.81 -62.35
CA LEU B 41 -4.62 -15.07 -63.78
C LEU B 41 -3.36 -15.85 -64.14
N ASN B 42 -3.48 -16.70 -65.15
CA ASN B 42 -2.38 -17.56 -65.54
C ASN B 42 -1.21 -16.76 -66.12
N GLY B 43 0.00 -17.22 -65.81
CA GLY B 43 1.20 -16.61 -66.32
C GLY B 43 1.72 -15.47 -65.47
N SER B 44 0.82 -14.71 -64.86
CA SER B 44 1.19 -13.58 -64.04
CA SER B 44 1.20 -13.57 -64.04
C SER B 44 1.69 -14.05 -62.67
N ASP B 45 2.44 -13.18 -62.00
CA ASP B 45 2.95 -13.50 -60.67
C ASP B 45 1.82 -13.55 -59.65
N ALA B 46 1.91 -14.48 -58.70
CA ALA B 46 0.90 -14.66 -57.68
C ALA B 46 1.47 -14.41 -56.29
N ARG B 47 0.67 -13.76 -55.45
CA ARG B 47 1.09 -13.45 -54.09
C ARG B 47 0.30 -14.38 -53.16
N LEU B 48 0.98 -15.39 -52.62
CA LEU B 48 0.29 -16.32 -51.74
C LEU B 48 0.24 -15.72 -50.35
N PRO B 49 -0.95 -15.41 -49.83
CA PRO B 49 -1.04 -14.65 -48.58
C PRO B 49 -1.02 -15.51 -47.32
N CYS B 50 -0.19 -15.12 -46.36
CA CYS B 50 -0.20 -15.73 -45.03
C CYS B 50 0.19 -14.64 -44.04
N THR B 51 -0.82 -13.97 -43.48
CA THR B 51 -0.60 -12.90 -42.51
C THR B 51 -1.35 -13.22 -41.23
N PHE B 52 -0.66 -13.12 -40.10
CA PHE B 52 -1.23 -13.41 -38.80
C PHE B 52 -1.25 -12.13 -37.95
N ASN B 53 -2.18 -12.10 -37.00
CA ASN B 53 -2.32 -10.97 -36.08
C ASN B 53 -2.04 -11.49 -34.67
N SER B 54 -0.77 -11.42 -34.26
CA SER B 54 -0.33 -11.90 -32.97
C SER B 54 0.07 -10.73 -32.08
N CYS B 55 -0.30 -10.81 -30.80
CA CYS B 55 0.09 -9.79 -29.83
C CYS B 55 1.60 -9.75 -29.59
N TYR B 56 2.24 -10.92 -29.55
CA TYR B 56 3.61 -11.01 -29.07
C TYR B 56 4.59 -10.47 -30.11
N THR B 57 5.58 -9.72 -29.63
CA THR B 57 6.65 -9.22 -30.48
C THR B 57 7.49 -10.40 -30.93
N VAL B 58 7.38 -10.74 -32.21
CA VAL B 58 8.04 -11.94 -32.73
C VAL B 58 9.55 -11.76 -32.69
N ASN B 59 10.25 -12.83 -32.35
CA ASN B 59 11.71 -12.87 -32.40
C ASN B 59 12.16 -13.85 -33.47
N HIS B 60 13.27 -13.51 -34.14
CA HIS B 60 13.77 -14.32 -35.24
C HIS B 60 14.61 -15.50 -34.76
N LYS B 61 14.52 -15.86 -33.48
CA LYS B 61 15.23 -17.00 -32.92
C LYS B 61 14.32 -18.17 -32.59
N GLN B 62 13.07 -17.91 -32.20
CA GLN B 62 12.14 -18.96 -31.84
C GLN B 62 10.92 -19.05 -32.76
N PHE B 63 10.77 -18.11 -33.69
CA PHE B 63 9.61 -18.12 -34.56
C PHE B 63 9.61 -19.34 -35.46
N SER B 64 8.44 -19.95 -35.63
CA SER B 64 8.28 -21.16 -36.43
C SER B 64 7.17 -20.95 -37.44
N LEU B 65 7.45 -21.30 -38.70
CA LEU B 65 6.47 -21.16 -39.76
C LEU B 65 6.67 -22.26 -40.78
N ASN B 66 5.59 -22.71 -41.40
CA ASN B 66 5.73 -23.65 -42.50
C ASN B 66 4.54 -23.52 -43.44
N TRP B 67 4.76 -24.01 -44.68
CA TRP B 67 3.76 -23.96 -45.73
C TRP B 67 3.55 -25.37 -46.26
N THR B 68 2.30 -25.76 -46.49
CA THR B 68 1.97 -27.09 -46.95
C THR B 68 1.03 -27.03 -48.15
N TYR B 69 1.21 -27.97 -49.08
CA TYR B 69 0.44 -28.03 -50.31
C TYR B 69 -0.22 -29.40 -50.42
N GLN B 70 -1.53 -29.42 -50.67
CA GLN B 70 -2.28 -30.66 -50.68
C GLN B 70 -3.15 -30.76 -51.92
N GLU B 71 -3.17 -31.95 -52.51
CA GLU B 71 -4.08 -32.31 -53.58
C GLU B 71 -4.98 -33.49 -53.24
N CYS B 72 -4.75 -34.13 -52.10
CA CYS B 72 -5.49 -35.33 -51.70
C CYS B 72 -6.71 -34.95 -50.87
N ASN B 73 -7.30 -35.94 -50.24
CA ASN B 73 -8.22 -35.75 -49.13
C ASN B 73 -7.70 -36.33 -47.83
N ASN B 74 -7.13 -37.54 -47.85
CA ASN B 74 -6.62 -38.20 -46.66
C ASN B 74 -5.30 -38.91 -46.94
N CYS B 75 -4.37 -38.25 -47.63
CA CYS B 75 -3.05 -38.81 -47.84
C CYS B 75 -2.02 -38.05 -47.00
N SER B 76 -0.79 -38.56 -47.02
CA SER B 76 0.28 -37.92 -46.27
C SER B 76 0.61 -36.56 -46.88
N GLU B 77 1.03 -35.63 -46.02
CA GLU B 77 1.34 -34.27 -46.43
C GLU B 77 2.84 -34.04 -46.41
N GLU B 78 3.35 -33.27 -47.37
CA GLU B 78 4.76 -32.94 -47.45
C GLU B 78 4.95 -31.43 -47.35
N MET B 79 6.10 -31.01 -46.83
CA MET B 79 6.41 -29.62 -46.57
C MET B 79 7.39 -29.10 -47.62
N PHE B 80 7.24 -27.81 -47.95
CA PHE B 80 8.04 -27.20 -49.01
C PHE B 80 8.61 -25.83 -48.66
N LEU B 81 8.24 -25.22 -47.53
CA LEU B 81 8.74 -23.90 -47.17
C LEU B 81 8.70 -23.78 -45.65
N GLN B 82 9.82 -23.40 -45.04
CA GLN B 82 9.91 -23.35 -43.59
C GLN B 82 10.59 -22.06 -43.15
N PHE B 83 10.28 -21.65 -41.91
CA PHE B 83 10.98 -20.57 -41.24
C PHE B 83 11.29 -21.06 -39.84
N ARG B 84 12.57 -21.30 -39.56
CA ARG B 84 13.05 -21.77 -38.26
C ARG B 84 14.41 -21.13 -38.04
N MET B 85 14.43 -20.02 -37.31
CA MET B 85 15.60 -19.19 -37.05
C MET B 85 16.11 -18.52 -38.33
N LYS B 86 15.53 -18.86 -39.48
CA LYS B 86 15.87 -18.31 -40.79
C LYS B 86 14.89 -18.91 -41.79
N ILE B 87 14.87 -18.33 -42.99
CA ILE B 87 13.98 -18.81 -44.04
C ILE B 87 14.66 -19.95 -44.80
N ILE B 88 13.90 -21.02 -45.06
CA ILE B 88 14.40 -22.19 -45.77
C ILE B 88 13.43 -22.52 -46.90
N ASN B 89 13.93 -22.46 -48.14
CA ASN B 89 13.21 -22.98 -49.30
C ASN B 89 13.85 -24.29 -49.77
N LEU B 90 13.13 -25.39 -49.59
CA LEU B 90 13.67 -26.70 -49.93
C LEU B 90 13.76 -26.95 -51.43
N LYS B 91 13.20 -26.07 -52.26
CA LYS B 91 13.18 -26.26 -53.72
C LYS B 91 12.50 -27.59 -54.07
N LEU B 92 11.21 -27.66 -53.77
CA LEU B 92 10.46 -28.89 -53.94
C LEU B 92 10.48 -29.31 -55.40
N GLU B 93 10.69 -30.60 -55.63
CA GLU B 93 10.90 -31.10 -56.98
C GLU B 93 9.59 -31.32 -57.72
N ARG B 94 8.45 -31.26 -57.03
CA ARG B 94 7.18 -31.57 -57.69
C ARG B 94 6.73 -30.42 -58.58
N PHE B 95 6.48 -29.25 -57.99
CA PHE B 95 5.97 -28.13 -58.78
C PHE B 95 7.09 -27.39 -59.51
N GLN B 96 7.96 -26.72 -58.74
CA GLN B 96 9.02 -25.87 -59.29
C GLN B 96 9.84 -25.26 -58.16
N ASP B 97 10.83 -24.45 -58.50
CA ASP B 97 11.49 -23.55 -57.55
C ASP B 97 10.80 -22.20 -57.48
N ARG B 98 9.50 -22.16 -57.76
CA ARG B 98 8.79 -20.90 -57.95
C ARG B 98 8.67 -20.10 -56.66
N VAL B 99 8.70 -20.78 -55.50
CA VAL B 99 8.44 -20.11 -54.24
C VAL B 99 9.58 -19.15 -53.91
N GLU B 100 9.22 -18.01 -53.31
CA GLU B 100 10.22 -17.03 -52.86
C GLU B 100 9.67 -16.31 -51.64
N PHE B 101 10.57 -15.81 -50.80
CA PHE B 101 10.18 -15.12 -49.59
C PHE B 101 9.89 -13.65 -49.92
N SER B 102 8.66 -13.22 -49.66
CA SER B 102 8.25 -11.84 -49.94
CA SER B 102 8.25 -11.84 -49.94
C SER B 102 7.48 -11.24 -48.77
N GLY B 103 7.72 -11.73 -47.55
CA GLY B 103 7.05 -11.26 -46.37
C GLY B 103 7.97 -10.52 -45.42
N ASN B 104 7.46 -10.31 -44.21
CA ASN B 104 8.24 -9.66 -43.16
C ASN B 104 7.72 -10.10 -41.79
N PRO B 105 8.41 -11.04 -41.13
CA PRO B 105 7.91 -11.53 -39.83
C PRO B 105 7.75 -10.44 -38.78
N SER B 106 8.62 -9.43 -38.78
CA SER B 106 8.54 -8.37 -37.78
CA SER B 106 8.54 -8.38 -37.77
C SER B 106 7.22 -7.61 -37.84
N LYS B 107 6.58 -7.57 -39.02
CA LYS B 107 5.30 -6.90 -39.18
C LYS B 107 4.15 -7.92 -39.25
N TYR B 108 4.44 -9.18 -38.95
CA TYR B 108 3.43 -10.26 -38.90
C TYR B 108 2.75 -10.47 -40.24
N ASP B 109 3.49 -10.29 -41.33
CA ASP B 109 3.01 -10.62 -42.67
C ASP B 109 4.13 -11.37 -43.40
N VAL B 110 3.94 -12.67 -43.58
CA VAL B 110 4.97 -13.54 -44.15
C VAL B 110 4.48 -14.14 -45.48
N SER B 111 3.68 -13.38 -46.22
CA SER B 111 3.17 -13.87 -47.50
CA SER B 111 3.18 -13.86 -47.50
C SER B 111 4.34 -14.12 -48.46
N VAL B 112 4.14 -15.08 -49.37
CA VAL B 112 5.22 -15.49 -50.26
C VAL B 112 4.92 -15.13 -51.72
N MET B 113 5.95 -15.26 -52.56
CA MET B 113 5.95 -14.88 -53.96
C MET B 113 5.96 -16.15 -54.81
N LEU B 114 5.10 -16.21 -55.82
CA LEU B 114 4.98 -17.39 -56.68
C LEU B 114 5.08 -16.95 -58.13
N ARG B 115 5.92 -17.64 -58.89
CA ARG B 115 6.22 -17.30 -60.28
C ARG B 115 5.74 -18.39 -61.22
N ASN B 116 5.28 -17.99 -62.40
CA ASN B 116 4.89 -18.90 -63.49
C ASN B 116 3.77 -19.84 -63.03
N VAL B 117 2.62 -19.23 -62.73
CA VAL B 117 1.44 -20.01 -62.37
C VAL B 117 1.01 -20.86 -63.55
N GLN B 118 0.76 -22.13 -63.29
CA GLN B 118 0.42 -23.11 -64.32
C GLN B 118 -0.84 -23.87 -63.93
N PRO B 119 -1.55 -24.43 -64.90
CA PRO B 119 -2.81 -25.15 -64.58
C PRO B 119 -2.63 -26.34 -63.64
N GLU B 120 -1.40 -26.82 -63.43
CA GLU B 120 -1.17 -27.91 -62.50
C GLU B 120 -0.98 -27.41 -61.07
N ASP B 121 -1.05 -26.10 -60.84
CA ASP B 121 -0.85 -25.53 -59.51
C ASP B 121 -2.12 -25.49 -58.68
N GLU B 122 -3.26 -25.94 -59.21
CA GLU B 122 -4.50 -25.90 -58.45
C GLU B 122 -4.45 -26.88 -57.29
N GLY B 123 -4.88 -26.44 -56.12
CA GLY B 123 -4.85 -27.30 -54.95
C GLY B 123 -5.34 -26.56 -53.73
N ILE B 124 -4.96 -27.06 -52.56
CA ILE B 124 -5.26 -26.37 -51.30
C ILE B 124 -3.95 -26.13 -50.56
N TYR B 125 -3.75 -24.90 -50.10
CA TYR B 125 -2.52 -24.50 -49.44
C TYR B 125 -2.81 -24.10 -48.00
N ASN B 126 -1.99 -24.58 -47.08
CA ASN B 126 -2.20 -24.38 -45.65
C ASN B 126 -0.95 -23.78 -45.03
N CYS B 127 -1.12 -22.67 -44.32
CA CYS B 127 -0.05 -21.98 -43.63
C CYS B 127 -0.11 -22.33 -42.14
N TYR B 128 0.99 -22.83 -41.60
CA TYR B 128 1.09 -23.25 -40.20
C TYR B 128 2.02 -22.28 -39.48
N ILE B 129 1.56 -21.73 -38.36
CA ILE B 129 2.26 -20.67 -37.65
C ILE B 129 2.43 -21.05 -36.20
N MET B 130 3.61 -20.74 -35.64
CA MET B 130 3.92 -20.98 -34.23
C MET B 130 4.83 -19.85 -33.77
N ASN B 131 4.25 -18.84 -33.13
CA ASN B 131 5.01 -17.68 -32.70
C ASN B 131 5.11 -17.68 -31.17
N PRO B 132 6.24 -18.11 -30.61
CA PRO B 132 6.47 -17.95 -29.20
C PRO B 132 6.22 -16.52 -28.74
N PRO B 133 5.84 -16.33 -27.47
CA PRO B 133 5.65 -17.40 -26.49
C PRO B 133 4.26 -18.03 -26.53
N ASP B 134 3.50 -17.74 -27.59
CA ASP B 134 2.18 -18.31 -27.75
C ASP B 134 2.31 -19.83 -27.97
N ARG B 135 1.28 -20.56 -27.58
CA ARG B 135 1.28 -22.02 -27.69
C ARG B 135 0.28 -22.55 -28.70
N HIS B 136 -0.35 -21.67 -29.48
CA HIS B 136 -1.40 -22.05 -30.43
C HIS B 136 -0.82 -22.00 -31.84
N ARG B 137 -0.97 -23.10 -32.57
CA ARG B 137 -0.52 -23.19 -33.95
C ARG B 137 -1.59 -22.62 -34.86
N GLY B 138 -1.35 -21.41 -35.37
CA GLY B 138 -2.31 -20.80 -36.29
C GLY B 138 -2.36 -21.53 -37.62
N HIS B 139 -3.58 -21.72 -38.12
CA HIS B 139 -3.81 -22.43 -39.37
C HIS B 139 -4.51 -21.50 -40.37
N GLY B 140 -4.01 -21.49 -41.59
CA GLY B 140 -4.64 -20.73 -42.65
C GLY B 140 -4.88 -21.54 -43.91
N LYS B 141 -6.14 -21.69 -44.31
CA LYS B 141 -6.51 -22.51 -45.46
C LYS B 141 -6.86 -21.62 -46.63
N ILE B 142 -6.35 -21.96 -47.82
CA ILE B 142 -6.69 -21.23 -49.04
C ILE B 142 -6.82 -22.24 -50.18
N HIS B 143 -7.72 -21.95 -51.12
CA HIS B 143 -7.91 -22.77 -52.30
C HIS B 143 -7.24 -22.10 -53.49
N LEU B 144 -6.15 -22.69 -53.97
CA LEU B 144 -5.37 -22.12 -55.06
C LEU B 144 -5.99 -22.62 -56.37
N GLN B 145 -6.91 -21.83 -56.92
CA GLN B 145 -7.52 -22.06 -58.23
C GLN B 145 -7.13 -20.90 -59.15
N VAL B 146 -7.67 -20.91 -60.36
CA VAL B 146 -7.43 -19.87 -61.36
C VAL B 146 -8.76 -19.46 -61.96
N LEU B 147 -9.01 -18.15 -62.01
CA LEU B 147 -10.21 -17.61 -62.64
C LEU B 147 -9.81 -16.75 -63.83
N MET B 148 -10.69 -16.71 -64.83
CA MET B 148 -10.46 -15.90 -66.02
C MET B 148 -10.88 -14.45 -65.79
N PRO C 116 -52.14 15.83 -36.55
CA PRO C 116 -52.99 14.81 -37.18
C PRO C 116 -52.22 13.55 -37.54
N VAL C 117 -50.96 13.71 -37.93
CA VAL C 117 -50.10 12.58 -38.30
C VAL C 117 -49.21 12.17 -37.14
N ARG C 118 -48.76 13.13 -36.34
CA ARG C 118 -47.95 12.83 -35.16
C ARG C 118 -48.79 12.53 -33.92
N LYS C 119 -50.10 12.70 -34.00
CA LYS C 119 -50.96 12.45 -32.85
C LYS C 119 -51.01 10.99 -32.47
N ILE C 120 -50.78 10.07 -33.42
CA ILE C 120 -50.75 8.66 -33.09
C ILE C 120 -49.52 8.32 -32.27
N ALA C 121 -48.35 8.83 -32.67
CA ALA C 121 -47.11 8.56 -31.95
C ALA C 121 -46.79 9.67 -30.93
N ILE C 122 -47.78 10.02 -30.11
CA ILE C 122 -47.54 10.89 -28.96
C ILE C 122 -48.05 10.19 -27.71
N LYS C 123 -49.21 9.55 -27.81
CA LYS C 123 -49.74 8.80 -26.67
C LYS C 123 -48.87 7.59 -26.33
N ILE C 124 -48.32 6.93 -27.35
CA ILE C 124 -47.46 5.78 -27.10
C ILE C 124 -46.18 6.19 -26.40
N LEU C 125 -45.67 7.39 -26.69
CA LEU C 125 -44.42 7.84 -26.07
C LEU C 125 -44.59 8.01 -24.56
N VAL C 126 -45.66 8.69 -24.14
CA VAL C 126 -45.85 9.01 -22.73
C VAL C 126 -46.64 7.92 -22.03
N HIS C 127 -46.96 6.85 -22.76
CA HIS C 127 -47.67 5.73 -22.16
C HIS C 127 -46.74 5.00 -21.20
N SER C 128 -47.28 4.64 -20.02
CA SER C 128 -46.45 4.06 -18.98
C SER C 128 -45.84 2.73 -19.37
N LEU C 129 -46.56 1.92 -20.15
CA LEU C 129 -46.03 0.61 -20.53
C LEU C 129 -44.91 0.70 -21.56
N PHE C 130 -44.84 1.79 -22.33
CA PHE C 130 -43.70 1.98 -23.22
C PHE C 130 -42.43 2.28 -22.44
N SER C 131 -42.53 3.10 -21.40
CA SER C 131 -41.39 3.33 -20.52
C SER C 131 -40.95 2.04 -19.85
N MET C 132 -41.91 1.21 -19.43
CA MET C 132 -41.57 -0.08 -18.83
C MET C 132 -40.95 -1.01 -19.86
N LEU C 133 -41.39 -0.93 -21.12
CA LEU C 133 -40.78 -1.72 -22.18
C LEU C 133 -39.32 -1.34 -22.37
N ILE C 134 -39.04 -0.03 -22.40
CA ILE C 134 -37.66 0.44 -22.49
C ILE C 134 -36.87 -0.01 -21.27
N MET C 135 -37.48 0.07 -20.09
CA MET C 135 -36.89 -0.44 -18.86
C MET C 135 -36.43 -1.89 -19.01
N CYS C 136 -37.35 -2.78 -19.34
CA CYS C 136 -37.05 -4.20 -19.40
C CYS C 136 -36.10 -4.55 -20.53
N THR C 137 -36.21 -3.88 -21.69
CA THR C 137 -35.27 -4.18 -22.77
C THR C 137 -33.87 -3.70 -22.43
N ILE C 138 -33.72 -2.56 -21.74
CA ILE C 138 -32.41 -2.12 -21.29
C ILE C 138 -31.85 -3.10 -20.27
N LEU C 139 -32.69 -3.55 -19.34
CA LEU C 139 -32.22 -4.48 -18.31
C LEU C 139 -31.76 -5.80 -18.92
N THR C 140 -32.54 -6.36 -19.86
CA THR C 140 -32.12 -7.62 -20.45
C THR C 140 -30.95 -7.44 -21.42
N ASN C 141 -30.82 -6.27 -22.04
CA ASN C 141 -29.62 -5.98 -22.82
C ASN C 141 -28.39 -5.96 -21.92
N CYS C 142 -28.52 -5.36 -20.73
CA CYS C 142 -27.41 -5.37 -19.77
C CYS C 142 -27.09 -6.78 -19.32
N VAL C 143 -28.12 -7.61 -19.10
CA VAL C 143 -27.88 -9.00 -18.76
C VAL C 143 -27.16 -9.73 -19.90
N PHE C 144 -27.48 -9.38 -21.15
CA PHE C 144 -26.85 -10.04 -22.29
C PHE C 144 -25.41 -9.60 -22.50
N MET C 145 -25.10 -8.33 -22.22
CA MET C 145 -23.70 -7.89 -22.33
C MET C 145 -22.83 -8.55 -21.28
N THR C 146 -23.43 -9.06 -20.20
CA THR C 146 -22.67 -9.78 -19.18
C THR C 146 -21.93 -10.98 -19.77
N LEU C 147 -22.51 -11.64 -20.76
CA LEU C 147 -21.89 -12.81 -21.35
C LEU C 147 -20.57 -12.44 -22.02
N SER C 148 -19.54 -13.25 -21.77
CA SER C 148 -18.23 -12.98 -22.37
C SER C 148 -18.20 -13.39 -23.84
N ASN C 149 -18.56 -14.65 -24.12
CA ASN C 149 -18.65 -15.15 -25.48
C ASN C 149 -20.06 -15.66 -25.72
N PRO C 150 -20.99 -14.80 -26.14
CA PRO C 150 -22.36 -15.24 -26.30
C PRO C 150 -22.50 -16.25 -27.42
N PRO C 151 -23.44 -17.18 -27.32
CA PRO C 151 -23.66 -18.14 -28.42
C PRO C 151 -24.16 -17.43 -29.67
N ASP C 152 -24.25 -18.21 -30.76
CA ASP C 152 -24.61 -17.65 -32.06
C ASP C 152 -26.04 -17.12 -32.07
N TRP C 153 -26.94 -17.70 -31.28
CA TRP C 153 -28.33 -17.30 -31.32
C TRP C 153 -28.60 -15.97 -30.62
N THR C 154 -27.64 -15.45 -29.87
CA THR C 154 -27.81 -14.15 -29.22
C THR C 154 -27.73 -12.99 -30.21
N LYS C 155 -27.18 -13.23 -31.40
CA LYS C 155 -27.11 -12.16 -32.40
C LYS C 155 -28.52 -11.71 -32.81
N ASN C 156 -29.44 -12.65 -32.97
CA ASN C 156 -30.83 -12.28 -33.25
C ASN C 156 -31.44 -11.52 -32.08
N VAL C 157 -31.03 -11.84 -30.86
CA VAL C 157 -31.51 -11.10 -29.69
C VAL C 157 -30.97 -9.68 -29.71
N GLU C 158 -29.71 -9.52 -30.13
CA GLU C 158 -29.16 -8.17 -30.31
C GLU C 158 -29.91 -7.42 -31.41
N TYR C 159 -30.32 -8.14 -32.46
CA TYR C 159 -31.14 -7.53 -33.49
C TYR C 159 -32.48 -7.06 -32.93
N THR C 160 -33.09 -7.87 -32.05
CA THR C 160 -34.33 -7.45 -31.41
C THR C 160 -34.11 -6.21 -30.55
N PHE C 161 -32.99 -6.17 -29.82
CA PHE C 161 -32.68 -5.01 -29.00
C PHE C 161 -32.56 -3.74 -29.85
N THR C 162 -31.75 -3.82 -30.91
CA THR C 162 -31.56 -2.63 -31.73
C THR C 162 -32.84 -2.25 -32.47
N GLY C 163 -33.68 -3.23 -32.82
CA GLY C 163 -34.97 -2.90 -33.40
C GLY C 163 -35.87 -2.17 -32.43
N ILE C 164 -35.85 -2.58 -31.16
CA ILE C 164 -36.63 -1.89 -30.14
C ILE C 164 -36.12 -0.46 -29.95
N TYR C 165 -34.80 -0.28 -29.95
CA TYR C 165 -34.24 1.07 -29.85
C TYR C 165 -34.63 1.93 -31.05
N THR C 166 -34.60 1.36 -32.25
CA THR C 166 -35.04 2.11 -33.43
C THR C 166 -36.51 2.45 -33.36
N PHE C 167 -37.33 1.54 -32.83
CA PHE C 167 -38.75 1.82 -32.65
C PHE C 167 -38.96 2.99 -31.68
N GLU C 168 -38.19 3.00 -30.59
CA GLU C 168 -38.25 4.10 -29.64
C GLU C 168 -37.84 5.42 -30.31
N SER C 169 -36.77 5.39 -31.09
CA SER C 169 -36.32 6.62 -31.75
C SER C 169 -37.31 7.08 -32.81
N LEU C 170 -37.98 6.15 -33.48
CA LEU C 170 -39.02 6.53 -34.43
C LEU C 170 -40.19 7.19 -33.71
N ILE C 171 -40.56 6.67 -32.53
CA ILE C 171 -41.60 7.33 -31.74
C ILE C 171 -41.16 8.74 -31.35
N LYS C 172 -39.91 8.89 -30.91
CA LYS C 172 -39.42 10.21 -30.52
C LYS C 172 -39.39 11.17 -31.70
N ILE C 173 -38.99 10.68 -32.88
CA ILE C 173 -38.99 11.52 -34.08
C ILE C 173 -40.40 11.95 -34.43
N LEU C 174 -41.36 11.03 -34.37
CA LEU C 174 -42.75 11.34 -34.68
C LEU C 174 -43.48 12.00 -33.52
N ALA C 175 -42.77 12.53 -32.53
CA ALA C 175 -43.39 13.19 -31.40
C ALA C 175 -42.79 14.54 -31.05
N ARG C 176 -41.56 14.84 -31.47
CA ARG C 176 -40.91 16.11 -31.19
C ARG C 176 -40.68 16.92 -32.46
N GLY C 177 -41.53 16.72 -33.46
CA GLY C 177 -41.42 17.44 -34.71
C GLY C 177 -42.64 17.30 -35.60
N PHE C 178 -43.14 18.42 -36.11
CA PHE C 178 -44.33 18.43 -36.95
C PHE C 178 -44.03 19.14 -38.25
N CYS C 179 -44.71 18.71 -39.31
CA CYS C 179 -44.57 19.27 -40.66
C CYS C 179 -43.12 19.15 -41.15
N LEU C 180 -42.70 17.90 -41.31
CA LEU C 180 -41.40 17.53 -41.89
C LEU C 180 -40.25 18.25 -41.18
N GLU C 181 -40.13 17.93 -39.89
CA GLU C 181 -39.02 18.40 -39.07
C GLU C 181 -37.92 17.36 -39.05
N ASP C 182 -36.67 17.84 -39.11
CA ASP C 182 -35.51 16.95 -39.20
C ASP C 182 -35.01 16.54 -37.82
N PHE C 183 -34.60 17.52 -37.01
CA PHE C 183 -34.11 17.25 -35.66
C PHE C 183 -35.27 17.37 -34.68
N THR C 184 -35.56 16.30 -33.95
CA THR C 184 -36.68 16.29 -33.02
C THR C 184 -36.22 16.14 -31.57
N PHE C 185 -35.52 15.07 -31.24
CA PHE C 185 -35.01 14.86 -29.88
C PHE C 185 -33.53 15.24 -29.80
N LEU C 186 -33.24 16.48 -30.16
CA LEU C 186 -31.87 16.98 -30.14
C LEU C 186 -31.63 18.03 -29.08
N ARG C 187 -32.62 18.31 -28.23
CA ARG C 187 -32.48 19.28 -27.16
C ARG C 187 -32.18 18.65 -25.81
N ASP C 188 -31.95 17.34 -25.77
CA ASP C 188 -31.65 16.66 -24.51
C ASP C 188 -30.36 15.87 -24.62
N PRO C 189 -29.57 15.78 -23.54
CA PRO C 189 -28.25 15.11 -23.61
C PRO C 189 -28.33 13.63 -23.93
N TRP C 190 -29.09 12.86 -23.14
CA TRP C 190 -29.12 11.42 -23.31
C TRP C 190 -29.73 10.99 -24.63
N ASN C 191 -30.58 11.83 -25.23
CA ASN C 191 -31.10 11.55 -26.55
C ASN C 191 -29.99 11.49 -27.59
N TRP C 192 -28.97 12.35 -27.43
CA TRP C 192 -27.79 12.24 -28.29
C TRP C 192 -27.11 10.89 -28.12
N LEU C 193 -27.03 10.41 -26.87
CA LEU C 193 -26.42 9.10 -26.62
C LEU C 193 -27.20 7.99 -27.33
N ASP C 194 -28.54 8.03 -27.23
CA ASP C 194 -29.35 7.00 -27.87
C ASP C 194 -29.21 7.06 -29.38
N PHE C 195 -29.26 8.26 -29.96
CA PHE C 195 -29.09 8.39 -31.40
C PHE C 195 -27.73 7.88 -31.84
N SER C 196 -26.67 8.22 -31.09
CA SER C 196 -25.33 7.80 -31.45
C SER C 196 -25.18 6.29 -31.37
N VAL C 197 -25.72 5.66 -30.32
CA VAL C 197 -25.56 4.22 -30.21
C VAL C 197 -26.34 3.50 -31.31
N ILE C 198 -27.53 4.00 -31.65
CA ILE C 198 -28.28 3.37 -32.74
C ILE C 198 -27.55 3.55 -34.08
N VAL C 199 -27.02 4.76 -34.33
CA VAL C 199 -26.28 5.00 -35.56
C VAL C 199 -25.07 4.07 -35.66
N MET C 200 -24.28 4.00 -34.59
CA MET C 200 -23.11 3.14 -34.60
C MET C 200 -23.48 1.67 -34.68
N ALA C 201 -24.67 1.28 -34.21
CA ALA C 201 -25.15 -0.07 -34.42
C ALA C 201 -25.43 -0.32 -35.90
N TYR C 202 -26.00 0.67 -36.59
CA TYR C 202 -26.22 0.51 -38.02
C TYR C 202 -24.98 0.76 -38.86
N VAL C 203 -24.02 1.54 -38.37
CA VAL C 203 -22.75 1.67 -39.07
C VAL C 203 -22.00 0.35 -39.06
N THR C 204 -22.09 -0.40 -37.96
CA THR C 204 -21.40 -1.68 -37.83
C THR C 204 -22.00 -2.76 -38.73
N GLU C 205 -23.17 -2.51 -39.33
CA GLU C 205 -23.79 -3.48 -40.22
C GLU C 205 -22.86 -3.86 -41.37
N PHE C 206 -21.96 -2.95 -41.76
CA PHE C 206 -20.93 -3.25 -42.74
C PHE C 206 -19.79 -3.96 -42.00
N VAL C 207 -19.75 -5.28 -42.13
CA VAL C 207 -18.76 -6.08 -41.40
C VAL C 207 -17.35 -5.77 -41.87
N SER C 208 -17.18 -5.51 -43.16
CA SER C 208 -15.86 -5.23 -43.74
C SER C 208 -15.51 -3.75 -43.72
N LEU C 209 -16.18 -2.96 -42.89
CA LEU C 209 -15.91 -1.52 -42.81
C LEU C 209 -14.57 -1.26 -42.12
N VAL C 212 -11.96 -4.45 -37.77
CA VAL C 212 -12.72 -3.24 -38.06
C VAL C 212 -12.61 -2.27 -36.88
N SER C 213 -12.45 -2.83 -35.67
CA SER C 213 -12.34 -2.05 -34.43
C SER C 213 -13.57 -1.18 -34.20
N ALA C 214 -14.71 -1.58 -34.77
CA ALA C 214 -15.95 -0.86 -34.58
C ALA C 214 -16.89 -1.52 -33.58
N LEU C 215 -16.73 -2.83 -33.34
CA LEU C 215 -17.53 -3.50 -32.33
C LEU C 215 -17.24 -2.92 -30.95
N ARG C 216 -15.97 -2.64 -30.66
CA ARG C 216 -15.57 -2.03 -29.40
C ARG C 216 -15.79 -0.52 -29.37
N THR C 217 -16.59 0.02 -30.30
CA THR C 217 -16.89 1.44 -30.33
C THR C 217 -18.32 1.76 -29.90
N PHE C 218 -19.29 0.91 -30.24
CA PHE C 218 -20.66 1.10 -29.79
C PHE C 218 -21.03 0.24 -28.60
N ARG C 219 -20.37 -0.93 -28.46
CA ARG C 219 -20.66 -1.80 -27.32
C ARG C 219 -20.17 -1.19 -26.01
N VAL C 220 -19.11 -0.39 -26.05
CA VAL C 220 -18.73 0.43 -24.91
C VAL C 220 -19.57 1.70 -24.83
N LEU C 221 -20.32 2.03 -25.87
CA LEU C 221 -21.29 3.11 -25.87
C LEU C 221 -22.71 2.64 -25.62
N ARG C 222 -23.06 1.43 -26.06
CA ARG C 222 -24.35 0.85 -25.73
C ARG C 222 -24.47 0.59 -24.24
N ALA C 223 -23.35 0.25 -23.58
CA ALA C 223 -23.36 0.09 -22.13
C ALA C 223 -23.75 1.39 -21.43
N LEU C 224 -23.44 2.55 -22.03
CA LEU C 224 -23.82 3.82 -21.45
C LEU C 224 -25.32 4.07 -21.50
N LYS C 225 -26.08 3.29 -22.27
CA LYS C 225 -27.53 3.39 -22.24
C LYS C 225 -28.08 3.03 -20.86
N THR C 226 -27.38 2.16 -20.14
CA THR C 226 -27.83 1.71 -18.83
C THR C 226 -27.98 2.87 -17.85
N ILE C 227 -27.27 3.98 -18.08
CA ILE C 227 -27.43 5.18 -17.26
C ILE C 227 -28.87 5.67 -17.24
N SER C 228 -29.62 5.46 -18.31
CA SER C 228 -31.03 5.83 -18.37
C SER C 228 -31.94 4.65 -18.04
N VAL C 229 -31.49 3.78 -17.13
CA VAL C 229 -32.27 2.60 -16.77
C VAL C 229 -33.60 2.96 -16.10
N ILE C 230 -33.62 3.97 -15.24
CA ILE C 230 -34.86 4.46 -14.64
C ILE C 230 -34.88 5.98 -14.68
N PRO C 231 -35.99 6.59 -15.09
CA PRO C 231 -36.10 8.06 -14.99
C PRO C 231 -35.89 8.53 -13.56
N GLY C 232 -34.87 9.35 -13.34
CA GLY C 232 -34.51 9.79 -12.00
C GLY C 232 -33.00 9.73 -11.79
N LEU C 233 -32.34 8.79 -12.46
CA LEU C 233 -30.88 8.74 -12.43
C LEU C 233 -30.27 9.94 -13.15
N LYS C 234 -31.02 10.57 -14.05
CA LYS C 234 -30.54 11.77 -14.73
C LYS C 234 -30.29 12.88 -13.71
N THR C 235 -31.20 13.05 -12.75
CA THR C 235 -31.02 14.06 -11.72
C THR C 235 -29.78 13.77 -10.87
N ILE C 236 -29.56 12.51 -10.52
CA ILE C 236 -28.39 12.16 -9.71
C ILE C 236 -27.10 12.40 -10.48
N VAL C 237 -27.07 12.02 -11.76
CA VAL C 237 -25.88 12.25 -12.56
C VAL C 237 -25.61 13.75 -12.72
N GLY C 238 -26.67 14.53 -12.94
CA GLY C 238 -26.51 15.98 -13.01
C GLY C 238 -26.00 16.56 -11.71
N ALA C 239 -26.50 16.07 -10.58
CA ALA C 239 -26.01 16.52 -9.28
C ALA C 239 -24.53 16.20 -9.10
N LEU C 240 -24.12 14.99 -9.51
CA LEU C 240 -22.71 14.62 -9.42
C LEU C 240 -21.85 15.52 -10.30
N ILE C 241 -22.31 15.81 -11.52
CA ILE C 241 -21.55 16.66 -12.42
C ILE C 241 -21.44 18.07 -11.88
N GLN C 242 -22.52 18.62 -11.32
CA GLN C 242 -22.44 19.98 -10.78
C GLN C 242 -21.62 20.01 -9.50
N SER C 243 -21.59 18.89 -8.76
CA SER C 243 -20.76 18.82 -7.55
C SER C 243 -19.28 18.75 -7.89
N VAL C 244 -18.90 18.05 -8.97
CA VAL C 244 -17.49 17.99 -9.35
C VAL C 244 -17.03 19.27 -10.04
N LYS C 245 -17.94 20.23 -10.26
CA LYS C 245 -17.55 21.50 -10.87
C LYS C 245 -16.74 22.38 -9.93
N LYS C 246 -17.05 22.36 -8.63
CA LYS C 246 -16.32 23.19 -7.68
C LYS C 246 -14.88 22.72 -7.47
N LEU C 247 -14.53 21.54 -7.99
CA LEU C 247 -13.19 20.98 -7.81
C LEU C 247 -12.15 21.61 -8.73
N SER C 248 -12.46 22.73 -9.39
CA SER C 248 -11.54 23.30 -10.37
C SER C 248 -10.23 23.74 -9.73
N ASP C 249 -10.33 24.55 -8.67
CA ASP C 249 -9.12 25.04 -8.00
C ASP C 249 -8.37 23.90 -7.33
N VAL C 250 -9.09 22.96 -6.74
CA VAL C 250 -8.44 21.84 -6.06
C VAL C 250 -7.68 20.98 -7.06
N MET C 251 -8.27 20.73 -8.24
CA MET C 251 -7.59 19.92 -9.23
C MET C 251 -6.44 20.66 -9.90
N ILE C 252 -6.55 21.98 -10.09
CA ILE C 252 -5.42 22.71 -10.66
C ILE C 252 -4.26 22.74 -9.66
N LEU C 253 -4.57 22.90 -8.37
CA LEU C 253 -3.50 22.80 -7.37
C LEU C 253 -2.94 21.38 -7.29
N THR C 254 -3.80 20.37 -7.44
CA THR C 254 -3.34 18.99 -7.43
C THR C 254 -2.38 18.73 -8.57
N VAL C 255 -2.71 19.18 -9.79
CA VAL C 255 -1.81 18.96 -10.91
C VAL C 255 -0.55 19.81 -10.76
N PHE C 256 -0.66 21.01 -10.18
CA PHE C 256 0.51 21.85 -9.97
C PHE C 256 1.49 21.18 -9.00
N CYS C 257 0.98 20.71 -7.86
CA CYS C 257 1.83 20.03 -6.89
C CYS C 257 2.35 18.71 -7.43
N LEU C 258 1.53 17.97 -8.19
CA LEU C 258 1.99 16.72 -8.79
C LEU C 258 3.14 16.98 -9.75
N SER C 259 3.02 18.02 -10.57
CA SER C 259 4.09 18.34 -11.51
C SER C 259 5.34 18.81 -10.80
N VAL C 260 5.19 19.65 -9.76
CA VAL C 260 6.37 20.13 -9.03
C VAL C 260 7.09 18.97 -8.35
N PHE C 261 6.33 18.12 -7.66
CA PHE C 261 6.93 16.98 -6.97
C PHE C 261 7.50 15.96 -7.97
N ALA C 262 6.86 15.81 -9.12
CA ALA C 262 7.37 14.91 -10.15
C ALA C 262 8.65 15.44 -10.77
N LEU C 263 8.78 16.77 -10.91
CA LEU C 263 10.05 17.33 -11.34
C LEU C 263 11.12 17.15 -10.28
N ILE C 264 10.75 17.28 -9.00
CA ILE C 264 11.72 17.01 -7.93
C ILE C 264 12.21 15.57 -8.03
N GLY C 265 11.28 14.62 -8.18
CA GLY C 265 11.66 13.23 -8.33
C GLY C 265 12.44 12.96 -9.61
N LEU C 266 12.14 13.71 -10.67
CA LEU C 266 12.85 13.58 -11.94
C LEU C 266 14.29 14.07 -11.85
N GLN C 267 14.56 15.13 -11.08
CA GLN C 267 15.93 15.57 -10.90
C GLN C 267 16.68 14.78 -9.83
N LEU C 268 15.98 14.19 -8.85
CA LEU C 268 16.66 13.42 -7.81
C LEU C 268 16.91 11.98 -8.25
N PHE C 269 15.86 11.28 -8.68
CA PHE C 269 15.93 9.87 -9.03
C PHE C 269 16.00 9.65 -10.54
N MET C 270 16.71 10.50 -11.26
CA MET C 270 16.75 10.43 -12.72
C MET C 270 17.42 9.14 -13.16
N GLY C 271 16.63 8.19 -13.65
CA GLY C 271 17.17 6.91 -14.07
C GLY C 271 17.67 6.04 -12.94
N ASN C 272 17.38 6.41 -11.69
CA ASN C 272 17.84 5.62 -10.56
C ASN C 272 17.10 4.29 -10.46
N LEU C 273 15.82 4.27 -10.83
CA LEU C 273 15.01 3.06 -10.72
C LEU C 273 15.50 1.95 -11.63
N ARG C 274 16.31 2.27 -12.63
CA ARG C 274 16.80 1.29 -13.58
C ARG C 274 18.14 0.68 -13.14
N ASN C 275 18.65 1.05 -11.97
CA ASN C 275 19.84 0.41 -11.44
C ASN C 275 19.58 -1.07 -11.18
N LYS C 276 20.49 -1.90 -11.66
CA LYS C 276 20.36 -3.35 -11.54
C LYS C 276 21.72 -3.96 -11.29
N CYS C 277 21.79 -4.91 -10.35
CA CYS C 277 23.05 -5.55 -10.00
C CYS C 277 23.51 -6.45 -11.14
N LEU C 278 24.49 -5.95 -11.91
CA LEU C 278 25.07 -6.68 -13.02
C LEU C 278 26.40 -7.30 -12.60
N GLN C 279 26.67 -8.50 -13.12
CA GLN C 279 27.84 -9.27 -12.71
C GLN C 279 29.07 -8.79 -13.48
N TRP C 280 30.21 -8.70 -12.79
CA TRP C 280 31.46 -8.23 -13.37
C TRP C 280 31.84 -9.11 -14.54
N PRO C 281 32.14 -8.52 -15.70
CA PRO C 281 32.32 -9.31 -16.93
C PRO C 281 33.43 -10.34 -16.78
N PRO C 282 33.10 -11.63 -16.85
CA PRO C 282 34.15 -12.66 -16.87
C PRO C 282 34.57 -13.01 -18.29
N SER C 283 34.84 -11.98 -19.09
CA SER C 283 35.21 -12.18 -20.50
C SER C 283 35.89 -10.95 -21.07
N PHE C 313 29.66 -5.71 -29.51
CA PHE C 313 28.84 -6.44 -28.55
C PHE C 313 29.25 -6.13 -27.11
N ASN C 314 30.50 -5.69 -26.96
CA ASN C 314 31.02 -5.35 -25.64
C ASN C 314 30.21 -4.22 -25.02
N TRP C 315 29.60 -4.49 -23.86
CA TRP C 315 28.74 -3.61 -23.10
C TRP C 315 27.42 -3.30 -23.84
N LYS C 316 27.22 -3.84 -25.03
CA LYS C 316 25.95 -3.72 -25.72
C LYS C 316 25.11 -4.99 -25.67
N ASP C 317 25.73 -6.16 -25.85
CA ASP C 317 25.08 -7.43 -25.67
C ASP C 317 25.31 -8.00 -24.27
N TYR C 318 26.01 -7.28 -23.41
CA TYR C 318 26.18 -7.65 -22.01
C TYR C 318 25.12 -7.03 -21.12
N ILE C 319 24.74 -5.77 -21.39
CA ILE C 319 23.64 -5.15 -20.67
C ILE C 319 22.32 -5.85 -21.00
N GLY C 320 22.07 -6.10 -22.28
CA GLY C 320 20.80 -6.63 -22.71
C GLY C 320 20.73 -8.15 -22.76
N ASP C 321 21.27 -8.81 -21.74
CA ASP C 321 21.19 -10.26 -21.63
C ASP C 321 20.13 -10.71 -20.64
N ASP C 322 19.96 -9.98 -19.53
CA ASP C 322 18.94 -10.21 -18.52
C ASP C 322 19.19 -11.51 -17.74
N SER C 323 20.20 -12.26 -18.15
CA SER C 323 20.70 -13.38 -17.36
C SER C 323 21.93 -13.00 -16.55
N HIS C 324 22.44 -11.78 -16.74
CA HIS C 324 23.61 -11.28 -16.04
C HIS C 324 23.24 -10.42 -14.83
N PHE C 325 21.95 -10.21 -14.58
CA PHE C 325 21.48 -9.47 -13.44
C PHE C 325 21.13 -10.42 -12.30
N TYR C 326 20.59 -9.86 -11.23
CA TYR C 326 20.23 -10.62 -10.03
C TYR C 326 18.72 -10.63 -9.88
N VAL C 327 18.12 -11.81 -10.02
CA VAL C 327 16.71 -12.01 -9.74
C VAL C 327 16.57 -12.57 -8.34
N LEU C 328 15.64 -12.01 -7.55
CA LEU C 328 15.57 -12.27 -6.12
C LEU C 328 14.83 -13.57 -5.82
N ASP C 329 15.30 -14.65 -6.46
CA ASP C 329 14.83 -16.01 -6.19
C ASP C 329 13.32 -16.12 -6.34
N GLY C 330 12.87 -15.90 -7.57
CA GLY C 330 11.45 -16.00 -7.88
C GLY C 330 10.73 -14.67 -7.86
N GLN C 331 11.32 -13.68 -8.54
CA GLN C 331 10.70 -12.38 -8.68
C GLN C 331 10.51 -11.94 -10.12
N LYS C 332 11.20 -12.57 -11.08
CA LYS C 332 11.08 -12.24 -12.50
C LYS C 332 11.37 -10.76 -12.76
N ASP C 333 12.30 -10.20 -11.99
CA ASP C 333 12.69 -8.80 -12.11
C ASP C 333 14.04 -8.62 -11.46
N PRO C 334 15.01 -8.03 -12.16
CA PRO C 334 16.33 -7.80 -11.56
C PRO C 334 16.23 -6.91 -10.33
N LEU C 335 17.06 -7.21 -9.34
CA LEU C 335 17.03 -6.46 -8.09
C LEU C 335 17.63 -5.08 -8.27
N LEU C 336 16.93 -4.07 -7.76
CA LEU C 336 17.45 -2.72 -7.77
C LEU C 336 18.60 -2.59 -6.78
N CYS C 337 19.59 -1.79 -7.13
CA CYS C 337 20.80 -1.70 -6.31
C CYS C 337 21.26 -0.26 -6.21
N GLY C 338 22.43 -0.05 -5.61
CA GLY C 338 22.91 1.31 -5.41
C GLY C 338 24.41 1.32 -5.13
N ASN C 339 24.99 2.50 -5.29
CA ASN C 339 26.43 2.69 -5.10
C ASN C 339 26.77 3.32 -3.76
N GLY C 340 26.01 4.33 -3.33
CA GLY C 340 26.27 4.95 -2.05
C GLY C 340 25.84 4.08 -0.89
N SER C 341 26.18 4.54 0.31
CA SER C 341 25.79 3.85 1.53
C SER C 341 24.27 3.93 1.70
N ASP C 342 23.77 3.20 2.70
CA ASP C 342 22.33 3.12 3.03
C ASP C 342 21.48 2.89 1.79
N ALA C 343 22.03 2.22 0.79
CA ALA C 343 21.32 1.89 -0.44
C ALA C 343 21.45 0.39 -0.70
N GLY C 344 20.95 -0.05 -1.84
CA GLY C 344 21.00 -1.47 -2.16
C GLY C 344 22.44 -1.96 -2.22
N GLN C 345 22.68 -3.09 -1.55
CA GLN C 345 24.01 -3.69 -1.47
C GLN C 345 24.11 -4.80 -2.49
N CYS C 346 25.03 -4.66 -3.43
CA CYS C 346 25.22 -5.69 -4.45
C CYS C 346 25.75 -6.97 -3.81
N PRO C 347 25.24 -8.13 -4.20
CA PRO C 347 25.84 -9.39 -3.72
C PRO C 347 27.28 -9.51 -4.17
N GLU C 348 28.08 -10.23 -3.38
CA GLU C 348 29.51 -10.33 -3.61
C GLU C 348 29.77 -10.91 -4.98
N GLY C 349 30.30 -10.08 -5.89
CA GLY C 349 30.54 -10.50 -7.26
C GLY C 349 29.66 -9.78 -8.25
N TYR C 350 28.90 -8.80 -7.77
CA TYR C 350 28.00 -8.01 -8.61
C TYR C 350 28.31 -6.54 -8.43
N ILE C 351 28.06 -5.75 -9.49
CA ILE C 351 28.23 -4.31 -9.45
C ILE C 351 26.94 -3.66 -9.92
N CYS C 352 26.57 -2.57 -9.25
CA CYS C 352 25.36 -1.84 -9.60
C CYS C 352 25.62 -0.94 -10.80
N VAL C 353 24.89 -1.16 -11.88
CA VAL C 353 25.00 -0.35 -13.08
C VAL C 353 23.61 0.14 -13.48
N LYS C 354 23.53 1.38 -13.94
CA LYS C 354 22.29 1.97 -14.43
C LYS C 354 22.03 1.43 -15.84
N ALA C 355 21.55 0.19 -15.88
CA ALA C 355 21.35 -0.51 -17.15
C ALA C 355 20.28 -1.57 -16.96
N GLY C 356 19.16 -1.41 -17.65
CA GLY C 356 18.07 -2.36 -17.55
C GLY C 356 16.86 -1.83 -18.31
N ARG C 357 15.74 -2.52 -18.13
CA ARG C 357 14.48 -2.05 -18.73
C ARG C 357 13.80 -1.03 -17.83
N ASN C 358 13.25 -1.50 -16.69
CA ASN C 358 12.62 -0.81 -15.56
C ASN C 358 12.18 -1.84 -14.53
N PRO C 359 11.80 -1.44 -13.31
CA PRO C 359 11.36 -2.44 -12.33
C PRO C 359 10.08 -3.19 -12.70
N ASN C 360 8.97 -2.47 -12.91
CA ASN C 360 7.67 -3.14 -13.07
C ASN C 360 7.15 -2.86 -14.49
N TYR C 361 7.46 -3.79 -15.40
CA TYR C 361 6.91 -3.79 -16.76
C TYR C 361 7.25 -2.51 -17.52
N GLY C 362 8.26 -1.77 -17.04
CA GLY C 362 8.64 -0.55 -17.73
C GLY C 362 7.85 0.68 -17.35
N TYR C 363 7.05 0.63 -16.30
CA TYR C 363 6.10 1.71 -16.02
C TYR C 363 6.40 2.49 -14.75
N THR C 364 7.03 1.88 -13.74
CA THR C 364 7.40 2.62 -12.53
C THR C 364 8.85 3.08 -12.66
N SER C 365 9.01 4.36 -13.01
CA SER C 365 10.33 4.93 -13.19
C SER C 365 10.23 6.44 -13.07
N PHE C 366 11.39 7.06 -12.84
CA PHE C 366 11.50 8.51 -12.73
C PHE C 366 12.26 9.12 -13.91
N ASP C 367 12.58 8.31 -14.92
CA ASP C 367 13.43 8.78 -16.00
C ASP C 367 12.77 9.90 -16.80
N THR C 368 11.46 9.80 -17.04
CA THR C 368 10.73 10.79 -17.81
C THR C 368 9.64 11.39 -16.94
N PHE C 369 9.37 12.68 -17.16
CA PHE C 369 8.35 13.38 -16.39
C PHE C 369 6.97 12.76 -16.49
N SER C 370 6.65 12.13 -17.62
CA SER C 370 5.39 11.40 -17.72
C SER C 370 5.35 10.22 -16.77
N TRP C 371 6.41 9.40 -16.78
CA TRP C 371 6.51 8.32 -15.81
C TRP C 371 6.65 8.85 -14.40
N ALA C 372 7.33 9.99 -14.23
CA ALA C 372 7.38 10.62 -12.91
C ALA C 372 6.01 11.05 -12.45
N PHE C 373 5.21 11.61 -13.35
CA PHE C 373 3.84 11.99 -12.99
C PHE C 373 3.02 10.77 -12.61
N LEU C 374 3.17 9.66 -13.36
CA LEU C 374 2.45 8.44 -13.02
C LEU C 374 2.87 7.91 -11.65
N SER C 375 4.19 7.90 -11.39
CA SER C 375 4.67 7.36 -10.13
C SER C 375 4.24 8.22 -8.94
N LEU C 376 4.18 9.53 -9.13
CA LEU C 376 3.75 10.36 -8.00
C LEU C 376 2.24 10.44 -7.89
N PHE C 377 1.48 10.18 -8.95
CA PHE C 377 0.06 9.91 -8.76
C PHE C 377 -0.13 8.63 -7.95
N ARG C 378 0.69 7.61 -8.23
CA ARG C 378 0.69 6.40 -7.41
C ARG C 378 0.99 6.72 -5.95
N LEU C 379 1.99 7.55 -5.70
CA LEU C 379 2.32 7.95 -4.33
C LEU C 379 1.17 8.73 -3.69
N MET C 380 0.59 9.67 -4.43
CA MET C 380 -0.48 10.51 -3.90
C MET C 380 -1.74 9.71 -3.58
N THR C 381 -2.05 8.68 -4.36
CA THR C 381 -3.17 7.81 -4.07
C THR C 381 -2.81 6.65 -3.16
N GLN C 382 -1.54 6.53 -2.78
CA GLN C 382 -1.07 5.47 -1.88
C GLN C 382 -1.38 4.07 -2.40
N ASP C 383 -1.60 3.93 -3.70
CA ASP C 383 -1.80 2.60 -4.28
C ASP C 383 -0.45 1.90 -4.38
N TYR C 384 -0.21 0.94 -3.48
CA TYR C 384 0.94 0.05 -3.57
C TYR C 384 2.24 0.85 -3.58
N TRP C 385 2.21 2.05 -3.01
CA TRP C 385 3.37 2.94 -2.98
C TRP C 385 4.50 2.37 -2.14
N GLU C 386 4.21 1.39 -1.28
CA GLU C 386 5.27 0.75 -0.51
C GLU C 386 6.28 0.06 -1.41
N ASN C 387 5.83 -0.47 -2.56
CA ASN C 387 6.77 -1.06 -3.50
C ASN C 387 7.61 0.02 -4.17
N LEU C 388 6.99 1.12 -4.59
CA LEU C 388 7.77 2.24 -5.12
C LEU C 388 8.69 2.82 -4.05
N TYR C 389 8.18 2.92 -2.82
CA TYR C 389 9.01 3.31 -1.68
C TYR C 389 10.26 2.46 -1.58
N GLN C 390 10.08 1.13 -1.57
CA GLN C 390 11.22 0.24 -1.37
C GLN C 390 12.16 0.28 -2.56
N LEU C 391 11.63 0.32 -3.78
CA LEU C 391 12.49 0.36 -4.96
C LEU C 391 13.31 1.64 -5.01
N THR C 392 12.66 2.78 -4.75
CA THR C 392 13.36 4.06 -4.80
C THR C 392 14.40 4.16 -3.69
N LEU C 393 14.06 3.70 -2.48
CA LEU C 393 15.02 3.76 -1.38
C LEU C 393 16.14 2.74 -1.51
N ARG C 394 15.92 1.67 -2.28
CA ARG C 394 16.99 0.72 -2.54
C ARG C 394 17.89 1.19 -3.68
N ALA C 395 17.34 1.96 -4.63
CA ALA C 395 18.13 2.47 -5.73
C ALA C 395 18.94 3.69 -5.32
N ALA C 396 18.27 4.73 -4.83
CA ALA C 396 18.94 5.98 -4.48
C ALA C 396 19.53 5.97 -3.07
N GLY C 397 18.88 5.30 -2.13
CA GLY C 397 19.38 5.27 -0.76
C GLY C 397 18.32 5.55 0.28
N LYS C 398 18.53 5.05 1.50
CA LYS C 398 17.55 5.26 2.57
C LYS C 398 17.44 6.72 2.96
N THR C 399 18.48 7.52 2.68
CA THR C 399 18.49 8.93 3.03
C THR C 399 17.63 9.78 2.11
N TYR C 400 16.93 9.17 1.16
CA TYR C 400 16.01 9.90 0.28
C TYR C 400 14.56 9.79 0.71
N MET C 401 14.28 9.04 1.77
CA MET C 401 12.90 8.91 2.25
C MET C 401 12.31 10.25 2.65
N ILE C 402 13.15 11.24 2.93
CA ILE C 402 12.66 12.57 3.27
C ILE C 402 11.77 13.09 2.15
N PHE C 403 12.08 12.72 0.90
CA PHE C 403 11.18 13.08 -0.20
C PHE C 403 9.78 12.53 0.06
N PHE C 404 9.68 11.23 0.31
CA PHE C 404 8.37 10.61 0.51
C PHE C 404 7.65 11.23 1.69
N VAL C 405 8.38 11.45 2.79
CA VAL C 405 7.78 12.04 3.99
C VAL C 405 7.10 13.36 3.65
N LEU C 406 7.69 14.14 2.73
CA LEU C 406 6.99 15.33 2.27
C LEU C 406 5.77 14.98 1.43
N VAL C 407 5.95 14.20 0.35
CA VAL C 407 4.84 14.01 -0.58
C VAL C 407 3.70 13.27 0.11
N ILE C 408 4.01 12.21 0.87
CA ILE C 408 2.98 11.48 1.60
C ILE C 408 2.24 12.40 2.55
N PHE C 409 2.91 13.43 3.06
CA PHE C 409 2.25 14.44 3.88
C PHE C 409 1.69 15.58 3.03
N LEU C 410 2.35 15.94 1.93
CA LEU C 410 1.93 17.12 1.19
C LEU C 410 0.98 16.76 0.05
N GLY C 411 1.33 15.74 -0.72
CA GLY C 411 0.49 15.34 -1.84
C GLY C 411 -0.51 14.27 -1.46
N SER C 412 -0.03 13.20 -0.82
CA SER C 412 -0.88 12.05 -0.53
C SER C 412 -1.86 12.33 0.60
N PHE C 413 -1.50 13.14 1.59
CA PHE C 413 -2.36 13.38 2.74
C PHE C 413 -3.14 14.68 2.63
N TYR C 414 -2.48 15.80 2.32
CA TYR C 414 -3.13 17.10 2.31
C TYR C 414 -4.03 17.30 1.11
N LEU C 415 -3.61 16.87 -0.09
CA LEU C 415 -4.46 17.05 -1.26
C LEU C 415 -5.73 16.21 -1.17
N VAL C 416 -5.62 14.99 -0.62
CA VAL C 416 -6.81 14.20 -0.33
C VAL C 416 -7.71 14.94 0.65
N ASN C 417 -7.13 15.57 1.67
CA ASN C 417 -7.95 16.34 2.61
C ASN C 417 -8.65 17.49 1.91
N LEU C 418 -7.95 18.17 1.00
CA LEU C 418 -8.58 19.25 0.25
C LEU C 418 -9.73 18.73 -0.61
N ILE C 419 -9.52 17.61 -1.29
CA ILE C 419 -10.55 17.04 -2.16
C ILE C 419 -11.78 16.68 -1.33
N LEU C 420 -11.56 15.97 -0.22
CA LEU C 420 -12.68 15.58 0.63
C LEU C 420 -13.40 16.80 1.18
N ALA C 421 -12.65 17.80 1.63
CA ALA C 421 -13.26 18.99 2.20
C ALA C 421 -14.10 19.73 1.18
N VAL C 422 -13.62 19.88 -0.04
CA VAL C 422 -14.39 20.64 -1.02
C VAL C 422 -15.57 19.84 -1.55
N VAL C 423 -15.44 18.52 -1.70
CA VAL C 423 -16.61 17.71 -2.07
C VAL C 423 -17.65 17.79 -0.97
N ALA C 424 -17.24 17.74 0.30
CA ALA C 424 -18.17 17.90 1.40
C ALA C 424 -18.82 19.28 1.36
N MET C 425 -18.04 20.32 1.04
CA MET C 425 -18.59 21.66 0.94
C MET C 425 -19.68 21.74 -0.13
N ALA C 426 -19.39 21.16 -1.30
CA ALA C 426 -20.38 21.17 -2.38
C ALA C 426 -21.63 20.41 -1.99
N TYR C 427 -21.46 19.27 -1.30
CA TYR C 427 -22.64 18.47 -0.96
C TYR C 427 -23.44 19.13 0.17
N GLU C 428 -22.76 19.81 1.09
CA GLU C 428 -23.48 20.61 2.08
C GLU C 428 -24.28 21.72 1.41
N GLU C 429 -23.69 22.38 0.42
CA GLU C 429 -24.42 23.42 -0.29
C GLU C 429 -25.63 22.85 -1.00
N GLN C 430 -25.47 21.70 -1.66
CA GLN C 430 -26.60 21.06 -2.32
C GLN C 430 -27.70 20.68 -1.33
N ASN C 431 -27.31 20.11 -0.18
CA ASN C 431 -28.29 19.70 0.82
C ASN C 431 -29.03 20.90 1.39
N GLN C 432 -28.32 21.98 1.71
CA GLN C 432 -28.99 23.15 2.29
C GLN C 432 -29.92 23.78 1.26
N ALA C 433 -29.49 23.84 -0.01
CA ALA C 433 -30.36 24.38 -1.05
C ALA C 433 -31.62 23.53 -1.20
N THR C 434 -31.46 22.21 -1.23
CA THR C 434 -32.62 21.33 -1.37
C THR C 434 -33.56 21.47 -0.17
N LEU C 435 -33.01 21.52 1.04
CA LEU C 435 -33.86 21.63 2.24
C LEU C 435 -34.59 22.96 2.29
N GLU C 436 -33.94 24.05 1.87
CA GLU C 436 -34.61 25.34 1.89
C GLU C 436 -35.64 25.48 0.77
N GLU C 437 -35.40 24.85 -0.39
CA GLU C 437 -36.39 24.92 -1.45
C GLU C 437 -37.58 23.99 -1.18
N ALA C 438 -37.36 22.90 -0.45
CA ALA C 438 -38.45 21.99 -0.11
C ALA C 438 -39.14 22.43 1.18
N ASP C 741 -67.10 -22.45 21.46
CA ASP C 741 -66.34 -23.60 20.98
C ASP C 741 -64.97 -23.16 20.46
N CYS C 742 -64.88 -22.98 19.15
CA CYS C 742 -63.62 -22.52 18.55
C CYS C 742 -63.27 -21.13 19.05
N CYS C 743 -64.25 -20.24 19.11
CA CYS C 743 -64.01 -18.89 19.62
C CYS C 743 -63.61 -18.92 21.08
N ASP C 744 -64.25 -19.78 21.88
CA ASP C 744 -63.87 -19.90 23.29
C ASP C 744 -62.44 -20.40 23.44
N ALA C 745 -62.07 -21.40 22.64
CA ALA C 745 -60.70 -21.90 22.69
C ALA C 745 -59.69 -20.83 22.28
N TRP C 746 -60.01 -20.07 21.23
CA TRP C 746 -59.13 -18.99 20.80
C TRP C 746 -58.97 -17.94 21.89
N LEU C 747 -60.07 -17.55 22.53
CA LEU C 747 -59.99 -16.51 23.54
C LEU C 747 -59.22 -17.00 24.77
N LYS C 748 -59.42 -18.26 25.18
CA LYS C 748 -58.68 -18.72 26.35
C LYS C 748 -57.19 -18.90 26.05
N VAL C 749 -56.85 -19.37 24.84
CA VAL C 749 -55.42 -19.48 24.53
C VAL C 749 -54.79 -18.09 24.41
N LYS C 750 -55.53 -17.11 23.88
CA LYS C 750 -55.01 -15.74 23.84
C LYS C 750 -54.82 -15.17 25.23
N HIS C 751 -55.76 -15.44 26.14
CA HIS C 751 -55.61 -15.02 27.53
C HIS C 751 -54.39 -15.68 28.15
N LEU C 752 -54.15 -16.94 27.82
CA LEU C 752 -52.98 -17.64 28.35
C LEU C 752 -51.68 -17.01 27.84
N VAL C 753 -51.62 -16.67 26.55
CA VAL C 753 -50.33 -16.29 25.97
C VAL C 753 -50.06 -14.80 26.13
N ASN C 754 -51.02 -13.93 25.78
CA ASN C 754 -50.77 -12.49 25.86
C ASN C 754 -50.60 -12.02 27.30
N LEU C 755 -51.47 -12.47 28.20
CA LEU C 755 -51.46 -11.99 29.59
C LEU C 755 -50.31 -12.65 30.34
N ILE C 756 -49.10 -12.26 29.96
CA ILE C 756 -47.87 -12.73 30.60
C ILE C 756 -47.02 -11.52 30.93
N VAL C 757 -45.81 -11.78 31.44
CA VAL C 757 -44.89 -10.69 31.77
C VAL C 757 -44.53 -9.90 30.50
N MET C 758 -44.28 -8.60 30.69
CA MET C 758 -43.86 -7.72 29.60
C MET C 758 -42.43 -7.22 29.82
N ASP C 759 -42.16 -6.60 30.97
CA ASP C 759 -40.77 -6.25 31.29
C ASP C 759 -39.99 -7.40 31.93
N PRO C 760 -40.51 -8.10 32.96
CA PRO C 760 -39.69 -9.12 33.63
C PRO C 760 -39.52 -10.43 32.85
N PHE C 761 -38.53 -10.47 31.98
CA PHE C 761 -38.00 -11.69 31.36
C PHE C 761 -38.85 -12.25 30.24
N VAL C 762 -39.50 -11.39 29.44
CA VAL C 762 -40.04 -11.86 28.16
C VAL C 762 -39.33 -11.20 26.99
N ASP C 763 -38.70 -10.05 27.20
CA ASP C 763 -37.84 -9.45 26.18
C ASP C 763 -36.38 -9.37 26.58
N LEU C 764 -36.06 -9.52 27.87
CA LEU C 764 -34.67 -9.64 28.30
C LEU C 764 -34.18 -11.08 28.21
N ALA C 765 -35.06 -12.05 28.49
CA ALA C 765 -34.70 -13.45 28.29
C ALA C 765 -34.38 -13.74 26.84
N ILE C 766 -35.14 -13.15 25.91
CA ILE C 766 -34.88 -13.36 24.50
C ILE C 766 -33.53 -12.75 24.11
N THR C 767 -33.22 -11.56 24.64
CA THR C 767 -31.92 -10.94 24.36
C THR C 767 -30.79 -11.81 24.91
N ILE C 768 -30.97 -12.36 26.10
CA ILE C 768 -29.95 -13.24 26.68
C ILE C 768 -29.78 -14.49 25.82
N CYS C 769 -30.89 -15.04 25.33
CA CYS C 769 -30.80 -16.21 24.45
C CYS C 769 -30.08 -15.89 23.16
N ILE C 770 -30.35 -14.70 22.58
CA ILE C 770 -29.65 -14.31 21.35
C ILE C 770 -28.16 -14.17 21.61
N VAL C 771 -27.79 -13.56 22.75
CA VAL C 771 -26.38 -13.39 23.07
C VAL C 771 -25.70 -14.74 23.27
N LEU C 772 -26.37 -15.67 23.95
CA LEU C 772 -25.81 -16.99 24.15
C LEU C 772 -25.68 -17.75 22.83
N ASN C 773 -26.66 -17.59 21.92
CA ASN C 773 -26.55 -18.22 20.61
C ASN C 773 -25.39 -17.63 19.82
N THR C 774 -25.19 -16.32 19.91
CA THR C 774 -24.05 -15.69 19.25
C THR C 774 -22.74 -16.23 19.81
N LEU C 775 -22.66 -16.37 21.13
CA LEU C 775 -21.44 -16.91 21.74
C LEU C 775 -21.20 -18.36 21.34
N PHE C 776 -22.27 -19.15 21.26
CA PHE C 776 -22.14 -20.53 20.81
C PHE C 776 -21.66 -20.62 19.37
N MET C 777 -22.19 -19.76 18.49
CA MET C 777 -21.70 -19.73 17.11
C MET C 777 -20.24 -19.30 17.05
N ALA C 778 -19.86 -18.32 17.87
CA ALA C 778 -18.47 -17.88 17.90
C ALA C 778 -17.54 -18.92 18.49
N MET C 779 -18.06 -19.83 19.32
CA MET C 779 -17.23 -20.90 19.86
C MET C 779 -16.75 -21.89 18.80
N GLU C 780 -17.32 -21.84 17.60
CA GLU C 780 -16.89 -22.72 16.52
C GLU C 780 -15.48 -22.38 16.07
N HIS C 781 -14.71 -23.42 15.75
CA HIS C 781 -13.33 -23.26 15.32
C HIS C 781 -12.94 -24.47 14.49
N TYR C 782 -11.64 -24.65 14.28
CA TYR C 782 -11.10 -25.82 13.61
C TYR C 782 -9.67 -26.00 14.06
N PRO C 783 -9.22 -27.23 14.36
CA PRO C 783 -10.01 -28.46 14.28
C PRO C 783 -10.85 -28.73 15.52
N MET C 784 -12.17 -28.65 15.37
CA MET C 784 -13.08 -28.95 16.47
C MET C 784 -13.30 -30.45 16.54
N THR C 785 -13.33 -30.98 17.76
CA THR C 785 -13.52 -32.41 17.97
C THR C 785 -14.95 -32.71 18.42
N GLU C 786 -15.25 -34.00 18.52
CA GLU C 786 -16.51 -34.44 19.10
C GLU C 786 -16.58 -34.05 20.58
N GLN C 787 -17.77 -34.20 21.15
CA GLN C 787 -18.24 -33.75 22.45
C GLN C 787 -18.09 -32.23 22.59
N PHE C 788 -17.70 -31.53 21.55
CA PHE C 788 -17.84 -30.08 21.41
C PHE C 788 -18.58 -29.69 20.14
N SER C 789 -18.30 -30.36 19.03
CA SER C 789 -19.13 -30.18 17.84
C SER C 789 -20.56 -30.62 18.11
N SER C 790 -20.72 -31.73 18.83
CA SER C 790 -22.05 -32.17 19.23
C SER C 790 -22.72 -31.16 20.15
N VAL C 791 -21.94 -30.56 21.06
CA VAL C 791 -22.48 -29.54 21.95
C VAL C 791 -22.97 -28.34 21.16
N LEU C 792 -22.18 -27.89 20.19
CA LEU C 792 -22.60 -26.75 19.37
C LEU C 792 -23.85 -27.09 18.56
N THR C 793 -23.91 -28.30 18.00
CA THR C 793 -25.10 -28.68 17.23
C THR C 793 -26.35 -28.73 18.11
N VAL C 794 -26.24 -29.31 19.30
CA VAL C 794 -27.41 -29.38 20.16
C VAL C 794 -27.80 -27.99 20.67
N GLY C 795 -26.81 -27.12 20.89
CA GLY C 795 -27.13 -25.75 21.26
C GLY C 795 -27.87 -25.02 20.15
N ASN C 796 -27.42 -25.18 18.91
CA ASN C 796 -28.13 -24.59 17.78
C ASN C 796 -29.55 -25.12 17.68
N LEU C 797 -29.72 -26.44 17.88
CA LEU C 797 -31.05 -27.03 17.85
C LEU C 797 -31.95 -26.46 18.94
N VAL C 798 -31.42 -26.35 20.16
CA VAL C 798 -32.22 -25.80 21.26
C VAL C 798 -32.57 -24.34 20.98
N PHE C 799 -31.64 -23.57 20.41
CA PHE C 799 -31.91 -22.17 20.16
C PHE C 799 -32.96 -21.99 19.06
N THR C 800 -32.88 -22.78 17.98
CA THR C 800 -33.91 -22.66 16.95
C THR C 800 -35.26 -23.15 17.48
N GLY C 801 -35.26 -24.17 18.35
CA GLY C 801 -36.52 -24.59 18.96
C GLY C 801 -37.13 -23.51 19.84
N ILE C 802 -36.31 -22.85 20.66
CA ILE C 802 -36.86 -21.81 21.52
C ILE C 802 -37.31 -20.60 20.70
N PHE C 803 -36.63 -20.31 19.58
CA PHE C 803 -37.08 -19.22 18.73
C PHE C 803 -38.40 -19.57 18.03
N THR C 804 -38.58 -20.83 17.63
CA THR C 804 -39.87 -21.26 17.11
C THR C 804 -40.95 -21.13 18.17
N ALA C 805 -40.64 -21.52 19.40
CA ALA C 805 -41.62 -21.39 20.48
C ALA C 805 -42.02 -19.94 20.70
N GLU C 806 -41.03 -19.03 20.68
CA GLU C 806 -41.35 -17.62 20.81
C GLU C 806 -42.18 -17.12 19.62
N MET C 807 -41.84 -17.53 18.40
CA MET C 807 -42.61 -17.09 17.25
C MET C 807 -44.05 -17.56 17.33
N VAL C 808 -44.28 -18.81 17.72
CA VAL C 808 -45.64 -19.31 17.78
C VAL C 808 -46.40 -18.64 18.93
N LEU C 809 -45.73 -18.44 20.07
CA LEU C 809 -46.36 -17.72 21.18
C LEU C 809 -46.73 -16.30 20.80
N LYS C 810 -45.98 -15.68 19.89
CA LYS C 810 -46.31 -14.34 19.42
C LYS C 810 -47.39 -14.32 18.34
N ILE C 811 -47.35 -15.26 17.40
CA ILE C 811 -48.33 -15.26 16.32
C ILE C 811 -49.72 -15.69 16.79
N ILE C 812 -49.81 -16.72 17.64
CA ILE C 812 -51.11 -17.12 18.17
C ILE C 812 -51.66 -16.10 19.15
N ALA C 813 -50.92 -15.02 19.44
CA ALA C 813 -51.38 -13.93 20.27
C ALA C 813 -51.60 -12.65 19.46
N MET C 814 -50.99 -12.54 18.28
CA MET C 814 -51.12 -11.34 17.47
C MET C 814 -51.95 -11.53 16.21
N ASP C 815 -52.41 -12.76 15.90
CA ASP C 815 -53.36 -13.02 14.83
C ASP C 815 -52.88 -12.44 13.50
N PRO C 816 -51.92 -13.09 12.84
CA PRO C 816 -51.46 -12.59 11.53
C PRO C 816 -52.62 -12.51 10.53
N TYR C 817 -52.52 -11.57 9.58
CA TYR C 817 -51.35 -10.72 9.40
C TYR C 817 -51.39 -9.39 10.17
N TYR C 818 -51.65 -9.47 11.48
CA TYR C 818 -51.40 -8.35 12.37
C TYR C 818 -50.06 -8.47 13.08
N TYR C 819 -49.56 -9.70 13.24
CA TYR C 819 -48.20 -9.90 13.72
C TYR C 819 -47.18 -9.35 12.73
N PHE C 820 -47.41 -9.55 11.44
CA PHE C 820 -46.49 -9.12 10.39
C PHE C 820 -46.74 -7.65 10.02
N GLN C 821 -46.51 -6.78 11.00
CA GLN C 821 -46.76 -5.35 10.78
C GLN C 821 -45.58 -4.48 11.22
N GLU C 822 -44.82 -4.93 12.22
CA GLU C 822 -43.83 -4.08 12.86
C GLU C 822 -42.44 -4.20 12.25
N GLY C 823 -42.26 -5.01 11.20
CA GLY C 823 -40.97 -5.13 10.57
C GLY C 823 -40.04 -6.11 11.26
N TRP C 824 -39.79 -5.89 12.55
CA TRP C 824 -38.96 -6.81 13.31
C TRP C 824 -39.62 -8.18 13.41
N ASN C 825 -40.95 -8.22 13.52
CA ASN C 825 -41.64 -9.51 13.54
C ASN C 825 -41.48 -10.25 12.22
N ILE C 826 -41.58 -9.53 11.09
CA ILE C 826 -41.37 -10.15 9.79
C ILE C 826 -39.95 -10.68 9.68
N PHE C 827 -38.97 -9.90 10.14
CA PHE C 827 -37.59 -10.33 10.09
C PHE C 827 -37.36 -11.59 10.93
N ASP C 828 -37.95 -11.62 12.13
CA ASP C 828 -37.82 -12.78 12.99
C ASP C 828 -38.45 -14.00 12.34
N GLY C 829 -39.63 -13.84 11.74
CA GLY C 829 -40.26 -14.94 11.04
C GLY C 829 -39.41 -15.47 9.91
N ILE C 830 -38.84 -14.56 9.11
CA ILE C 830 -38.01 -14.98 7.98
C ILE C 830 -36.78 -15.74 8.48
N ILE C 831 -36.12 -15.22 9.50
CA ILE C 831 -34.88 -15.87 9.95
C ILE C 831 -35.19 -17.23 10.58
N VAL C 832 -36.28 -17.33 11.34
CA VAL C 832 -36.60 -18.62 11.93
C VAL C 832 -37.03 -19.62 10.87
N SER C 833 -37.72 -19.17 9.81
CA SER C 833 -38.06 -20.06 8.72
C SER C 833 -36.80 -20.56 8.01
N LEU C 834 -35.82 -19.68 7.81
CA LEU C 834 -34.55 -20.11 7.22
C LEU C 834 -33.85 -21.12 8.10
N SER C 835 -33.89 -20.92 9.43
CA SER C 835 -33.27 -21.87 10.34
C SER C 835 -33.96 -23.23 10.26
N LEU C 836 -35.30 -23.24 10.20
CA LEU C 836 -36.00 -24.51 10.06
C LEU C 836 -35.66 -25.20 8.75
N MET C 837 -35.59 -24.45 7.65
CA MET C 837 -35.22 -25.07 6.38
C MET C 837 -33.82 -25.66 6.43
N GLU C 838 -32.86 -24.92 7.02
CA GLU C 838 -31.49 -25.43 7.07
C GLU C 838 -31.37 -26.65 7.97
N LEU C 839 -32.10 -26.66 9.10
CA LEU C 839 -32.04 -27.83 9.97
C LEU C 839 -32.74 -29.03 9.35
N GLY C 840 -33.83 -28.81 8.62
CA GLY C 840 -34.47 -29.91 7.91
C GLY C 840 -33.61 -30.47 6.80
N LEU C 841 -32.83 -29.62 6.13
CA LEU C 841 -31.96 -30.11 5.07
C LEU C 841 -30.73 -30.80 5.63
N SER C 842 -29.89 -30.06 6.35
CA SER C 842 -28.65 -30.56 6.97
C SER C 842 -27.68 -31.17 5.97
N ASN C 843 -27.97 -31.07 4.67
CA ASN C 843 -27.08 -31.60 3.65
C ASN C 843 -27.02 -30.71 2.41
N VAL C 844 -27.43 -29.44 2.50
CA VAL C 844 -27.65 -28.63 1.32
C VAL C 844 -26.31 -28.27 0.67
N GLU C 845 -26.01 -28.94 -0.44
CA GLU C 845 -24.83 -28.73 -1.25
C GLU C 845 -25.26 -28.30 -2.65
N GLY C 846 -24.61 -27.26 -3.16
CA GLY C 846 -23.47 -26.64 -2.52
C GLY C 846 -23.68 -25.30 -1.86
N LEU C 847 -24.89 -25.00 -1.42
CA LEU C 847 -25.15 -23.78 -0.67
C LEU C 847 -25.72 -24.14 0.71
N SER C 848 -24.84 -24.58 1.60
CA SER C 848 -25.04 -24.46 3.04
C SER C 848 -24.63 -23.08 3.54
N VAL C 849 -24.39 -22.15 2.63
CA VAL C 849 -23.98 -20.79 2.96
C VAL C 849 -25.08 -20.11 3.77
N LEU C 850 -26.33 -20.50 3.50
CA LEU C 850 -27.47 -19.99 4.24
C LEU C 850 -27.50 -20.42 5.70
N ARG C 851 -26.70 -21.41 6.08
CA ARG C 851 -26.58 -21.79 7.49
C ARG C 851 -26.12 -20.61 8.34
N SER C 852 -25.23 -19.78 7.79
CA SER C 852 -24.76 -18.59 8.50
C SER C 852 -25.83 -17.52 8.61
N PHE C 853 -26.96 -17.67 7.92
CA PHE C 853 -28.01 -16.64 7.96
C PHE C 853 -28.51 -16.43 9.38
N ARG C 854 -28.44 -17.45 10.23
CA ARG C 854 -28.89 -17.30 11.61
C ARG C 854 -28.13 -16.20 12.35
N LEU C 855 -26.93 -15.84 11.87
CA LEU C 855 -26.20 -14.74 12.49
C LEU C 855 -26.98 -13.43 12.44
N LEU C 856 -27.89 -13.30 11.48
CA LEU C 856 -28.73 -12.10 11.42
C LEU C 856 -29.59 -11.94 12.67
N ARG C 857 -29.80 -13.01 13.45
CA ARG C 857 -30.52 -12.88 14.70
C ARG C 857 -29.82 -11.90 15.64
N VAL C 858 -28.51 -11.72 15.48
CA VAL C 858 -27.78 -10.75 16.29
C VAL C 858 -28.35 -9.36 16.09
N PHE C 859 -28.83 -9.05 14.88
CA PHE C 859 -29.42 -7.74 14.63
C PHE C 859 -30.69 -7.50 15.41
N LYS C 860 -31.30 -8.56 15.99
CA LYS C 860 -32.43 -8.34 16.89
C LYS C 860 -32.01 -7.58 18.14
N LEU C 861 -30.71 -7.48 18.42
CA LEU C 861 -30.23 -6.60 19.47
C LEU C 861 -30.51 -5.14 19.17
N ALA C 862 -30.75 -4.79 17.90
CA ALA C 862 -30.99 -3.42 17.51
C ALA C 862 -32.24 -2.82 18.14
N LYS C 863 -33.14 -3.65 18.65
CA LYS C 863 -34.31 -3.12 19.36
C LYS C 863 -33.90 -2.34 20.59
N SER C 864 -32.91 -2.84 21.33
CA SER C 864 -32.43 -2.19 22.54
C SER C 864 -31.16 -1.39 22.35
N TRP C 865 -30.35 -1.71 21.34
CA TRP C 865 -29.05 -1.07 21.15
C TRP C 865 -29.23 0.15 20.26
N PRO C 866 -29.07 1.37 20.77
CA PRO C 866 -29.27 2.55 19.91
C PRO C 866 -28.25 2.66 18.79
N THR C 867 -26.99 2.34 19.07
CA THR C 867 -25.95 2.45 18.04
C THR C 867 -26.09 1.37 16.97
N LEU C 868 -26.43 0.14 17.36
CA LEU C 868 -26.72 -0.88 16.36
C LEU C 868 -27.96 -0.52 15.55
N ASN C 869 -28.97 0.08 16.20
CA ASN C 869 -30.13 0.55 15.46
C ASN C 869 -29.76 1.64 14.47
N MET C 870 -28.84 2.53 14.86
CA MET C 870 -28.37 3.58 13.94
C MET C 870 -27.62 2.96 12.76
N LEU C 871 -26.80 1.94 13.00
CA LEU C 871 -26.11 1.27 11.90
C LEU C 871 -27.10 0.61 10.95
N ILE C 872 -28.12 -0.06 11.51
CA ILE C 872 -29.15 -0.68 10.68
C ILE C 872 -29.92 0.39 9.91
N LYS C 873 -30.18 1.53 10.55
CA LYS C 873 -30.86 2.62 9.89
C LYS C 873 -30.06 3.13 8.71
N ILE C 874 -28.75 3.29 8.87
CA ILE C 874 -27.90 3.74 7.77
C ILE C 874 -27.91 2.72 6.63
N ILE C 875 -27.79 1.44 6.99
CA ILE C 875 -27.78 0.38 5.96
C ILE C 875 -29.08 0.39 5.17
N GLY C 876 -30.21 0.49 5.87
CA GLY C 876 -31.49 0.56 5.19
C GLY C 876 -31.68 1.85 4.41
N ASN C 877 -31.15 2.96 4.93
CA ASN C 877 -31.28 4.25 4.27
C ASN C 877 -30.58 4.24 2.93
N SER C 878 -29.42 3.57 2.85
CA SER C 878 -28.68 3.50 1.60
C SER C 878 -29.49 2.82 0.50
N VAL C 879 -30.21 1.74 0.84
CA VAL C 879 -31.05 1.04 -0.14
C VAL C 879 -32.41 1.71 -0.31
N GLY C 880 -32.79 2.61 0.60
CA GLY C 880 -34.05 3.30 0.57
C GLY C 880 -33.88 4.70 0.00
N ALA C 881 -33.69 5.68 0.88
CA ALA C 881 -33.73 7.07 0.44
C ALA C 881 -32.58 7.41 -0.50
N LEU C 882 -31.39 6.88 -0.21
CA LEU C 882 -30.26 6.96 -1.12
C LEU C 882 -30.21 5.78 -2.08
N GLY C 883 -31.38 5.18 -2.35
CA GLY C 883 -31.45 4.11 -3.33
C GLY C 883 -31.05 4.58 -4.71
N ASN C 884 -31.36 5.83 -5.05
CA ASN C 884 -30.93 6.39 -6.32
C ASN C 884 -29.41 6.41 -6.43
N LEU C 885 -28.73 6.88 -5.39
CA LEU C 885 -27.27 6.91 -5.39
C LEU C 885 -26.68 5.50 -5.42
N THR C 886 -27.28 4.58 -4.65
CA THR C 886 -26.80 3.20 -4.65
C THR C 886 -26.93 2.58 -6.03
N LEU C 887 -28.07 2.80 -6.69
CA LEU C 887 -28.27 2.28 -8.04
C LEU C 887 -27.32 2.94 -9.03
N VAL C 888 -27.06 4.24 -8.88
CA VAL C 888 -26.09 4.91 -9.76
C VAL C 888 -24.72 4.27 -9.60
N LEU C 889 -24.30 4.02 -8.36
CA LEU C 889 -23.01 3.40 -8.12
C LEU C 889 -22.96 2.01 -8.74
N ALA C 890 -24.01 1.20 -8.53
CA ALA C 890 -24.04 -0.14 -9.08
C ALA C 890 -24.01 -0.12 -10.61
N ILE C 891 -24.79 0.78 -11.21
CA ILE C 891 -24.84 0.89 -12.66
C ILE C 891 -23.49 1.33 -13.22
N ILE C 892 -22.83 2.29 -12.56
CA ILE C 892 -21.53 2.75 -13.04
C ILE C 892 -20.49 1.65 -12.92
N VAL C 893 -20.51 0.89 -11.82
CA VAL C 893 -19.59 -0.23 -11.68
C VAL C 893 -19.84 -1.26 -12.77
N PHE C 894 -21.11 -1.59 -13.04
CA PHE C 894 -21.43 -2.54 -14.09
C PHE C 894 -21.00 -2.03 -15.46
N ILE C 895 -21.21 -0.74 -15.72
CA ILE C 895 -20.84 -0.15 -17.00
C ILE C 895 -19.33 -0.22 -17.20
N PHE C 896 -18.57 0.15 -16.16
CA PHE C 896 -17.12 0.06 -16.27
C PHE C 896 -16.66 -1.38 -16.42
N ALA C 897 -17.31 -2.33 -15.73
CA ALA C 897 -16.95 -3.72 -15.88
C ALA C 897 -17.16 -4.21 -17.31
N VAL C 898 -18.32 -3.90 -17.89
CA VAL C 898 -18.59 -4.36 -19.26
C VAL C 898 -17.72 -3.62 -20.27
N VAL C 899 -17.42 -2.35 -20.04
CA VAL C 899 -16.52 -1.62 -20.93
C VAL C 899 -15.13 -2.25 -20.91
N GLY C 900 -14.62 -2.54 -19.71
CA GLY C 900 -13.34 -3.21 -19.61
C GLY C 900 -13.35 -4.58 -20.26
N MET C 901 -14.44 -5.33 -20.08
CA MET C 901 -14.54 -6.64 -20.70
C MET C 901 -14.50 -6.54 -22.22
N GLN C 902 -15.36 -5.69 -22.80
CA GLN C 902 -15.39 -5.57 -24.25
C GLN C 902 -14.07 -5.04 -24.80
N LEU C 903 -13.41 -4.13 -24.08
CA LEU C 903 -12.18 -3.55 -24.60
C LEU C 903 -10.99 -4.50 -24.46
N PHE C 904 -10.94 -5.31 -23.41
CA PHE C 904 -9.72 -6.04 -23.09
C PHE C 904 -9.91 -7.54 -22.94
N GLY C 905 -11.05 -8.12 -23.35
CA GLY C 905 -11.22 -9.55 -23.16
C GLY C 905 -10.36 -10.39 -24.08
N LYS C 906 -10.54 -10.21 -25.39
CA LYS C 906 -9.68 -10.90 -26.34
C LYS C 906 -8.22 -10.58 -26.11
N SER C 907 -7.93 -9.35 -25.66
CA SER C 907 -6.56 -8.98 -25.31
C SER C 907 -6.04 -9.83 -24.16
N TYR C 908 -6.65 -9.71 -22.98
CA TYR C 908 -6.25 -10.52 -21.84
C TYR C 908 -6.20 -12.00 -22.15
N LYS C 909 -6.91 -12.45 -23.19
CA LYS C 909 -6.83 -13.86 -23.54
C LYS C 909 -5.64 -14.19 -24.45
N GLU C 910 -5.33 -13.35 -25.43
CA GLU C 910 -4.28 -13.67 -26.39
C GLU C 910 -2.91 -13.12 -25.98
N CYS C 911 -2.87 -11.93 -25.38
CA CYS C 911 -1.68 -11.25 -24.93
C CYS C 911 -1.21 -11.76 -23.58
N VAL C 912 -1.82 -12.84 -23.07
CA VAL C 912 -1.75 -13.15 -21.65
C VAL C 912 -0.36 -13.62 -21.25
N CYS C 913 0.35 -14.27 -22.16
CA CYS C 913 1.65 -14.83 -21.79
C CYS C 913 2.72 -13.75 -21.64
N LYS C 914 2.40 -12.50 -22.00
CA LYS C 914 3.32 -11.40 -21.74
C LYS C 914 3.28 -11.00 -20.27
N ILE C 915 2.15 -11.20 -19.60
CA ILE C 915 2.00 -10.78 -18.21
C ILE C 915 2.01 -12.00 -17.29
N ASN C 916 1.97 -13.19 -17.86
CA ASN C 916 2.01 -14.39 -17.03
C ASN C 916 3.08 -15.33 -17.58
N ASP C 917 3.73 -16.05 -16.67
CA ASP C 917 4.80 -16.97 -17.03
C ASP C 917 4.32 -18.32 -17.53
N ASP C 918 3.17 -18.81 -17.08
CA ASP C 918 2.58 -20.04 -17.59
C ASP C 918 1.74 -19.79 -18.82
N CYS C 919 1.69 -18.54 -19.30
CA CYS C 919 0.89 -18.13 -20.44
C CYS C 919 -0.60 -18.40 -20.21
N THR C 920 -1.01 -18.41 -18.95
CA THR C 920 -2.40 -18.60 -18.57
C THR C 920 -2.94 -17.33 -17.93
N LEU C 921 -4.26 -17.26 -17.81
CA LEU C 921 -4.90 -16.04 -17.31
C LEU C 921 -4.43 -15.74 -15.89
N PRO C 922 -4.13 -14.48 -15.58
CA PRO C 922 -3.73 -14.13 -14.21
C PRO C 922 -4.90 -14.18 -13.24
N ARG C 923 -4.66 -13.84 -11.99
CA ARG C 923 -5.73 -13.86 -10.99
C ARG C 923 -6.75 -12.76 -11.26
N TRP C 924 -6.29 -11.60 -11.71
CA TRP C 924 -7.15 -10.45 -11.95
C TRP C 924 -7.08 -10.09 -13.42
N HIS C 925 -8.07 -10.54 -14.19
CA HIS C 925 -8.18 -10.28 -15.61
C HIS C 925 -9.57 -9.72 -15.91
N MET C 926 -9.76 -9.28 -17.16
CA MET C 926 -11.05 -8.77 -17.62
C MET C 926 -11.61 -9.62 -18.75
N ASN C 927 -11.22 -10.89 -18.80
CA ASN C 927 -11.70 -11.78 -19.85
C ASN C 927 -13.21 -12.04 -19.71
N ASP C 928 -13.69 -12.24 -18.49
CA ASP C 928 -15.11 -12.47 -18.24
C ASP C 928 -15.65 -11.40 -17.29
N PHE C 929 -16.98 -11.35 -17.21
CA PHE C 929 -17.64 -10.24 -16.53
C PHE C 929 -17.36 -10.23 -15.04
N PHE C 930 -17.34 -11.40 -14.40
CA PHE C 930 -17.12 -11.42 -12.95
C PHE C 930 -15.74 -10.90 -12.60
N HIS C 931 -14.72 -11.31 -13.35
CA HIS C 931 -13.37 -10.83 -13.08
C HIS C 931 -13.23 -9.35 -13.44
N SER C 932 -13.91 -8.91 -14.50
CA SER C 932 -13.89 -7.49 -14.83
C SER C 932 -14.53 -6.66 -13.72
N PHE C 933 -15.65 -7.13 -13.17
CA PHE C 933 -16.28 -6.46 -12.04
C PHE C 933 -15.38 -6.46 -10.82
N LEU C 934 -14.67 -7.57 -10.59
CA LEU C 934 -13.74 -7.64 -9.47
C LEU C 934 -12.63 -6.60 -9.62
N ILE C 935 -12.08 -6.47 -10.83
CA ILE C 935 -11.04 -5.47 -11.05
C ILE C 935 -11.59 -4.06 -10.86
N VAL C 936 -12.80 -3.80 -11.37
CA VAL C 936 -13.40 -2.47 -11.19
C VAL C 936 -13.64 -2.18 -9.72
N PHE C 937 -14.06 -3.18 -8.94
CA PHE C 937 -14.28 -3.00 -7.50
C PHE C 937 -12.97 -2.78 -6.77
N ARG C 938 -11.92 -3.49 -7.17
CA ARG C 938 -10.60 -3.31 -6.57
C ARG C 938 -10.05 -1.92 -6.87
N VAL C 939 -10.35 -1.40 -8.05
CA VAL C 939 -9.95 -0.02 -8.37
C VAL C 939 -10.63 0.95 -7.41
N LEU C 940 -11.91 0.75 -7.13
CA LEU C 940 -12.60 1.60 -6.17
C LEU C 940 -12.01 1.46 -4.78
N CYS C 941 -11.69 0.23 -4.37
CA CYS C 941 -11.09 0.00 -3.06
C CYS C 941 -9.70 0.62 -2.96
N GLY C 942 -9.01 0.79 -4.08
CA GLY C 942 -7.76 1.53 -4.06
C GLY C 942 -6.63 0.99 -4.91
N GLU C 943 -6.65 -0.31 -5.18
CA GLU C 943 -5.54 -0.97 -5.88
C GLU C 943 -5.81 -1.00 -7.39
N TRP C 944 -5.46 0.11 -8.02
CA TRP C 944 -5.66 0.26 -9.47
C TRP C 944 -4.39 -0.03 -10.27
N ILE C 945 -3.24 0.46 -9.81
CA ILE C 945 -2.04 0.41 -10.64
C ILE C 945 -1.52 -1.01 -10.82
N GLU C 946 -1.74 -1.89 -9.84
CA GLU C 946 -1.21 -3.25 -9.94
C GLU C 946 -1.84 -4.01 -11.09
N THR C 947 -3.12 -3.75 -11.39
CA THR C 947 -3.76 -4.32 -12.57
C THR C 947 -3.62 -3.42 -13.80
N MET C 948 -3.43 -2.12 -13.60
CA MET C 948 -3.21 -1.24 -14.74
C MET C 948 -1.88 -1.53 -15.42
N TRP C 949 -0.90 -2.03 -14.68
CA TRP C 949 0.36 -2.47 -15.31
C TRP C 949 0.09 -3.62 -16.28
N ASP C 950 -0.68 -4.61 -15.85
CA ASP C 950 -1.03 -5.73 -16.74
C ASP C 950 -1.86 -5.24 -17.92
N CYS C 951 -2.78 -4.30 -17.66
CA CYS C 951 -3.59 -3.75 -18.74
C CYS C 951 -2.70 -3.08 -19.79
N MET C 952 -1.73 -2.28 -19.34
CA MET C 952 -0.79 -1.66 -20.26
C MET C 952 -0.01 -2.70 -21.05
N GLU C 953 0.50 -3.73 -20.37
CA GLU C 953 1.31 -4.73 -21.04
C GLU C 953 0.49 -5.59 -22.00
N VAL C 954 -0.83 -5.62 -21.83
CA VAL C 954 -1.68 -6.48 -22.65
C VAL C 954 -2.33 -5.72 -23.78
N ALA C 955 -3.07 -4.65 -23.47
CA ALA C 955 -3.99 -4.05 -24.43
C ALA C 955 -3.82 -2.54 -24.56
N GLY C 956 -2.60 -2.07 -24.77
CA GLY C 956 -2.40 -0.69 -25.13
C GLY C 956 -2.27 0.27 -23.96
N GLN C 957 -1.12 0.94 -23.88
CA GLN C 957 -0.84 1.84 -22.77
C GLN C 957 -1.88 2.95 -22.69
N THR C 958 -2.11 3.66 -23.80
CA THR C 958 -3.01 4.80 -23.78
C THR C 958 -4.45 4.38 -23.49
N MET C 959 -4.89 3.27 -24.09
CA MET C 959 -6.26 2.81 -23.86
C MET C 959 -6.48 2.44 -22.40
N CYS C 960 -5.54 1.68 -21.83
CA CYS C 960 -5.71 1.27 -20.44
C CYS C 960 -5.56 2.45 -19.49
N LEU C 961 -4.67 3.39 -19.80
CA LEU C 961 -4.56 4.60 -18.99
C LEU C 961 -5.88 5.36 -18.98
N ILE C 962 -6.47 5.58 -20.16
CA ILE C 962 -7.72 6.32 -20.20
C ILE C 962 -8.80 5.58 -19.43
N VAL C 963 -8.93 4.28 -19.66
CA VAL C 963 -9.97 3.50 -19.00
C VAL C 963 -9.80 3.56 -17.48
N PHE C 964 -8.59 3.32 -17.00
CA PHE C 964 -8.40 3.21 -15.55
C PHE C 964 -8.46 4.56 -14.86
N MET C 965 -8.03 5.66 -15.51
CA MET C 965 -8.20 6.96 -14.88
C MET C 965 -9.67 7.38 -14.86
N LEU C 966 -10.43 7.10 -15.92
CA LEU C 966 -11.86 7.35 -15.86
C LEU C 966 -12.52 6.55 -14.74
N VAL C 967 -12.15 5.29 -14.57
CA VAL C 967 -12.70 4.52 -13.45
C VAL C 967 -12.29 5.14 -12.12
N MET C 968 -10.98 5.36 -11.95
CA MET C 968 -10.43 5.87 -10.70
C MET C 968 -11.04 7.22 -10.31
N VAL C 969 -11.47 8.00 -11.29
CA VAL C 969 -12.09 9.28 -10.99
C VAL C 969 -13.58 9.08 -10.73
N ILE C 970 -14.31 8.56 -11.71
CA ILE C 970 -15.77 8.54 -11.64
C ILE C 970 -16.25 7.63 -10.50
N GLY C 971 -15.76 6.40 -10.44
CA GLY C 971 -16.25 5.49 -9.42
C GLY C 971 -15.90 5.93 -8.02
N ASN C 972 -14.68 6.43 -7.83
CA ASN C 972 -14.29 6.97 -6.54
C ASN C 972 -15.11 8.19 -6.15
N LEU C 973 -15.41 9.09 -7.09
CA LEU C 973 -16.28 10.23 -6.80
C LEU C 973 -17.67 9.77 -6.42
N VAL C 974 -18.20 8.76 -7.11
CA VAL C 974 -19.53 8.24 -6.79
C VAL C 974 -19.53 7.61 -5.40
N VAL C 975 -18.50 6.83 -5.08
CA VAL C 975 -18.40 6.22 -3.75
C VAL C 975 -18.33 7.30 -2.68
N LEU C 976 -17.53 8.34 -2.91
CA LEU C 976 -17.41 9.42 -1.94
C LEU C 976 -18.72 10.17 -1.77
N ASN C 977 -19.44 10.42 -2.87
CA ASN C 977 -20.72 11.09 -2.78
C ASN C 977 -21.73 10.25 -2.02
N LEU C 978 -21.78 8.95 -2.28
CA LEU C 978 -22.68 8.07 -1.54
C LEU C 978 -22.32 8.04 -0.06
N PHE C 979 -21.02 7.98 0.25
CA PHE C 979 -20.58 8.00 1.63
C PHE C 979 -21.01 9.28 2.33
N LEU C 980 -20.82 10.42 1.66
CA LEU C 980 -21.21 11.70 2.25
C LEU C 980 -22.73 11.79 2.44
N ALA C 981 -23.50 11.30 1.48
CA ALA C 981 -24.95 11.30 1.61
C ALA C 981 -25.39 10.45 2.80
N LEU C 982 -24.81 9.25 2.92
CA LEU C 982 -25.15 8.38 4.04
C LEU C 982 -24.73 9.01 5.37
N LEU C 983 -23.58 9.68 5.38
CA LEU C 983 -23.11 10.35 6.59
C LEU C 983 -24.06 11.46 7.01
N LEU C 984 -24.51 12.26 6.06
CA LEU C 984 -25.36 13.41 6.38
C LEU C 984 -26.82 13.05 6.57
N SER C 985 -27.25 11.87 6.11
CA SER C 985 -28.63 11.44 6.30
C SER C 985 -28.80 10.55 7.52
N SER C 986 -27.88 10.62 8.48
CA SER C 986 -27.99 9.87 9.72
C SER C 986 -28.67 10.67 10.82
N PHE C 987 -28.54 11.99 10.81
CA PHE C 987 -29.16 12.85 11.81
C PHE C 987 -30.35 13.61 11.21
N GLY C 1189 3.74 21.73 61.00
CA GLY C 1189 5.00 21.31 60.41
C GLY C 1189 6.13 22.29 60.68
N LYS C 1190 6.93 21.98 61.70
CA LYS C 1190 8.05 22.85 62.06
C LYS C 1190 9.11 22.88 60.96
N ILE C 1191 9.38 21.74 60.33
CA ILE C 1191 10.37 21.66 59.26
C ILE C 1191 9.71 21.04 58.02
N TRP C 1192 8.67 20.24 58.26
CA TRP C 1192 8.02 19.52 57.17
C TRP C 1192 7.47 20.47 56.12
N TRP C 1193 6.54 21.35 56.52
CA TRP C 1193 5.90 22.24 55.57
C TRP C 1193 6.87 23.28 55.03
N ASN C 1194 7.85 23.69 55.85
CA ASN C 1194 8.87 24.62 55.38
C ASN C 1194 9.67 24.03 54.24
N LEU C 1195 10.07 22.75 54.36
CA LEU C 1195 10.74 22.07 53.26
C LEU C 1195 9.79 21.80 52.11
N ARG C 1196 8.51 21.61 52.40
CA ARG C 1196 7.53 21.34 51.36
C ARG C 1196 7.38 22.54 50.42
N LYS C 1197 7.37 23.76 50.97
CA LYS C 1197 7.33 24.93 50.09
C LYS C 1197 8.54 24.99 49.18
N THR C 1198 9.73 24.71 49.72
CA THR C 1198 10.94 24.76 48.91
C THR C 1198 10.90 23.73 47.80
N CYS C 1199 10.45 22.51 48.13
CA CYS C 1199 10.38 21.45 47.13
C CYS C 1199 9.33 21.76 46.07
N TYR C 1200 8.19 22.32 46.47
CA TYR C 1200 7.18 22.74 45.50
C TYR C 1200 7.73 23.78 44.55
N SER C 1201 8.43 24.79 45.09
CA SER C 1201 9.02 25.82 44.25
C SER C 1201 10.06 25.23 43.30
N ILE C 1202 10.90 24.31 43.80
CA ILE C 1202 11.92 23.71 42.95
C ILE C 1202 11.28 22.91 41.82
N VAL C 1203 10.25 22.13 42.13
CA VAL C 1203 9.60 21.33 41.09
C VAL C 1203 8.92 22.21 40.07
N GLU C 1204 8.20 23.26 40.50
CA GLU C 1204 7.50 24.11 39.56
C GLU C 1204 8.40 25.13 38.87
N HIS C 1205 9.66 25.25 39.28
CA HIS C 1205 10.58 26.15 38.59
C HIS C 1205 10.77 25.74 37.14
N ASN C 1206 10.77 26.74 36.25
CA ASN C 1206 10.97 26.48 34.83
C ASN C 1206 12.36 25.89 34.56
N TRP C 1207 13.35 26.25 35.37
CA TRP C 1207 14.67 25.66 35.24
C TRP C 1207 14.60 24.15 35.37
N PHE C 1208 14.00 23.67 36.47
CA PHE C 1208 13.86 22.23 36.68
C PHE C 1208 12.98 21.60 35.62
N GLU C 1209 11.92 22.30 35.21
CA GLU C 1209 11.02 21.75 34.20
C GLU C 1209 11.75 21.50 32.88
N THR C 1210 12.47 22.51 32.38
CA THR C 1210 13.18 22.34 31.11
C THR C 1210 14.35 21.38 31.24
N PHE C 1211 15.00 21.35 32.41
CA PHE C 1211 16.05 20.37 32.64
C PHE C 1211 15.51 18.95 32.56
N ILE C 1212 14.34 18.71 33.16
CA ILE C 1212 13.72 17.40 33.11
C ILE C 1212 13.30 17.05 31.68
N VAL C 1213 12.77 18.04 30.94
CA VAL C 1213 12.37 17.77 29.56
C VAL C 1213 13.59 17.38 28.72
N PHE C 1214 14.68 18.14 28.87
CA PHE C 1214 15.90 17.84 28.12
C PHE C 1214 16.44 16.45 28.47
N MET C 1215 16.44 16.11 29.75
CA MET C 1215 16.98 14.81 30.12
C MET C 1215 16.05 13.67 29.75
N ILE C 1216 14.74 13.90 29.71
CA ILE C 1216 13.81 12.92 29.17
C ILE C 1216 14.10 12.65 27.71
N LEU C 1217 14.33 13.73 26.95
CA LEU C 1217 14.69 13.56 25.54
C LEU C 1217 15.99 12.78 25.40
N LEU C 1218 16.98 13.09 26.25
CA LEU C 1218 18.26 12.39 26.21
C LEU C 1218 18.09 10.90 26.54
N SER C 1219 17.31 10.58 27.57
CA SER C 1219 17.10 9.19 27.93
C SER C 1219 16.35 8.44 26.85
N SER C 1220 15.36 9.07 26.23
CA SER C 1220 14.64 8.44 25.13
C SER C 1220 15.56 8.18 23.95
N GLY C 1221 16.39 9.16 23.59
CA GLY C 1221 17.32 8.98 22.49
C GLY C 1221 18.42 7.98 22.76
N ALA C 1222 18.75 7.77 24.04
CA ALA C 1222 19.70 6.73 24.38
C ALA C 1222 19.21 5.33 24.05
N LEU C 1223 17.91 5.15 23.88
CA LEU C 1223 17.34 3.86 23.49
C LEU C 1223 17.54 3.56 22.01
N ALA C 1224 17.59 4.60 21.16
CA ALA C 1224 17.70 4.39 19.72
C ALA C 1224 19.04 3.80 19.32
N PHE C 1225 20.06 3.88 20.17
CA PHE C 1225 21.35 3.29 19.87
C PHE C 1225 21.41 1.80 20.19
N GLU C 1226 20.33 1.22 20.72
CA GLU C 1226 20.29 -0.21 21.03
C GLU C 1226 19.92 -0.97 19.75
N ASP C 1227 20.83 -0.87 18.77
CA ASP C 1227 20.65 -1.55 17.49
C ASP C 1227 21.04 -3.01 17.64
N ILE C 1228 21.18 -3.70 16.50
CA ILE C 1228 21.91 -4.97 16.48
C ILE C 1228 23.40 -4.75 16.30
N TYR C 1229 23.83 -3.49 16.11
CA TYR C 1229 25.24 -3.13 16.01
C TYR C 1229 25.83 -2.65 17.32
N ILE C 1230 25.06 -2.68 18.41
CA ILE C 1230 25.62 -2.21 19.68
C ILE C 1230 26.80 -3.09 20.08
N GLU C 1231 26.75 -4.38 19.77
CA GLU C 1231 27.84 -5.28 20.11
C GLU C 1231 29.11 -4.97 19.32
N GLN C 1232 28.99 -4.42 18.12
CA GLN C 1232 30.17 -3.94 17.41
C GLN C 1232 30.58 -2.55 17.87
N ARG C 1233 29.67 -1.81 18.52
CA ARG C 1233 30.05 -0.52 19.06
C ARG C 1233 30.90 -0.69 20.32
N LYS C 1234 30.33 -1.36 21.32
CA LYS C 1234 31.07 -1.88 22.47
C LYS C 1234 31.65 -0.81 23.38
N THR C 1235 31.54 0.46 23.01
CA THR C 1235 31.96 1.56 23.88
C THR C 1235 30.80 2.48 24.22
N ILE C 1236 30.01 2.91 23.23
CA ILE C 1236 28.76 3.57 23.53
C ILE C 1236 27.81 2.60 24.22
N LYS C 1237 28.04 1.30 24.09
CA LYS C 1237 27.28 0.32 24.85
C LYS C 1237 27.44 0.55 26.35
N THR C 1238 28.68 0.62 26.82
CA THR C 1238 28.90 0.86 28.25
C THR C 1238 28.56 2.30 28.63
N MET C 1239 28.81 3.25 27.73
CA MET C 1239 28.41 4.64 27.98
C MET C 1239 26.92 4.71 28.28
N LEU C 1240 26.10 4.04 27.47
CA LEU C 1240 24.66 4.04 27.70
C LEU C 1240 24.27 3.17 28.90
N GLU C 1241 25.02 2.10 29.16
CA GLU C 1241 24.76 1.29 30.35
C GLU C 1241 24.86 2.13 31.62
N TYR C 1242 25.83 3.05 31.65
CA TYR C 1242 25.96 3.92 32.82
C TYR C 1242 25.06 5.16 32.75
N ALA C 1243 24.78 5.64 31.53
CA ALA C 1243 23.80 6.71 31.39
C ALA C 1243 22.43 6.27 31.84
N ASP C 1244 22.09 4.99 31.67
CA ASP C 1244 20.82 4.47 32.15
C ASP C 1244 20.72 4.60 33.67
N LYS C 1245 21.80 4.24 34.37
CA LYS C 1245 21.82 4.39 35.82
C LYS C 1245 21.70 5.85 36.22
N VAL C 1246 22.42 6.73 35.52
CA VAL C 1246 22.32 8.16 35.80
C VAL C 1246 20.89 8.64 35.64
N PHE C 1247 20.26 8.28 34.52
CA PHE C 1247 18.91 8.77 34.23
C PHE C 1247 17.91 8.23 35.23
N THR C 1248 18.01 6.95 35.60
CA THR C 1248 17.03 6.40 36.54
C THR C 1248 17.23 6.95 37.94
N TYR C 1249 18.48 7.19 38.36
CA TYR C 1249 18.71 7.84 39.64
C TYR C 1249 18.12 9.24 39.65
N ILE C 1250 18.29 9.99 38.56
CA ILE C 1250 17.80 11.36 38.53
C ILE C 1250 16.27 11.37 38.51
N PHE C 1251 15.66 10.41 37.77
CA PHE C 1251 14.22 10.31 37.78
C PHE C 1251 13.66 9.88 39.13
N ILE C 1252 14.39 9.02 39.85
CA ILE C 1252 13.98 8.68 41.21
C ILE C 1252 14.02 9.92 42.11
N LEU C 1253 15.09 10.70 41.99
CA LEU C 1253 15.16 11.95 42.75
C LEU C 1253 14.01 12.88 42.40
N GLU C 1254 13.70 12.99 41.10
CA GLU C 1254 12.63 13.85 40.64
C GLU C 1254 11.27 13.38 41.17
N MET C 1255 11.05 12.06 41.20
CA MET C 1255 9.82 11.50 41.76
C MET C 1255 9.71 11.78 43.26
N LEU C 1256 10.82 11.61 44.00
CA LEU C 1256 10.80 11.92 45.43
C LEU C 1256 10.55 13.40 45.68
N LEU C 1257 11.12 14.29 44.85
CA LEU C 1257 10.81 15.71 44.99
C LEU C 1257 9.34 15.99 44.73
N LYS C 1258 8.76 15.40 43.69
CA LYS C 1258 7.33 15.59 43.46
C LYS C 1258 6.51 15.06 44.64
N TRP C 1259 6.91 13.92 45.20
CA TRP C 1259 6.24 13.40 46.39
C TRP C 1259 6.26 14.43 47.51
N VAL C 1260 7.46 14.82 47.93
CA VAL C 1260 7.61 15.66 49.12
C VAL C 1260 7.08 17.07 48.86
N ALA C 1261 6.80 17.39 47.60
CA ALA C 1261 6.20 18.68 47.27
C ALA C 1261 4.68 18.65 47.11
N TYR C 1262 4.10 17.50 46.75
CA TYR C 1262 2.67 17.44 46.47
C TYR C 1262 1.86 16.64 47.48
N GLY C 1263 2.40 15.55 48.00
CA GLY C 1263 1.61 14.66 48.83
C GLY C 1263 1.23 13.40 48.07
N PHE C 1264 1.11 12.28 48.76
CA PHE C 1264 0.81 11.02 48.09
C PHE C 1264 -0.56 11.08 47.42
N GLN C 1265 -1.55 11.66 48.09
CA GLN C 1265 -2.89 11.75 47.52
C GLN C 1265 -2.90 12.56 46.24
N THR C 1266 -2.34 13.77 46.29
CA THR C 1266 -2.34 14.65 45.13
C THR C 1266 -1.37 14.18 44.05
N TYR C 1267 -0.43 13.29 44.38
CA TYR C 1267 0.45 12.74 43.35
C TYR C 1267 -0.20 11.54 42.65
N PHE C 1268 -0.79 10.63 43.40
CA PHE C 1268 -1.45 9.47 42.80
C PHE C 1268 -2.85 9.78 42.31
N THR C 1269 -3.33 11.01 42.48
CA THR C 1269 -4.53 11.46 41.78
C THR C 1269 -4.27 11.72 40.31
N ASN C 1270 -3.07 12.14 39.95
CA ASN C 1270 -2.76 12.54 38.57
C ASN C 1270 -2.41 11.32 37.73
N ALA C 1271 -3.07 11.20 36.57
CA ALA C 1271 -2.76 10.11 35.65
C ALA C 1271 -1.36 10.21 35.09
N TRP C 1272 -0.91 11.44 34.79
CA TRP C 1272 0.44 11.63 34.28
C TRP C 1272 1.46 11.22 35.34
N CYS C 1273 1.21 11.60 36.60
CA CYS C 1273 2.08 11.19 37.69
C CYS C 1273 2.07 9.68 37.86
N TRP C 1274 0.91 9.04 37.69
CA TRP C 1274 0.86 7.58 37.74
C TRP C 1274 1.73 6.97 36.64
N LEU C 1275 1.67 7.51 35.43
CA LEU C 1275 2.47 6.97 34.33
C LEU C 1275 3.95 7.12 34.63
N ASP C 1276 4.36 8.31 35.10
CA ASP C 1276 5.76 8.53 35.44
C ASP C 1276 6.20 7.61 36.57
N PHE C 1277 5.34 7.42 37.58
CA PHE C 1277 5.67 6.55 38.70
C PHE C 1277 5.82 5.10 38.26
N LEU C 1278 4.95 4.63 37.37
CA LEU C 1278 5.06 3.27 36.86
C LEU C 1278 6.35 3.09 36.05
N ILE C 1279 6.70 4.06 35.21
CA ILE C 1279 7.94 3.94 34.45
C ILE C 1279 9.15 3.94 35.38
N VAL C 1280 9.13 4.80 36.40
CA VAL C 1280 10.23 4.84 37.36
C VAL C 1280 10.33 3.52 38.12
N ASP C 1281 9.18 2.94 38.49
CA ASP C 1281 9.19 1.65 39.17
C ASP C 1281 9.77 0.56 38.29
N VAL C 1282 9.39 0.54 37.01
CA VAL C 1282 9.94 -0.46 36.10
C VAL C 1282 11.45 -0.32 36.00
N SER C 1283 11.93 0.92 35.85
CA SER C 1283 13.38 1.15 35.77
C SER C 1283 14.08 0.73 37.06
N LEU C 1284 13.45 1.01 38.22
CA LEU C 1284 14.05 0.65 39.49
C LEU C 1284 14.13 -0.87 39.66
N VAL C 1285 13.08 -1.59 39.29
CA VAL C 1285 13.13 -3.05 39.36
C VAL C 1285 14.21 -3.60 38.43
N SER C 1286 14.33 -3.02 37.23
CA SER C 1286 15.39 -3.45 36.32
C SER C 1286 16.76 -3.22 36.93
N LEU C 1287 16.96 -2.05 37.55
CA LEU C 1287 18.24 -1.75 38.19
C LEU C 1287 18.54 -2.72 39.33
N VAL C 1288 17.53 -3.01 40.15
CA VAL C 1288 17.73 -3.92 41.28
C VAL C 1288 18.07 -5.31 40.79
N ALA C 1289 17.38 -5.78 39.74
CA ALA C 1289 17.69 -7.09 39.19
C ALA C 1289 19.11 -7.13 38.64
N ASN C 1290 19.50 -6.09 37.91
CA ASN C 1290 20.86 -6.06 37.34
C ASN C 1290 21.92 -6.01 38.44
N ALA C 1291 21.67 -5.26 39.52
CA ALA C 1291 22.63 -5.18 40.61
C ALA C 1291 22.73 -6.50 41.36
N LEU C 1292 21.60 -7.16 41.61
CA LEU C 1292 21.63 -8.41 42.36
C LEU C 1292 22.10 -9.58 41.52
N GLY C 1293 22.09 -9.45 40.18
CA GLY C 1293 22.55 -10.52 39.32
C GLY C 1293 21.44 -11.30 38.67
N TYR C 1294 20.19 -10.92 38.88
CA TYR C 1294 19.04 -11.58 38.25
C TYR C 1294 18.76 -10.99 36.88
N SER C 1295 19.78 -10.94 36.02
CA SER C 1295 19.64 -10.35 34.70
C SER C 1295 19.32 -11.38 33.63
N GLU C 1296 19.92 -12.56 33.70
CA GLU C 1296 19.73 -13.60 32.68
C GLU C 1296 18.57 -14.52 33.08
N LEU C 1297 17.41 -13.91 33.30
CA LEU C 1297 16.17 -14.63 33.54
C LEU C 1297 15.14 -14.16 32.55
N GLY C 1298 14.23 -15.05 32.16
CA GLY C 1298 13.23 -14.73 31.16
C GLY C 1298 12.30 -13.59 31.55
N ALA C 1299 11.80 -13.62 32.77
CA ALA C 1299 10.88 -12.57 33.23
C ALA C 1299 11.58 -11.21 33.27
N ILE C 1300 12.81 -11.17 33.78
CA ILE C 1300 13.54 -9.91 33.84
C ILE C 1300 13.89 -9.42 32.44
N LYS C 1301 14.26 -10.31 31.54
CA LYS C 1301 14.55 -9.90 30.17
C LYS C 1301 13.32 -9.36 29.47
N SER C 1302 12.15 -9.98 29.70
CA SER C 1302 10.91 -9.47 29.13
C SER C 1302 10.52 -8.13 29.75
N LEU C 1303 10.75 -7.95 31.04
CA LEU C 1303 10.49 -6.67 31.68
C LEU C 1303 11.45 -5.59 31.20
N ARG C 1304 12.65 -5.97 30.78
CA ARG C 1304 13.59 -4.99 30.20
C ARG C 1304 13.03 -4.39 28.92
N THR C 1305 12.22 -5.14 28.17
CA THR C 1305 11.59 -4.61 26.97
C THR C 1305 10.66 -3.45 27.28
N LEU C 1306 10.19 -3.35 28.54
CA LEU C 1306 9.35 -2.24 28.95
C LEU C 1306 10.11 -0.93 29.00
N ARG C 1307 11.44 -0.95 28.85
CA ARG C 1307 12.22 0.28 28.78
C ARG C 1307 11.82 1.12 27.57
N ALA C 1308 11.15 0.52 26.59
CA ALA C 1308 10.65 1.28 25.45
C ALA C 1308 9.55 2.24 25.85
N LEU C 1309 9.02 2.12 27.07
CA LEU C 1309 8.00 3.02 27.57
C LEU C 1309 8.60 4.31 28.12
N ARG C 1310 9.92 4.41 28.20
CA ARG C 1310 10.56 5.61 28.70
C ARG C 1310 10.19 6.88 27.94
N PRO C 1311 10.08 6.89 26.61
CA PRO C 1311 9.66 8.12 25.92
C PRO C 1311 8.28 8.63 26.34
N LEU C 1312 7.49 7.82 27.05
CA LEU C 1312 6.14 8.25 27.43
C LEU C 1312 6.15 9.41 28.42
N ARG C 1313 7.26 9.65 29.11
CA ARG C 1313 7.32 10.78 30.03
C ARG C 1313 7.15 12.11 29.31
N ALA C 1314 7.44 12.14 28.00
CA ALA C 1314 7.31 13.37 27.23
C ALA C 1314 5.85 13.81 27.09
N LEU C 1315 4.90 12.91 27.34
CA LEU C 1315 3.50 13.27 27.22
C LEU C 1315 3.11 14.37 28.20
N SER C 1316 3.56 14.24 29.46
CA SER C 1316 3.21 15.24 30.47
C SER C 1316 4.00 16.53 30.29
N ARG C 1317 5.11 16.50 29.57
CA ARG C 1317 5.98 17.66 29.43
C ARG C 1317 5.66 18.49 28.19
N PHE C 1318 5.42 17.86 27.05
CA PHE C 1318 5.15 18.59 25.82
C PHE C 1318 3.69 19.04 25.80
N GLU C 1319 3.48 20.36 25.68
CA GLU C 1319 2.14 20.91 25.81
C GLU C 1319 1.22 20.48 24.67
N GLY C 1320 1.69 20.54 23.43
CA GLY C 1320 0.86 20.13 22.30
C GLY C 1320 0.55 18.64 22.34
N MET C 1321 1.56 17.84 22.69
CA MET C 1321 1.35 16.41 22.84
C MET C 1321 0.30 16.13 23.92
N ARG C 1322 0.39 16.84 25.05
CA ARG C 1322 -0.57 16.67 26.13
C ARG C 1322 -1.98 17.02 25.69
N VAL C 1323 -2.14 18.14 24.98
CA VAL C 1323 -3.48 18.55 24.60
C VAL C 1323 -4.07 17.59 23.56
N VAL C 1324 -3.23 17.06 22.65
CA VAL C 1324 -3.74 16.09 21.70
C VAL C 1324 -4.14 14.80 22.40
N VAL C 1325 -3.35 14.35 23.38
CA VAL C 1325 -3.72 13.15 24.13
C VAL C 1325 -5.02 13.37 24.89
N ASN C 1326 -5.19 14.57 25.47
CA ASN C 1326 -6.43 14.89 26.17
C ASN C 1326 -7.62 14.87 25.20
N ALA C 1327 -7.44 15.43 24.01
CA ALA C 1327 -8.51 15.44 23.01
C ALA C 1327 -8.88 14.02 22.60
N LEU C 1328 -7.90 13.14 22.42
CA LEU C 1328 -8.18 11.74 22.12
C LEU C 1328 -8.92 11.04 23.26
N VAL C 1329 -8.49 11.26 24.50
CA VAL C 1329 -9.12 10.60 25.63
C VAL C 1329 -10.54 11.12 25.85
N GLY C 1330 -10.79 12.39 25.52
CA GLY C 1330 -12.14 12.91 25.64
C GLY C 1330 -13.12 12.24 24.70
N ALA C 1331 -12.67 11.88 23.50
CA ALA C 1331 -13.54 11.24 22.52
C ALA C 1331 -13.52 9.71 22.61
N ILE C 1332 -12.60 9.13 23.36
CA ILE C 1332 -12.48 7.68 23.45
C ILE C 1332 -13.74 6.95 23.94
N PRO C 1333 -14.67 7.54 24.76
CA PRO C 1333 -15.86 6.76 25.15
C PRO C 1333 -16.83 6.44 24.01
N SER C 1334 -17.21 7.46 23.25
CA SER C 1334 -18.08 7.23 22.09
C SER C 1334 -17.38 6.36 21.06
N ILE C 1335 -16.07 6.58 20.87
CA ILE C 1335 -15.30 5.73 19.97
C ILE C 1335 -15.32 4.28 20.44
N MET C 1336 -15.23 4.04 21.75
CA MET C 1336 -15.27 2.68 22.26
C MET C 1336 -16.64 2.04 22.06
N ASN C 1337 -17.71 2.81 22.27
CA ASN C 1337 -19.05 2.28 22.03
C ASN C 1337 -19.23 1.88 20.56
N VAL C 1338 -18.83 2.77 19.65
CA VAL C 1338 -18.95 2.46 18.24
C VAL C 1338 -17.99 1.35 17.83
N LEU C 1339 -16.84 1.24 18.49
CA LEU C 1339 -15.93 0.14 18.20
C LEU C 1339 -16.50 -1.19 18.69
N LEU C 1340 -17.26 -1.17 19.78
CA LEU C 1340 -17.99 -2.37 20.19
C LEU C 1340 -19.03 -2.76 19.14
N VAL C 1341 -19.71 -1.76 18.58
CA VAL C 1341 -20.63 -2.02 17.47
C VAL C 1341 -19.89 -2.65 16.30
N CYS C 1342 -18.73 -2.09 15.95
CA CYS C 1342 -17.92 -2.62 14.87
C CYS C 1342 -17.46 -4.04 15.17
N LEU C 1343 -17.09 -4.31 16.42
CA LEU C 1343 -16.69 -5.66 16.82
C LEU C 1343 -17.85 -6.64 16.64
N ILE C 1344 -19.06 -6.24 17.00
CA ILE C 1344 -20.20 -7.13 16.82
C ILE C 1344 -20.46 -7.40 15.34
N PHE C 1345 -20.39 -6.36 14.52
CA PHE C 1345 -20.60 -6.54 13.08
C PHE C 1345 -19.52 -7.43 12.48
N TRP C 1346 -18.26 -7.19 12.86
CA TRP C 1346 -17.17 -8.00 12.36
C TRP C 1346 -17.22 -9.41 12.93
N LEU C 1347 -17.81 -9.59 14.11
CA LEU C 1347 -17.99 -10.93 14.66
C LEU C 1347 -19.02 -11.70 13.86
N ILE C 1348 -20.11 -11.04 13.46
CA ILE C 1348 -21.07 -11.66 12.56
C ILE C 1348 -20.37 -12.10 11.28
N PHE C 1349 -19.61 -11.19 10.67
CA PHE C 1349 -18.91 -11.52 9.44
C PHE C 1349 -17.83 -12.59 9.63
N SER C 1350 -17.14 -12.59 10.76
CA SER C 1350 -16.13 -13.58 11.08
C SER C 1350 -16.71 -14.96 11.30
N ILE C 1351 -17.85 -15.05 11.98
CA ILE C 1351 -18.51 -16.35 12.13
C ILE C 1351 -19.01 -16.85 10.79
N MET C 1352 -19.52 -15.96 9.94
CA MET C 1352 -19.90 -16.37 8.60
C MET C 1352 -18.69 -16.89 7.82
N GLY C 1353 -17.57 -16.18 7.90
CA GLY C 1353 -16.36 -16.62 7.22
C GLY C 1353 -15.83 -17.93 7.77
N VAL C 1354 -15.92 -18.11 9.08
CA VAL C 1354 -15.52 -19.38 9.68
C VAL C 1354 -16.38 -20.51 9.16
N ASN C 1355 -17.71 -20.32 9.18
CA ASN C 1355 -18.62 -21.31 8.61
C ASN C 1355 -18.24 -21.66 7.19
N LEU C 1356 -17.94 -20.65 6.38
CA LEU C 1356 -17.59 -20.88 4.98
C LEU C 1356 -16.28 -21.67 4.84
N PHE C 1357 -15.23 -21.26 5.55
CA PHE C 1357 -13.91 -21.85 5.30
C PHE C 1357 -13.54 -22.88 6.36
N ALA C 1358 -13.44 -22.47 7.62
CA ALA C 1358 -13.05 -23.34 8.73
C ALA C 1358 -11.89 -24.27 8.37
N GLY C 1359 -10.74 -23.67 8.08
CA GLY C 1359 -9.56 -24.46 7.85
C GLY C 1359 -9.47 -25.10 6.48
N LYS C 1360 -10.19 -24.57 5.49
CA LYS C 1360 -10.02 -24.99 4.12
C LYS C 1360 -8.83 -24.32 3.46
N PHE C 1361 -8.11 -23.46 4.19
CA PHE C 1361 -6.93 -22.77 3.68
C PHE C 1361 -5.68 -23.64 3.70
N TYR C 1362 -5.77 -24.84 4.25
CA TYR C 1362 -4.62 -25.72 4.36
C TYR C 1362 -4.29 -26.28 2.97
N HIS C 1363 -3.04 -26.15 2.55
CA HIS C 1363 -2.60 -26.58 1.23
C HIS C 1363 -1.22 -27.20 1.31
N CYS C 1364 -0.89 -28.02 0.31
CA CYS C 1364 0.42 -28.64 0.23
C CYS C 1364 1.34 -27.77 -0.61
N VAL C 1365 2.44 -27.33 -0.02
CA VAL C 1365 3.47 -26.58 -0.72
C VAL C 1365 4.61 -27.53 -1.05
N ASN C 1366 5.09 -27.47 -2.29
CA ASN C 1366 6.22 -28.29 -2.72
C ASN C 1366 7.45 -27.79 -1.99
N MET C 1367 7.86 -28.53 -0.95
CA MET C 1367 8.82 -28.00 0.02
C MET C 1367 10.14 -27.58 -0.62
N THR C 1368 10.48 -28.17 -1.77
CA THR C 1368 11.75 -27.85 -2.43
C THR C 1368 11.72 -26.54 -3.20
N THR C 1369 10.54 -25.98 -3.48
CA THR C 1369 10.43 -24.75 -4.26
C THR C 1369 9.59 -23.66 -3.60
N GLY C 1370 8.61 -24.01 -2.77
CA GLY C 1370 7.76 -23.03 -2.12
C GLY C 1370 6.46 -22.73 -2.82
N ASN C 1371 6.06 -23.55 -3.79
CA ASN C 1371 4.83 -23.33 -4.54
C ASN C 1371 3.81 -24.41 -4.25
N MET C 1372 2.54 -24.10 -4.49
CA MET C 1372 1.45 -25.01 -4.17
C MET C 1372 1.39 -26.18 -5.15
N PHE C 1373 1.07 -27.36 -4.63
CA PHE C 1373 0.89 -28.52 -5.50
C PHE C 1373 -0.39 -28.38 -6.32
N ASP C 1374 -0.41 -29.06 -7.47
CA ASP C 1374 -1.64 -29.18 -8.24
C ASP C 1374 -2.38 -30.44 -7.85
N ILE C 1375 -3.70 -30.45 -8.09
CA ILE C 1375 -4.52 -31.58 -7.69
C ILE C 1375 -4.24 -32.79 -8.57
N SER C 1376 -3.62 -32.57 -9.73
CA SER C 1376 -3.22 -33.69 -10.57
C SER C 1376 -2.19 -34.57 -9.87
N ASP C 1377 -1.43 -34.00 -8.94
CA ASP C 1377 -0.45 -34.74 -8.15
C ASP C 1377 -0.91 -35.00 -6.72
N VAL C 1378 -1.38 -33.97 -6.02
CA VAL C 1378 -1.82 -34.10 -4.64
C VAL C 1378 -3.22 -33.50 -4.53
N ASN C 1379 -4.19 -34.31 -4.11
CA ASN C 1379 -5.59 -33.90 -4.07
C ASN C 1379 -6.12 -33.72 -2.65
N ASN C 1380 -5.51 -34.33 -1.64
CA ASN C 1380 -6.07 -34.33 -0.30
C ASN C 1380 -4.97 -34.63 0.71
N LEU C 1381 -5.34 -34.56 1.99
CA LEU C 1381 -4.36 -34.66 3.08
C LEU C 1381 -3.71 -36.03 3.12
N SER C 1382 -4.42 -37.09 2.74
CA SER C 1382 -3.83 -38.42 2.73
C SER C 1382 -2.66 -38.48 1.75
N ASP C 1383 -2.73 -37.68 0.69
CA ASP C 1383 -1.61 -37.64 -0.29
C ASP C 1383 -0.50 -36.66 0.12
N CYS C 1384 -0.79 -35.61 0.87
CA CYS C 1384 0.25 -34.67 1.37
C CYS C 1384 0.87 -35.19 2.64
N GLN C 1385 0.77 -36.49 2.88
CA GLN C 1385 1.30 -37.11 4.11
C GLN C 1385 1.83 -38.41 3.56
N ALA C 1386 2.04 -38.43 2.26
CA ALA C 1386 2.54 -39.66 1.62
C ALA C 1386 3.61 -39.23 0.64
N LEU C 1387 3.66 -37.94 0.35
CA LEU C 1387 4.73 -37.41 -0.51
C LEU C 1387 5.96 -37.41 0.39
N GLY C 1388 5.83 -36.79 1.57
CA GLY C 1388 6.69 -37.03 2.74
C GLY C 1388 7.97 -36.24 2.63
N LYS C 1389 8.19 -35.25 3.49
CA LYS C 1389 9.40 -34.38 3.49
C LYS C 1389 9.33 -33.37 2.35
N GLN C 1390 8.72 -33.74 1.22
CA GLN C 1390 8.52 -32.78 0.11
C GLN C 1390 7.15 -32.15 0.25
N ALA C 1391 6.37 -32.53 1.26
CA ALA C 1391 5.03 -31.97 1.36
C ALA C 1391 4.81 -31.56 2.81
N ARG C 1392 4.35 -30.33 3.01
CA ARG C 1392 4.33 -29.74 4.34
C ARG C 1392 2.92 -29.51 4.89
N TRP C 1393 1.90 -29.49 4.03
CA TRP C 1393 0.53 -29.18 4.44
C TRP C 1393 0.46 -27.81 5.12
N LYS C 1394 1.02 -26.82 4.43
CA LYS C 1394 1.18 -25.49 4.98
C LYS C 1394 -0.17 -24.81 5.18
N ASN C 1395 -0.23 -23.92 6.17
CA ASN C 1395 -1.37 -23.08 6.44
C ASN C 1395 -1.14 -21.72 5.77
N VAL C 1396 -2.09 -20.81 5.94
CA VAL C 1396 -1.94 -19.45 5.43
C VAL C 1396 -1.41 -18.49 6.50
N LYS C 1397 -1.64 -18.80 7.78
CA LYS C 1397 -1.18 -18.03 8.94
C LYS C 1397 -1.98 -16.75 9.11
N VAL C 1398 -2.80 -16.42 8.12
CA VAL C 1398 -3.88 -15.44 8.27
C VAL C 1398 -5.10 -16.05 7.62
N ASN C 1399 -5.93 -16.73 8.41
CA ASN C 1399 -7.02 -17.53 7.86
C ASN C 1399 -8.25 -17.31 8.73
N PHE C 1400 -9.27 -18.14 8.50
CA PHE C 1400 -10.51 -18.10 9.26
C PHE C 1400 -10.72 -19.37 10.09
N ASP C 1401 -9.65 -19.92 10.65
CA ASP C 1401 -9.77 -21.16 11.42
C ASP C 1401 -10.66 -20.99 12.64
N ASN C 1402 -10.50 -19.89 13.38
CA ASN C 1402 -11.36 -19.58 14.50
C ASN C 1402 -11.72 -18.09 14.42
N VAL C 1403 -12.45 -17.61 15.42
CA VAL C 1403 -12.94 -16.24 15.36
C VAL C 1403 -11.81 -15.23 15.52
N GLY C 1404 -10.77 -15.55 16.29
CA GLY C 1404 -9.65 -14.64 16.40
C GLY C 1404 -8.91 -14.46 15.08
N ALA C 1405 -8.61 -15.58 14.42
CA ALA C 1405 -7.99 -15.51 13.10
C ALA C 1405 -8.93 -14.86 12.10
N GLY C 1406 -10.24 -15.05 12.26
CA GLY C 1406 -11.19 -14.35 11.40
C GLY C 1406 -11.16 -12.86 11.60
N TYR C 1407 -11.03 -12.41 12.85
CA TYR C 1407 -10.87 -10.99 13.13
C TYR C 1407 -9.61 -10.44 12.48
N LEU C 1408 -8.50 -11.20 12.57
CA LEU C 1408 -7.25 -10.75 11.95
C LEU C 1408 -7.41 -10.64 10.43
N ALA C 1409 -8.01 -11.66 9.81
CA ALA C 1409 -8.20 -11.64 8.36
C ALA C 1409 -9.16 -10.53 7.93
N LEU C 1410 -10.23 -10.30 8.69
CA LEU C 1410 -11.14 -9.21 8.38
C LEU C 1410 -10.48 -7.86 8.54
N LEU C 1411 -9.61 -7.72 9.54
CA LEU C 1411 -8.85 -6.48 9.67
C LEU C 1411 -7.96 -6.26 8.45
N GLN C 1412 -7.29 -7.31 7.99
CA GLN C 1412 -6.47 -7.17 6.79
C GLN C 1412 -7.32 -6.80 5.58
N VAL C 1413 -8.47 -7.45 5.42
CA VAL C 1413 -9.34 -7.19 4.27
C VAL C 1413 -9.87 -5.76 4.30
N ALA C 1414 -10.30 -5.27 5.47
CA ALA C 1414 -10.85 -3.94 5.59
C ALA C 1414 -9.79 -2.85 5.56
N THR C 1415 -8.53 -3.16 5.89
CA THR C 1415 -7.45 -2.22 5.65
C THR C 1415 -6.93 -2.26 4.23
N PHE C 1416 -7.26 -3.32 3.49
CA PHE C 1416 -7.03 -3.48 2.06
C PHE C 1416 -5.56 -3.83 1.78
N LYS C 1417 -4.78 -4.14 2.81
CA LYS C 1417 -3.39 -4.56 2.66
C LYS C 1417 -3.25 -5.90 3.38
N GLY C 1418 -3.46 -6.98 2.64
CA GLY C 1418 -3.43 -8.31 3.21
C GLY C 1418 -4.57 -9.16 2.70
N TRP C 1419 -5.55 -8.49 2.09
CA TRP C 1419 -6.74 -9.16 1.57
C TRP C 1419 -6.40 -10.04 0.37
N MET C 1420 -5.24 -9.82 -0.25
CA MET C 1420 -4.90 -10.51 -1.49
C MET C 1420 -4.79 -12.02 -1.27
N ASP C 1421 -3.85 -12.45 -0.43
CA ASP C 1421 -3.63 -13.87 -0.22
C ASP C 1421 -4.81 -14.51 0.50
N ILE C 1422 -5.50 -13.74 1.35
CA ILE C 1422 -6.69 -14.25 2.04
C ILE C 1422 -7.75 -14.64 1.02
N MET C 1423 -8.07 -13.73 0.10
CA MET C 1423 -9.08 -14.02 -0.90
C MET C 1423 -8.61 -15.09 -1.87
N TYR C 1424 -7.30 -15.11 -2.17
CA TYR C 1424 -6.78 -16.17 -3.03
C TYR C 1424 -7.02 -17.55 -2.42
N ALA C 1425 -6.62 -17.73 -1.15
CA ALA C 1425 -6.78 -19.02 -0.51
C ALA C 1425 -8.26 -19.37 -0.33
N ALA C 1426 -9.08 -18.38 0.04
CA ALA C 1426 -10.50 -18.64 0.24
C ALA C 1426 -11.16 -19.08 -1.06
N VAL C 1427 -10.85 -18.40 -2.17
CA VAL C 1427 -11.44 -18.76 -3.45
C VAL C 1427 -10.91 -20.12 -3.91
N ASP C 1428 -9.64 -20.42 -3.64
CA ASP C 1428 -9.07 -21.70 -4.03
C ASP C 1428 -9.64 -22.87 -3.23
N SER C 1429 -10.04 -22.63 -1.98
CA SER C 1429 -10.48 -23.69 -1.08
C SER C 1429 -11.61 -24.53 -1.68
N ARG C 1430 -11.52 -25.85 -1.50
CA ARG C 1430 -12.58 -26.77 -1.89
C ARG C 1430 -13.42 -27.20 -0.69
N ASP C 1431 -12.78 -27.81 0.31
CA ASP C 1431 -13.46 -28.36 1.47
C ASP C 1431 -12.40 -28.73 2.50
N VAL C 1432 -12.87 -29.04 3.71
CA VAL C 1432 -11.96 -29.39 4.79
C VAL C 1432 -11.13 -30.61 4.41
N LYS C 1433 -9.82 -30.53 4.67
CA LYS C 1433 -8.85 -31.58 4.38
C LYS C 1433 -8.74 -31.89 2.89
N LEU C 1434 -8.93 -30.90 2.03
CA LEU C 1434 -8.86 -31.10 0.58
C LEU C 1434 -7.95 -30.05 -0.04
N GLN C 1435 -7.18 -30.48 -1.03
CA GLN C 1435 -6.25 -29.56 -1.70
C GLN C 1435 -7.03 -28.50 -2.48
N PRO C 1436 -6.71 -27.22 -2.32
CA PRO C 1436 -7.42 -26.18 -3.06
C PRO C 1436 -7.13 -26.24 -4.55
N VAL C 1437 -8.08 -25.73 -5.34
CA VAL C 1437 -7.96 -25.63 -6.79
C VAL C 1437 -8.05 -24.17 -7.18
N TYR C 1438 -7.26 -23.76 -8.17
CA TYR C 1438 -7.26 -22.38 -8.63
C TYR C 1438 -8.66 -21.93 -8.99
N GLU C 1439 -9.21 -21.01 -8.20
CA GLU C 1439 -10.55 -20.47 -8.41
C GLU C 1439 -11.61 -21.57 -8.47
N GLU C 1440 -11.51 -22.54 -7.57
CA GLU C 1440 -12.56 -23.55 -7.45
C GLU C 1440 -13.86 -22.92 -6.97
N ASN C 1441 -13.81 -22.18 -5.87
CA ASN C 1441 -14.93 -21.34 -5.45
C ASN C 1441 -14.72 -19.91 -5.92
N LEU C 1442 -14.83 -19.73 -7.24
CA LEU C 1442 -14.61 -18.43 -7.85
C LEU C 1442 -15.57 -17.38 -7.32
N TYR C 1443 -16.75 -17.80 -6.86
CA TYR C 1443 -17.77 -16.86 -6.42
C TYR C 1443 -17.69 -16.57 -4.93
N MET C 1444 -16.69 -17.09 -4.21
CA MET C 1444 -16.43 -16.64 -2.86
C MET C 1444 -15.78 -15.28 -2.81
N TYR C 1445 -15.35 -14.74 -3.96
CA TYR C 1445 -14.95 -13.34 -4.03
C TYR C 1445 -16.10 -12.45 -3.57
N LEU C 1446 -17.34 -12.87 -3.83
CA LEU C 1446 -18.51 -12.08 -3.46
C LEU C 1446 -18.64 -11.94 -1.95
N TYR C 1447 -18.24 -12.96 -1.19
CA TYR C 1447 -18.23 -12.81 0.26
C TYR C 1447 -17.44 -11.58 0.66
N PHE C 1448 -16.14 -11.57 0.34
CA PHE C 1448 -15.29 -10.46 0.73
C PHE C 1448 -15.80 -9.14 0.15
N VAL C 1449 -16.23 -9.16 -1.12
CA VAL C 1449 -16.85 -7.96 -1.67
C VAL C 1449 -17.90 -7.43 -0.71
N ILE C 1450 -18.85 -8.29 -0.35
CA ILE C 1450 -19.95 -7.87 0.53
C ILE C 1450 -19.38 -7.33 1.83
N PHE C 1451 -18.35 -8.00 2.35
CA PHE C 1451 -17.77 -7.52 3.60
C PHE C 1451 -17.28 -6.10 3.45
N ILE C 1452 -16.53 -5.84 2.38
CA ILE C 1452 -16.01 -4.49 2.15
C ILE C 1452 -17.16 -3.51 1.98
N ILE C 1453 -18.29 -4.00 1.46
CA ILE C 1453 -19.45 -3.13 1.30
C ILE C 1453 -20.05 -2.78 2.66
N PHE C 1454 -20.10 -3.76 3.57
CA PHE C 1454 -20.80 -3.48 4.83
C PHE C 1454 -19.83 -3.07 5.93
N GLY C 1455 -19.03 -4.03 6.39
CA GLY C 1455 -18.21 -3.84 7.58
C GLY C 1455 -17.01 -2.94 7.38
N SER C 1456 -16.73 -2.58 6.13
CA SER C 1456 -15.71 -1.61 5.82
C SER C 1456 -16.26 -0.31 5.27
N PHE C 1457 -17.54 -0.24 4.91
CA PHE C 1457 -18.08 0.99 4.33
C PHE C 1457 -19.17 1.60 5.18
N PHE C 1458 -20.23 0.85 5.49
CA PHE C 1458 -21.25 1.38 6.38
C PHE C 1458 -20.74 1.47 7.81
N THR C 1459 -19.92 0.52 8.23
CA THR C 1459 -19.27 0.59 9.53
C THR C 1459 -18.36 1.81 9.62
N LEU C 1460 -17.57 2.06 8.57
CA LEU C 1460 -16.74 3.25 8.54
C LEU C 1460 -17.58 4.52 8.51
N ASN C 1461 -18.72 4.48 7.82
CA ASN C 1461 -19.61 5.64 7.81
C ASN C 1461 -20.15 5.93 9.21
N LEU C 1462 -20.57 4.90 9.93
CA LEU C 1462 -21.05 5.10 11.30
C LEU C 1462 -19.92 5.62 12.19
N PHE C 1463 -18.72 5.09 12.04
CA PHE C 1463 -17.58 5.53 12.84
C PHE C 1463 -17.26 7.00 12.57
N ILE C 1464 -17.24 7.39 11.30
CA ILE C 1464 -16.98 8.78 10.94
C ILE C 1464 -18.10 9.68 11.44
N GLY C 1465 -19.35 9.23 11.32
CA GLY C 1465 -20.46 10.05 11.77
C GLY C 1465 -20.44 10.28 13.28
N VAL C 1466 -20.14 9.24 14.05
CA VAL C 1466 -20.05 9.41 15.49
C VAL C 1466 -18.87 10.31 15.84
N ILE C 1467 -17.76 10.21 15.10
CA ILE C 1467 -16.64 11.11 15.38
C ILE C 1467 -17.03 12.56 15.12
N ILE C 1468 -17.70 12.82 14.00
CA ILE C 1468 -18.12 14.19 13.69
C ILE C 1468 -19.08 14.70 14.76
N ASP C 1469 -20.05 13.88 15.16
CA ASP C 1469 -20.99 14.31 16.19
C ASP C 1469 -20.29 14.59 17.51
N ASN C 1470 -19.38 13.70 17.91
CA ASN C 1470 -18.67 13.87 19.17
C ASN C 1470 -17.81 15.11 19.17
N PHE C 1471 -17.08 15.35 18.07
CA PHE C 1471 -16.25 16.55 17.98
C PHE C 1471 -17.09 17.81 17.91
N ASN C 1472 -18.23 17.78 17.23
CA ASN C 1472 -19.10 18.94 17.20
C ASN C 1472 -19.58 19.29 18.61
N GLN C 1473 -20.05 18.29 19.35
CA GLN C 1473 -20.48 18.54 20.73
C GLN C 1473 -19.32 19.01 21.59
N GLN C 1474 -18.14 18.41 21.41
CA GLN C 1474 -16.98 18.76 22.23
C GLN C 1474 -16.54 20.20 22.00
N LYS C 1475 -16.49 20.63 20.74
CA LYS C 1475 -16.14 22.02 20.45
C LYS C 1475 -17.25 23.01 20.79
N LYS C 1476 -18.52 22.59 20.76
CA LYS C 1476 -19.55 23.48 21.28
C LYS C 1476 -19.45 23.63 22.79
N LYS C 1477 -19.03 22.57 23.48
CA LYS C 1477 -18.83 22.65 24.92
C LYS C 1477 -17.60 23.48 25.29
N PHE C 1478 -16.52 23.36 24.52
CA PHE C 1478 -15.30 24.14 24.81
C PHE C 1478 -15.55 25.64 24.79
N GLY C 1479 -16.52 26.12 24.02
CA GLY C 1479 -16.82 27.54 24.00
C GLY C 1479 -16.84 28.29 22.67
N GLY C 1480 -15.91 28.07 21.75
CA GLY C 1480 -14.78 27.16 21.86
C GLY C 1480 -14.51 26.51 20.52
N GLN C 1481 -13.24 26.51 20.10
CA GLN C 1481 -12.87 26.01 18.79
C GLN C 1481 -11.36 25.83 18.75
N ASP C 1482 -10.88 25.16 17.70
CA ASP C 1482 -9.46 24.95 17.44
C ASP C 1482 -8.80 24.14 18.56
N ILE C 1483 -9.30 22.92 18.73
CA ILE C 1483 -8.68 21.95 19.63
C ILE C 1483 -7.40 21.44 18.97
N PHE C 1484 -6.59 20.70 19.73
CA PHE C 1484 -5.25 20.21 19.37
C PHE C 1484 -4.22 21.33 19.42
N MET C 1485 -4.57 22.49 19.97
CA MET C 1485 -3.68 23.64 20.03
C MET C 1485 -3.53 24.10 21.47
N THR C 1486 -2.30 24.45 21.85
CA THR C 1486 -2.04 25.03 23.15
C THR C 1486 -2.29 26.55 23.10
N GLU C 1487 -2.00 27.23 24.20
CA GLU C 1487 -2.29 28.67 24.26
C GLU C 1487 -1.38 29.47 23.33
N GLU C 1488 -0.08 29.15 23.31
CA GLU C 1488 0.83 29.83 22.40
C GLU C 1488 0.45 29.58 20.95
N GLN C 1489 0.08 28.34 20.62
CA GLN C 1489 -0.31 28.03 19.25
C GLN C 1489 -1.65 28.68 18.88
N LYS C 1490 -2.56 28.84 19.85
CA LYS C 1490 -3.79 29.58 19.57
C LYS C 1490 -3.51 31.06 19.31
N LYS C 1491 -2.57 31.63 20.08
CA LYS C 1491 -2.17 33.02 19.81
C LYS C 1491 -1.56 33.15 18.42
N TYR C 1492 -0.68 32.21 18.07
CA TYR C 1492 -0.11 32.21 16.73
C TYR C 1492 -1.19 32.07 15.67
N TYR C 1493 -2.17 31.20 15.91
CA TYR C 1493 -3.22 30.92 14.94
C TYR C 1493 -4.10 32.14 14.71
N ASN C 1494 -4.58 32.76 15.80
CA ASN C 1494 -5.48 33.89 15.63
C ASN C 1494 -4.76 35.18 15.29
N ALA C 1495 -3.43 35.25 15.42
CA ALA C 1495 -2.70 36.37 14.83
C ALA C 1495 -2.40 36.13 13.35
N MET C 1496 -2.10 34.88 12.99
CA MET C 1496 -1.89 34.52 11.60
C MET C 1496 -3.16 34.67 10.78
N LYS C 1497 -4.32 34.47 11.41
CA LYS C 1497 -5.58 34.71 10.72
C LYS C 1497 -5.68 36.16 10.25
N LYS C 1498 -5.40 37.11 11.17
CA LYS C 1498 -5.41 38.52 10.79
C LYS C 1498 -4.32 38.82 9.77
N LEU C 1499 -3.14 38.21 9.94
CA LEU C 1499 -2.05 38.44 9.00
C LEU C 1499 -2.45 38.02 7.58
N GLY C 1500 -3.13 36.89 7.46
CA GLY C 1500 -3.59 36.45 6.15
C GLY C 1500 -4.77 37.23 5.61
N SER C 1501 -5.63 37.72 6.49
CA SER C 1501 -6.78 38.54 6.07
C SER C 1501 -6.36 40.01 5.99
N LYS C 1502 -5.55 40.30 4.97
CA LYS C 1502 -5.07 41.66 4.74
C LYS C 1502 -5.04 41.93 3.24
N LYS C 1503 -5.02 43.22 2.90
CA LYS C 1503 -4.93 43.68 1.53
C LYS C 1503 -3.86 44.75 1.44
N PRO C 1504 -3.21 44.89 0.29
CA PRO C 1504 -2.15 45.91 0.16
C PRO C 1504 -2.74 47.31 0.19
N GLN C 1505 -2.10 48.20 0.95
CA GLN C 1505 -2.55 49.58 1.10
C GLN C 1505 -1.90 50.51 0.08
N LYS C 1506 -1.92 50.08 -1.19
CA LYS C 1506 -1.40 50.78 -2.36
C LYS C 1506 -0.14 51.60 -2.08
N PRO C 1507 0.89 51.02 -1.43
CA PRO C 1507 2.07 51.80 -1.02
C PRO C 1507 3.12 51.91 -2.12
N ILE C 1508 2.69 52.18 -3.34
CA ILE C 1508 3.60 52.35 -4.48
C ILE C 1508 3.17 53.58 -5.25
N PRO C 1509 3.36 54.79 -4.72
CA PRO C 1509 2.85 55.99 -5.40
C PRO C 1509 3.50 56.25 -6.75
N ARG C 1510 4.82 56.45 -6.76
CA ARG C 1510 5.55 56.83 -7.96
C ARG C 1510 7.06 56.85 -7.69
N PRO C 1511 7.89 56.53 -8.68
CA PRO C 1511 9.34 56.75 -8.51
C PRO C 1511 9.68 58.23 -8.51
N ALA C 1512 10.98 58.52 -8.46
CA ALA C 1512 11.46 59.87 -8.20
C ALA C 1512 12.16 60.47 -9.42
N ASN C 1513 11.33 61.08 -10.29
CA ASN C 1513 11.79 62.05 -11.28
C ASN C 1513 12.88 61.53 -12.20
N LYS C 1514 12.56 60.55 -13.04
CA LYS C 1514 13.48 60.05 -14.06
C LYS C 1514 12.67 59.25 -15.07
N PHE C 1515 13.38 58.56 -15.97
CA PHE C 1515 12.73 57.60 -16.85
C PHE C 1515 12.19 56.41 -16.09
N GLN C 1516 12.57 56.27 -14.81
CA GLN C 1516 11.98 55.24 -13.97
C GLN C 1516 10.48 55.43 -13.81
N GLY C 1517 9.96 56.61 -14.08
CA GLY C 1517 8.51 56.80 -14.12
C GLY C 1517 7.84 55.94 -15.16
N MET C 1518 8.31 56.03 -16.40
CA MET C 1518 7.79 55.15 -17.45
C MET C 1518 8.18 53.71 -17.22
N VAL C 1519 9.36 53.47 -16.62
CA VAL C 1519 9.74 52.10 -16.27
C VAL C 1519 8.71 51.48 -15.33
N PHE C 1520 8.32 52.23 -14.30
CA PHE C 1520 7.27 51.81 -13.38
C PHE C 1520 5.93 51.63 -14.09
N ASP C 1521 5.57 52.58 -14.95
CA ASP C 1521 4.29 52.50 -15.65
C ASP C 1521 4.21 51.28 -16.54
N PHE C 1522 5.36 50.82 -17.07
CA PHE C 1522 5.39 49.62 -17.88
C PHE C 1522 5.47 48.35 -17.04
N VAL C 1523 6.23 48.36 -15.94
CA VAL C 1523 6.40 47.16 -15.14
C VAL C 1523 5.11 46.80 -14.40
N THR C 1524 4.42 47.80 -13.85
CA THR C 1524 3.24 47.54 -13.03
C THR C 1524 2.09 46.94 -13.83
N ARG C 1525 2.14 47.02 -15.17
CA ARG C 1525 1.00 46.63 -15.99
C ARG C 1525 0.70 45.13 -15.90
N GLN C 1526 -0.58 44.81 -16.04
CA GLN C 1526 -1.00 43.41 -16.02
C GLN C 1526 -0.43 42.64 -17.20
N VAL C 1527 -0.13 43.32 -18.32
CA VAL C 1527 0.50 42.64 -19.44
C VAL C 1527 1.88 42.11 -19.03
N PHE C 1528 2.66 42.92 -18.33
CA PHE C 1528 3.95 42.44 -17.81
C PHE C 1528 3.76 41.37 -16.74
N ASP C 1529 2.77 41.58 -15.85
CA ASP C 1529 2.51 40.61 -14.79
C ASP C 1529 2.05 39.26 -15.33
N ILE C 1530 1.50 39.23 -16.54
CA ILE C 1530 1.13 37.96 -17.16
C ILE C 1530 2.26 37.42 -18.04
N SER C 1531 3.07 38.29 -18.65
CA SER C 1531 4.21 37.83 -19.43
C SER C 1531 5.22 37.12 -18.55
N ILE C 1532 5.43 37.62 -17.33
CA ILE C 1532 6.35 36.92 -16.41
C ILE C 1532 5.82 35.53 -16.08
N MET C 1533 4.51 35.40 -15.90
CA MET C 1533 3.92 34.09 -15.63
C MET C 1533 4.06 33.17 -16.85
N ILE C 1534 3.91 33.72 -18.05
CA ILE C 1534 4.11 32.93 -19.26
C ILE C 1534 5.55 32.42 -19.35
N LEU C 1535 6.51 33.27 -19.00
CA LEU C 1535 7.91 32.85 -19.00
C LEU C 1535 8.14 31.76 -17.95
N ILE C 1536 7.52 31.88 -16.78
CA ILE C 1536 7.65 30.85 -15.75
C ILE C 1536 7.06 29.52 -16.24
N CYS C 1537 5.91 29.59 -16.92
CA CYS C 1537 5.30 28.38 -17.47
C CYS C 1537 6.18 27.75 -18.54
N LEU C 1538 6.82 28.56 -19.37
CA LEU C 1538 7.74 28.03 -20.37
C LEU C 1538 8.96 27.38 -19.72
N ASN C 1539 9.46 27.96 -18.63
CA ASN C 1539 10.55 27.33 -17.88
C ASN C 1539 10.11 25.98 -17.32
N MET C 1540 8.88 25.92 -16.79
CA MET C 1540 8.36 24.66 -16.28
C MET C 1540 8.27 23.61 -17.39
N VAL C 1541 7.81 24.03 -18.57
CA VAL C 1541 7.69 23.11 -19.69
C VAL C 1541 9.07 22.62 -20.15
N THR C 1542 10.05 23.53 -20.22
CA THR C 1542 11.36 23.09 -20.69
C THR C 1542 12.07 22.23 -19.66
N MET C 1543 11.69 22.33 -18.38
CA MET C 1543 12.19 21.31 -17.45
C MET C 1543 11.47 19.98 -17.65
N MET C 1544 10.16 20.00 -17.88
CA MET C 1544 9.45 18.76 -18.19
C MET C 1544 10.09 18.06 -19.38
N VAL C 1545 10.65 18.82 -20.31
CA VAL C 1545 11.34 18.24 -21.47
C VAL C 1545 12.49 17.33 -21.04
N GLU C 1546 13.06 17.58 -19.86
CA GLU C 1546 14.21 16.79 -19.40
C GLU C 1546 13.85 15.31 -19.31
N THR C 1547 14.84 14.47 -19.64
CA THR C 1547 14.65 13.02 -19.70
C THR C 1547 16.01 12.37 -19.46
N ASP C 1548 15.98 11.20 -18.83
CA ASP C 1548 17.20 10.45 -18.55
C ASP C 1548 17.88 10.02 -19.84
N ASP C 1549 19.21 10.00 -19.81
CA ASP C 1549 20.05 9.59 -20.94
C ASP C 1549 19.79 10.42 -22.19
N GLN C 1550 19.57 11.72 -22.00
CA GLN C 1550 19.43 12.63 -23.13
C GLN C 1550 20.80 12.97 -23.70
N GLY C 1551 20.81 13.47 -24.93
CA GLY C 1551 22.07 13.76 -25.61
C GLY C 1551 22.82 14.91 -24.97
N LYS C 1552 24.12 14.94 -25.25
CA LYS C 1552 24.97 16.03 -24.75
C LYS C 1552 24.56 17.36 -25.36
N TYR C 1553 24.27 17.36 -26.67
CA TYR C 1553 23.76 18.57 -27.32
C TYR C 1553 22.43 18.99 -26.71
N MET C 1554 21.56 18.03 -26.41
CA MET C 1554 20.28 18.35 -25.80
C MET C 1554 20.46 18.97 -24.42
N THR C 1555 21.38 18.41 -23.62
CA THR C 1555 21.66 18.98 -22.31
C THR C 1555 22.24 20.39 -22.43
N LEU C 1556 23.11 20.61 -23.40
CA LEU C 1556 23.65 21.95 -23.62
C LEU C 1556 22.55 22.93 -24.00
N VAL C 1557 21.62 22.50 -24.85
CA VAL C 1557 20.49 23.36 -25.22
C VAL C 1557 19.65 23.69 -23.99
N LEU C 1558 19.39 22.69 -23.16
CA LEU C 1558 18.64 22.93 -21.92
C LEU C 1558 19.36 23.91 -21.01
N SER C 1559 20.69 23.77 -20.90
CA SER C 1559 21.46 24.68 -20.06
C SER C 1559 21.38 26.11 -20.60
N ARG C 1560 21.46 26.27 -21.92
CA ARG C 1560 21.36 27.60 -22.51
C ARG C 1560 19.98 28.20 -22.29
N ILE C 1561 18.93 27.40 -22.44
CA ILE C 1561 17.57 27.89 -22.19
C ILE C 1561 17.40 28.29 -20.73
N ASN C 1562 17.96 27.50 -19.81
CA ASN C 1562 17.88 27.85 -18.40
C ASN C 1562 18.63 29.14 -18.11
N LEU C 1563 19.80 29.33 -18.73
CA LEU C 1563 20.54 30.57 -18.56
C LEU C 1563 19.75 31.77 -19.05
N VAL C 1564 19.10 31.62 -20.22
CA VAL C 1564 18.25 32.69 -20.74
C VAL C 1564 17.10 32.99 -19.79
N PHE C 1565 16.44 31.96 -19.27
CA PHE C 1565 15.34 32.18 -18.33
C PHE C 1565 15.84 32.88 -17.08
N ILE C 1566 17.02 32.49 -16.59
CA ILE C 1566 17.59 33.12 -15.40
C ILE C 1566 17.88 34.59 -15.64
N VAL C 1567 18.45 34.92 -16.80
CA VAL C 1567 18.78 36.32 -17.06
C VAL C 1567 17.52 37.15 -17.23
N LEU C 1568 16.48 36.58 -17.85
CA LEU C 1568 15.20 37.32 -17.93
C LEU C 1568 14.58 37.53 -16.55
N PHE C 1569 14.64 36.51 -15.68
CA PHE C 1569 14.10 36.69 -14.34
C PHE C 1569 14.87 37.75 -13.56
N THR C 1570 16.20 37.75 -13.69
CA THR C 1570 17.00 38.78 -13.03
C THR C 1570 16.71 40.17 -13.61
N GLY C 1571 16.45 40.25 -14.91
CA GLY C 1571 16.05 41.51 -15.50
C GLY C 1571 14.71 42.00 -14.96
N GLU C 1572 13.76 41.09 -14.79
CA GLU C 1572 12.48 41.44 -14.18
C GLU C 1572 12.69 41.96 -12.75
N PHE C 1573 13.54 41.27 -12.00
CA PHE C 1573 13.83 41.70 -10.63
C PHE C 1573 14.47 43.09 -10.61
N VAL C 1574 15.43 43.34 -11.50
CA VAL C 1574 16.11 44.63 -11.47
C VAL C 1574 15.19 45.73 -11.98
N LEU C 1575 14.26 45.42 -12.88
CA LEU C 1575 13.26 46.42 -13.26
C LEU C 1575 12.38 46.78 -12.07
N LYS C 1576 11.91 45.77 -11.32
CA LYS C 1576 11.14 46.08 -10.10
C LYS C 1576 11.97 46.88 -9.11
N LEU C 1577 13.27 46.60 -9.03
CA LEU C 1577 14.14 47.35 -8.13
C LEU C 1577 14.27 48.81 -8.59
N VAL C 1578 14.54 49.02 -9.88
CA VAL C 1578 14.60 50.37 -10.41
C VAL C 1578 13.29 51.11 -10.15
N SER C 1579 12.19 50.38 -10.16
CA SER C 1579 10.89 50.98 -9.85
C SER C 1579 10.81 51.42 -8.39
N LEU C 1580 11.02 50.49 -7.45
CA LEU C 1580 10.69 50.73 -6.05
C LEU C 1580 11.88 50.51 -5.11
N ARG C 1581 13.06 50.99 -5.49
CA ARG C 1581 14.23 51.01 -4.62
C ARG C 1581 13.96 51.48 -3.20
N HIS C 1582 12.94 52.33 -3.02
CA HIS C 1582 12.62 52.84 -1.69
C HIS C 1582 12.40 51.70 -0.71
N TYR C 1583 11.39 50.87 -0.96
CA TYR C 1583 11.14 49.69 -0.13
C TYR C 1583 11.20 48.39 -0.91
N TYR C 1584 10.46 48.28 -2.01
CA TYR C 1584 10.31 47.05 -2.78
C TYR C 1584 9.74 45.91 -1.93
N PHE C 1585 9.40 46.18 -0.67
CA PHE C 1585 9.03 45.11 0.26
C PHE C 1585 7.66 45.34 0.86
N THR C 1586 6.68 45.69 0.02
CA THR C 1586 5.32 45.89 0.52
C THR C 1586 4.72 44.58 1.00
N ILE C 1587 4.83 43.53 0.20
CA ILE C 1587 4.30 42.21 0.54
C ILE C 1587 5.43 41.20 0.41
N GLY C 1588 5.30 40.08 1.12
CA GLY C 1588 6.34 39.07 1.15
C GLY C 1588 6.58 38.36 -0.16
N TRP C 1589 5.71 38.53 -1.15
CA TRP C 1589 5.91 37.88 -2.43
C TRP C 1589 7.14 38.43 -3.15
N ASN C 1590 7.37 39.74 -3.06
CA ASN C 1590 8.58 40.32 -3.64
C ASN C 1590 9.82 39.77 -2.96
N ILE C 1591 9.78 39.62 -1.63
CA ILE C 1591 10.91 39.05 -0.91
C ILE C 1591 11.13 37.60 -1.34
N PHE C 1592 10.05 36.85 -1.54
CA PHE C 1592 10.18 35.47 -2.00
C PHE C 1592 10.82 35.42 -3.40
N ASP C 1593 10.40 36.30 -4.31
CA ASP C 1593 11.02 36.34 -5.62
C ASP C 1593 12.50 36.71 -5.54
N PHE C 1594 12.82 37.68 -4.69
CA PHE C 1594 14.20 38.09 -4.49
C PHE C 1594 15.06 36.93 -3.99
N VAL C 1595 14.59 36.24 -2.94
CA VAL C 1595 15.39 35.15 -2.40
C VAL C 1595 15.47 34.00 -3.38
N VAL C 1596 14.41 33.72 -4.14
CA VAL C 1596 14.47 32.59 -5.06
C VAL C 1596 15.39 32.89 -6.23
N VAL C 1597 15.44 34.14 -6.71
CA VAL C 1597 16.38 34.42 -7.79
C VAL C 1597 17.82 34.38 -7.27
N ILE C 1598 18.07 34.88 -6.05
CA ILE C 1598 19.40 34.75 -5.49
C ILE C 1598 19.78 33.28 -5.37
N LEU C 1599 18.86 32.45 -4.91
CA LEU C 1599 19.16 31.04 -4.71
C LEU C 1599 19.37 30.34 -6.04
N SER C 1600 18.65 30.75 -7.09
CA SER C 1600 18.87 30.17 -8.41
C SER C 1600 20.26 30.51 -8.94
N ILE C 1601 20.68 31.77 -8.78
CA ILE C 1601 22.04 32.14 -9.17
C ILE C 1601 23.07 31.32 -8.39
N VAL C 1602 22.85 31.20 -7.08
CA VAL C 1602 23.81 30.47 -6.26
C VAL C 1602 23.87 29.00 -6.68
N GLY C 1603 22.71 28.40 -6.94
CA GLY C 1603 22.68 27.00 -7.37
C GLY C 1603 23.36 26.79 -8.70
N MET C 1604 23.17 27.72 -9.65
CA MET C 1604 23.89 27.65 -10.93
C MET C 1604 25.40 27.73 -10.70
N PHE C 1605 25.82 28.62 -9.80
CA PHE C 1605 27.25 28.76 -9.53
C PHE C 1605 27.83 27.51 -8.89
N LEU C 1606 27.13 26.89 -7.93
CA LEU C 1606 27.66 25.64 -7.39
C LEU C 1606 27.58 24.50 -8.39
N ALA C 1607 26.60 24.51 -9.30
CA ALA C 1607 26.57 23.47 -10.33
C ALA C 1607 27.79 23.58 -11.23
N GLU C 1608 28.13 24.80 -11.65
CA GLU C 1608 29.34 25.01 -12.42
C GLU C 1608 30.57 24.61 -11.63
N MET C 1609 30.61 24.95 -10.35
CA MET C 1609 31.76 24.61 -9.50
C MET C 1609 31.92 23.09 -9.38
N ILE C 1610 30.81 22.38 -9.19
CA ILE C 1610 30.86 20.92 -9.08
C ILE C 1610 31.32 20.29 -10.38
N GLU C 1611 30.87 20.83 -11.52
CA GLU C 1611 31.36 20.30 -12.79
C GLU C 1611 32.84 20.58 -13.01
N LYS C 1612 33.32 21.74 -12.56
CA LYS C 1612 34.70 22.15 -12.79
C LYS C 1612 35.67 21.61 -11.74
N TYR C 1613 35.18 21.10 -10.63
CA TYR C 1613 36.01 20.67 -9.52
C TYR C 1613 35.46 19.33 -9.03
N PHE C 1614 35.84 18.92 -7.82
CA PHE C 1614 35.37 17.68 -7.20
C PHE C 1614 33.87 17.51 -7.41
N VAL C 1615 33.51 16.44 -8.11
CA VAL C 1615 32.16 16.24 -8.61
C VAL C 1615 31.48 15.13 -7.82
N SER C 1616 30.17 15.29 -7.61
CA SER C 1616 29.34 14.30 -6.96
C SER C 1616 27.91 14.43 -7.45
N PRO C 1617 27.40 13.46 -8.23
CA PRO C 1617 26.02 13.57 -8.72
C PRO C 1617 25.00 13.61 -7.60
N THR C 1618 25.24 12.91 -6.50
CA THR C 1618 24.27 12.88 -5.40
C THR C 1618 24.06 14.26 -4.80
N LEU C 1619 25.04 15.15 -4.90
CA LEU C 1619 24.89 16.53 -4.44
C LEU C 1619 24.50 17.47 -5.58
N PHE C 1620 24.94 17.18 -6.80
CA PHE C 1620 24.57 18.01 -7.94
C PHE C 1620 23.06 17.97 -8.18
N ARG C 1621 22.47 16.78 -8.09
CA ARG C 1621 21.03 16.64 -8.25
C ARG C 1621 20.28 17.42 -7.19
N VAL C 1622 20.76 17.38 -5.94
CA VAL C 1622 20.09 18.10 -4.86
C VAL C 1622 20.23 19.61 -5.06
N ILE C 1623 21.41 20.06 -5.49
CA ILE C 1623 21.64 21.50 -5.65
C ILE C 1623 20.98 22.06 -6.90
N ARG C 1624 20.54 21.21 -7.81
CA ARG C 1624 19.82 21.68 -9.00
C ARG C 1624 18.32 21.88 -8.74
N LEU C 1625 17.93 22.12 -7.48
CA LEU C 1625 16.53 22.24 -7.12
C LEU C 1625 16.04 23.68 -7.00
N ALA C 1626 16.83 24.65 -7.45
CA ALA C 1626 16.35 26.03 -7.48
C ALA C 1626 15.25 26.24 -8.52
N ARG C 1627 15.27 25.43 -9.57
CA ARG C 1627 14.23 25.45 -10.59
C ARG C 1627 12.85 25.18 -9.97
N ILE C 1628 12.82 24.35 -8.93
CA ILE C 1628 11.56 24.06 -8.24
C ILE C 1628 10.98 25.32 -7.63
N GLY C 1629 11.79 26.11 -6.93
CA GLY C 1629 11.29 27.38 -6.40
C GLY C 1629 10.98 28.37 -7.50
N ARG C 1630 11.78 28.38 -8.56
CA ARG C 1630 11.53 29.27 -9.69
C ARG C 1630 10.15 29.03 -10.28
N ILE C 1631 9.66 27.79 -10.26
CA ILE C 1631 8.29 27.56 -10.73
C ILE C 1631 7.28 27.66 -9.60
N LEU C 1632 7.70 27.44 -8.35
CA LEU C 1632 6.80 27.69 -7.23
C LEU C 1632 6.40 29.16 -7.15
N ARG C 1633 7.18 30.04 -7.79
CA ARG C 1633 6.76 31.43 -7.95
C ARG C 1633 5.39 31.57 -8.61
N LEU C 1634 4.87 30.51 -9.23
CA LEU C 1634 3.55 30.57 -9.87
C LEU C 1634 2.45 30.87 -8.86
N ILE C 1635 2.64 30.52 -7.59
CA ILE C 1635 1.62 30.77 -6.58
C ILE C 1635 1.34 32.26 -6.45
N LYS C 1636 2.27 33.11 -6.87
CA LYS C 1636 2.05 34.56 -6.85
C LYS C 1636 0.78 34.93 -7.61
N GLY C 1637 0.59 34.36 -8.80
CA GLY C 1637 -0.59 34.63 -9.58
C GLY C 1637 -1.67 33.57 -9.46
N ALA C 1638 -1.33 32.43 -8.86
CA ALA C 1638 -2.27 31.32 -8.72
C ALA C 1638 -3.23 31.59 -7.57
N LYS C 1639 -4.33 32.26 -7.88
CA LYS C 1639 -5.40 32.45 -6.91
C LYS C 1639 -6.18 31.14 -6.74
N GLY C 1640 -6.75 30.97 -5.55
CA GLY C 1640 -7.37 29.71 -5.19
C GLY C 1640 -6.33 28.76 -4.63
N ILE C 1641 -5.28 28.51 -5.42
CA ILE C 1641 -4.11 27.83 -4.90
C ILE C 1641 -3.53 28.61 -3.73
N ARG C 1642 -3.53 29.95 -3.83
CA ARG C 1642 -3.06 30.78 -2.73
C ARG C 1642 -3.85 30.52 -1.46
N THR C 1643 -5.18 30.52 -1.55
CA THR C 1643 -5.99 30.36 -0.35
C THR C 1643 -5.93 28.93 0.19
N LEU C 1644 -5.76 27.94 -0.68
CA LEU C 1644 -5.62 26.56 -0.21
C LEU C 1644 -4.30 26.36 0.52
N LEU C 1645 -3.20 26.88 -0.03
CA LEU C 1645 -1.93 26.83 0.67
C LEU C 1645 -1.98 27.66 1.96
N PHE C 1646 -2.74 28.75 1.96
CA PHE C 1646 -2.88 29.53 3.19
C PHE C 1646 -3.66 28.75 4.25
N ALA C 1647 -4.67 27.99 3.84
CA ALA C 1647 -5.37 27.12 4.77
C ALA C 1647 -4.42 26.06 5.34
N LEU C 1648 -3.56 25.50 4.48
CA LEU C 1648 -2.55 24.55 4.97
C LEU C 1648 -1.61 25.21 5.98
N MET C 1649 -1.16 26.42 5.67
CA MET C 1649 -0.22 27.10 6.56
C MET C 1649 -0.89 27.52 7.86
N MET C 1650 -2.21 27.73 7.83
CA MET C 1650 -2.98 28.02 9.04
C MET C 1650 -3.21 26.76 9.87
N SER C 1651 -3.38 25.61 9.22
CA SER C 1651 -3.59 24.35 9.93
C SER C 1651 -2.29 23.70 10.39
N LEU C 1652 -1.13 24.22 9.94
CA LEU C 1652 0.14 23.68 10.38
C LEU C 1652 0.31 23.52 11.89
N PRO C 1653 -0.15 24.44 12.77
CA PRO C 1653 0.07 24.21 14.21
C PRO C 1653 -0.58 22.94 14.76
N ALA C 1654 -1.88 22.75 14.51
CA ALA C 1654 -2.55 21.55 14.99
C ALA C 1654 -1.97 20.31 14.35
N LEU C 1655 -1.67 20.38 13.05
CA LEU C 1655 -1.01 19.27 12.38
C LEU C 1655 0.33 18.96 13.01
N PHE C 1656 1.06 19.98 13.47
CA PHE C 1656 2.34 19.77 14.10
C PHE C 1656 2.18 19.11 15.46
N ASN C 1657 1.16 19.50 16.23
CA ASN C 1657 0.91 18.84 17.51
C ASN C 1657 0.57 17.38 17.31
N ILE C 1658 -0.33 17.08 16.37
CA ILE C 1658 -0.70 15.69 16.12
C ILE C 1658 0.49 14.92 15.55
N GLY C 1659 1.30 15.57 14.73
CA GLY C 1659 2.50 14.92 14.22
C GLY C 1659 3.52 14.64 15.30
N LEU C 1660 3.64 15.52 16.29
CA LEU C 1660 4.52 15.26 17.43
C LEU C 1660 4.04 14.06 18.23
N LEU C 1661 2.73 13.98 18.47
CA LEU C 1661 2.20 12.80 19.16
C LEU C 1661 2.44 11.54 18.34
N LEU C 1662 2.23 11.61 17.03
CA LEU C 1662 2.48 10.47 16.15
C LEU C 1662 3.95 10.09 16.14
N PHE C 1663 4.85 11.08 16.17
CA PHE C 1663 6.28 10.79 16.21
C PHE C 1663 6.67 10.12 17.52
N LEU C 1664 6.08 10.56 18.64
CA LEU C 1664 6.35 9.87 19.90
C LEU C 1664 5.87 8.43 19.85
N VAL C 1665 4.67 8.22 19.31
CA VAL C 1665 4.14 6.86 19.18
C VAL C 1665 5.04 6.03 18.27
N MET C 1666 5.51 6.63 17.18
CA MET C 1666 6.43 5.94 16.28
C MET C 1666 7.73 5.59 16.97
N PHE C 1667 8.24 6.50 17.80
CA PHE C 1667 9.48 6.23 18.52
C PHE C 1667 9.32 5.05 19.46
N ILE C 1668 8.21 5.04 20.23
CA ILE C 1668 7.97 3.94 21.16
C ILE C 1668 7.83 2.62 20.40
N TYR C 1669 7.06 2.62 19.32
CA TYR C 1669 6.86 1.38 18.58
C TYR C 1669 8.11 0.94 17.83
N ALA C 1670 8.96 1.90 17.42
CA ALA C 1670 10.21 1.53 16.78
C ALA C 1670 11.18 0.92 17.78
N ILE C 1671 11.20 1.42 19.02
CA ILE C 1671 12.03 0.78 20.04
C ILE C 1671 11.49 -0.61 20.36
N PHE C 1672 10.16 -0.75 20.41
CA PHE C 1672 9.57 -2.08 20.56
C PHE C 1672 10.01 -3.01 19.44
N GLY C 1673 9.99 -2.52 18.20
CA GLY C 1673 10.43 -3.32 17.08
C GLY C 1673 11.89 -3.71 17.20
N MET C 1674 12.75 -2.74 17.51
CA MET C 1674 14.17 -3.01 17.70
C MET C 1674 14.41 -4.05 18.77
N SER C 1675 13.58 -4.04 19.82
CA SER C 1675 13.74 -5.03 20.89
C SER C 1675 13.28 -6.42 20.44
N ASN C 1676 12.12 -6.50 19.79
CA ASN C 1676 11.50 -7.80 19.54
C ASN C 1676 11.82 -8.36 18.15
N PHE C 1677 11.49 -7.61 17.10
CA PHE C 1677 11.48 -8.13 15.73
C PHE C 1677 12.77 -7.81 14.97
N ALA C 1678 13.84 -7.46 15.67
CA ALA C 1678 15.10 -7.15 15.01
C ALA C 1678 15.81 -8.39 14.48
N TYR C 1679 15.32 -9.59 14.81
CA TYR C 1679 15.99 -10.81 14.41
C TYR C 1679 15.05 -11.80 13.72
N VAL C 1680 13.85 -11.36 13.33
CA VAL C 1680 12.92 -12.25 12.64
C VAL C 1680 13.45 -12.59 11.26
N LYS C 1681 12.81 -13.59 10.63
CA LYS C 1681 13.26 -14.09 9.35
C LYS C 1681 13.06 -13.03 8.26
N LYS C 1682 13.77 -13.21 7.15
CA LYS C 1682 13.72 -12.28 6.02
C LYS C 1682 12.69 -12.76 4.99
N GLU C 1683 11.43 -12.71 5.41
CA GLU C 1683 10.32 -13.13 4.56
C GLU C 1683 9.81 -11.94 3.76
N ALA C 1684 8.60 -12.06 3.21
CA ALA C 1684 8.05 -11.13 2.23
C ALA C 1684 8.28 -9.66 2.56
N GLY C 1685 7.72 -9.19 3.67
CA GLY C 1685 7.75 -7.77 3.95
C GLY C 1685 9.01 -7.26 4.62
N ILE C 1686 9.74 -8.13 5.28
CA ILE C 1686 10.96 -7.77 6.00
C ILE C 1686 12.14 -8.29 5.19
N ASP C 1687 12.93 -7.37 4.66
CA ASP C 1687 14.06 -7.68 3.80
C ASP C 1687 15.35 -7.14 4.42
N ASP C 1688 16.43 -7.18 3.65
CA ASP C 1688 17.73 -6.74 4.14
C ASP C 1688 17.82 -5.25 4.39
N MET C 1689 16.83 -4.48 3.94
CA MET C 1689 16.87 -3.02 4.06
C MET C 1689 15.71 -2.44 4.86
N PHE C 1690 14.51 -2.99 4.72
CA PHE C 1690 13.32 -2.50 5.40
C PHE C 1690 12.93 -3.54 6.44
N ASN C 1691 13.49 -3.40 7.63
CA ASN C 1691 13.31 -4.36 8.72
C ASN C 1691 13.37 -3.59 10.03
N PHE C 1692 13.57 -4.32 11.13
CA PHE C 1692 13.62 -3.71 12.46
C PHE C 1692 14.99 -3.81 13.10
N GLU C 1693 16.04 -4.01 12.30
CA GLU C 1693 17.38 -4.19 12.86
C GLU C 1693 17.91 -2.90 13.47
N THR C 1694 17.77 -1.80 12.75
CA THR C 1694 18.34 -0.51 13.14
C THR C 1694 17.19 0.46 13.41
N PHE C 1695 17.49 1.57 14.09
CA PHE C 1695 16.48 2.59 14.32
C PHE C 1695 15.97 3.18 13.02
N GLY C 1696 16.87 3.43 12.06
CA GLY C 1696 16.44 3.95 10.78
C GLY C 1696 15.51 3.00 10.06
N ASN C 1697 15.86 1.71 10.04
CA ASN C 1697 15.00 0.71 9.39
C ASN C 1697 13.66 0.59 10.11
N SER C 1698 13.68 0.59 11.45
CA SER C 1698 12.42 0.52 12.18
C SER C 1698 11.54 1.73 11.89
N MET C 1699 12.15 2.91 11.79
CA MET C 1699 11.36 4.11 11.52
C MET C 1699 10.83 4.16 10.09
N ILE C 1700 11.59 3.64 9.12
CA ILE C 1700 11.05 3.60 7.75
C ILE C 1700 9.91 2.59 7.66
N CYS C 1701 10.05 1.44 8.34
CA CYS C 1701 8.96 0.48 8.37
C CYS C 1701 7.72 1.07 9.06
N LEU C 1702 7.93 1.82 10.13
CA LEU C 1702 6.79 2.41 10.84
C LEU C 1702 6.15 3.54 10.04
N PHE C 1703 6.93 4.31 9.29
CA PHE C 1703 6.33 5.31 8.41
C PHE C 1703 5.55 4.64 7.29
N GLN C 1704 6.05 3.52 6.78
CA GLN C 1704 5.28 2.72 5.85
C GLN C 1704 3.95 2.28 6.45
N ILE C 1705 3.99 1.79 7.69
CA ILE C 1705 2.78 1.28 8.35
C ILE C 1705 1.80 2.40 8.69
N THR C 1706 2.31 3.60 8.99
CA THR C 1706 1.44 4.71 9.38
C THR C 1706 0.35 4.97 8.36
N THR C 1707 0.68 4.85 7.07
CA THR C 1707 -0.30 4.93 6.00
C THR C 1707 -0.98 3.60 5.73
N SER C 1708 -0.94 2.68 6.69
CA SER C 1708 -1.57 1.36 6.64
C SER C 1708 -0.98 0.47 5.55
N ALA C 1709 0.08 0.90 4.87
CA ALA C 1709 0.62 0.19 3.72
C ALA C 1709 1.64 -0.84 4.17
N GLY C 1710 1.51 -2.06 3.67
CA GLY C 1710 2.51 -3.09 3.87
C GLY C 1710 2.56 -3.71 5.25
N TRP C 1711 1.56 -3.46 6.09
CA TRP C 1711 1.58 -4.05 7.42
C TRP C 1711 1.37 -5.55 7.37
N ASP C 1712 0.63 -6.03 6.36
CA ASP C 1712 0.52 -7.48 6.15
C ASP C 1712 1.88 -8.10 5.88
N GLY C 1713 2.65 -7.50 4.98
CA GLY C 1713 3.97 -8.02 4.68
C GLY C 1713 4.92 -7.92 5.85
N LEU C 1714 4.84 -6.84 6.61
CA LEU C 1714 5.70 -6.67 7.78
C LEU C 1714 5.30 -7.59 8.92
N LEU C 1715 4.05 -8.05 8.96
CA LEU C 1715 3.61 -9.00 9.98
C LEU C 1715 3.84 -10.44 9.58
N ALA C 1716 3.88 -10.73 8.27
CA ALA C 1716 4.03 -12.12 7.82
C ALA C 1716 5.25 -12.84 8.40
N PRO C 1717 6.46 -12.28 8.42
CA PRO C 1717 7.59 -13.04 8.98
C PRO C 1717 7.51 -13.19 10.48
N ILE C 1718 6.75 -12.34 11.17
CA ILE C 1718 6.69 -12.40 12.63
C ILE C 1718 5.64 -13.40 13.10
N LEU C 1719 4.62 -13.63 12.28
CA LEU C 1719 3.62 -14.65 12.60
C LEU C 1719 4.20 -16.06 12.69
N ASN C 1720 5.38 -16.28 12.11
CA ASN C 1720 6.01 -17.58 12.19
C ASN C 1720 6.36 -17.91 13.63
N SER C 1721 6.02 -19.13 14.06
CA SER C 1721 6.20 -19.53 15.44
C SER C 1721 7.13 -20.72 15.60
N ALA C 1722 6.95 -21.77 14.81
CA ALA C 1722 7.63 -23.04 15.00
C ALA C 1722 8.17 -23.52 13.66
N PRO C 1723 9.16 -24.41 13.67
CA PRO C 1723 9.66 -24.99 12.42
C PRO C 1723 8.57 -25.77 11.71
N PRO C 1724 8.69 -25.98 10.39
CA PRO C 1724 9.80 -25.58 9.53
C PRO C 1724 9.75 -24.12 9.05
N ASP C 1725 8.84 -23.33 9.60
CA ASP C 1725 8.78 -21.92 9.24
C ASP C 1725 10.04 -21.18 9.66
N CYS C 1726 10.55 -21.47 10.85
CA CYS C 1726 11.79 -20.83 11.33
C CYS C 1726 12.63 -21.81 12.13
N ASP C 1727 13.63 -21.28 12.83
CA ASP C 1727 14.52 -22.08 13.67
C ASP C 1727 14.60 -21.42 15.05
N PRO C 1728 14.10 -22.08 16.09
CA PRO C 1728 14.05 -21.45 17.42
C PRO C 1728 15.40 -21.22 18.07
N ASP C 1729 16.46 -21.85 17.58
CA ASP C 1729 17.79 -21.73 18.17
C ASP C 1729 18.84 -21.46 17.10
N THR C 1730 18.55 -20.52 16.20
CA THR C 1730 19.50 -20.14 15.15
C THR C 1730 20.39 -19.03 15.69
N ILE C 1731 21.65 -19.39 15.99
CA ILE C 1731 22.61 -18.41 16.47
C ILE C 1731 23.15 -17.60 15.30
N HIS C 1732 23.20 -16.29 15.47
CA HIS C 1732 23.70 -15.38 14.44
C HIS C 1732 24.55 -14.30 15.07
N PRO C 1733 25.80 -14.14 14.65
CA PRO C 1733 26.70 -13.17 15.28
C PRO C 1733 26.39 -11.75 14.82
N GLY C 1734 26.93 -10.77 15.55
CA GLY C 1734 27.58 -10.97 16.83
C GLY C 1734 26.64 -10.71 17.99
N SER C 1735 25.57 -11.50 18.07
CA SER C 1735 24.56 -11.32 19.09
C SER C 1735 24.36 -12.62 19.85
N SER C 1736 24.08 -12.50 21.14
CA SER C 1736 23.86 -13.67 21.98
C SER C 1736 22.44 -14.21 21.81
N VAL C 1737 21.58 -13.45 21.13
CA VAL C 1737 20.19 -13.87 20.97
C VAL C 1737 20.13 -15.09 20.06
N LYS C 1738 19.08 -15.89 20.23
CA LYS C 1738 18.85 -17.08 19.44
C LYS C 1738 17.45 -17.03 18.82
N GLY C 1739 17.31 -17.75 17.70
CA GLY C 1739 16.01 -17.88 17.06
C GLY C 1739 15.66 -16.74 16.14
N ASP C 1740 15.11 -17.06 14.97
CA ASP C 1740 14.67 -16.06 14.01
C ASP C 1740 13.15 -16.01 13.89
N CYS C 1741 12.43 -16.51 14.89
CA CYS C 1741 10.99 -16.54 14.88
C CYS C 1741 10.45 -15.52 15.87
N GLY C 1742 9.53 -14.67 15.39
CA GLY C 1742 8.87 -13.74 16.28
C GLY C 1742 7.66 -14.35 16.97
N ASN C 1743 7.39 -13.88 18.17
CA ASN C 1743 6.25 -14.38 18.91
C ASN C 1743 4.96 -13.90 18.23
N PRO C 1744 4.09 -14.80 17.77
CA PRO C 1744 2.88 -14.35 17.07
C PRO C 1744 1.99 -13.46 17.90
N SER C 1745 1.86 -13.75 19.20
CA SER C 1745 0.98 -12.94 20.05
C SER C 1745 1.45 -11.49 20.13
N VAL C 1746 2.73 -11.30 20.46
CA VAL C 1746 3.25 -9.94 20.58
C VAL C 1746 3.31 -9.27 19.21
N GLY C 1747 3.55 -10.03 18.14
CA GLY C 1747 3.56 -9.44 16.82
C GLY C 1747 2.19 -8.92 16.42
N ILE C 1748 1.14 -9.73 16.63
CA ILE C 1748 -0.21 -9.29 16.31
C ILE C 1748 -0.60 -8.11 17.19
N PHE C 1749 -0.27 -8.16 18.48
CA PHE C 1749 -0.59 -7.04 19.36
C PHE C 1749 0.09 -5.76 18.86
N PHE C 1750 1.40 -5.84 18.57
CA PHE C 1750 2.14 -4.70 18.09
C PHE C 1750 1.50 -4.10 16.84
N PHE C 1751 1.28 -4.93 15.82
CA PHE C 1751 0.83 -4.40 14.55
C PHE C 1751 -0.62 -3.91 14.61
N VAL C 1752 -1.51 -4.68 15.25
CA VAL C 1752 -2.90 -4.26 15.35
C VAL C 1752 -3.04 -2.99 16.18
N SER C 1753 -2.31 -2.91 17.31
CA SER C 1753 -2.37 -1.72 18.13
C SER C 1753 -1.82 -0.51 17.40
N TYR C 1754 -0.71 -0.68 16.67
CA TYR C 1754 -0.19 0.45 15.90
C TYR C 1754 -1.15 0.86 14.79
N ILE C 1755 -1.79 -0.10 14.13
CA ILE C 1755 -2.75 0.23 13.09
C ILE C 1755 -3.90 1.03 13.67
N ILE C 1756 -4.41 0.61 14.82
CA ILE C 1756 -5.54 1.32 15.44
C ILE C 1756 -5.13 2.71 15.89
N ILE C 1757 -3.95 2.83 16.52
CA ILE C 1757 -3.49 4.14 16.99
C ILE C 1757 -3.23 5.08 15.82
N SER C 1758 -2.59 4.58 14.75
CA SER C 1758 -2.34 5.40 13.59
C SER C 1758 -3.63 5.76 12.88
N PHE C 1759 -4.62 4.86 12.87
CA PHE C 1759 -5.91 5.20 12.28
C PHE C 1759 -6.57 6.33 13.06
N LEU C 1760 -6.53 6.26 14.39
CA LEU C 1760 -7.09 7.34 15.20
C LEU C 1760 -6.35 8.65 14.95
N VAL C 1761 -5.02 8.61 14.91
CA VAL C 1761 -4.24 9.83 14.69
C VAL C 1761 -4.49 10.40 13.31
N VAL C 1762 -4.59 9.55 12.29
CA VAL C 1762 -4.87 10.02 10.93
C VAL C 1762 -6.28 10.59 10.83
N VAL C 1763 -7.25 9.98 11.51
CA VAL C 1763 -8.60 10.55 11.53
C VAL C 1763 -8.59 11.92 12.20
N ASN C 1764 -7.82 12.06 13.29
CA ASN C 1764 -7.72 13.35 13.95
C ASN C 1764 -7.08 14.39 13.03
N MET C 1765 -6.01 14.02 12.33
CA MET C 1765 -5.39 14.93 11.38
C MET C 1765 -6.36 15.32 10.26
N TYR C 1766 -7.08 14.33 9.74
CA TYR C 1766 -8.05 14.57 8.68
C TYR C 1766 -9.12 15.55 9.14
N ILE C 1767 -9.66 15.34 10.34
CA ILE C 1767 -10.73 16.20 10.84
C ILE C 1767 -10.17 17.60 11.12
N ALA C 1768 -8.94 17.69 11.60
CA ALA C 1768 -8.34 19.01 11.83
C ALA C 1768 -8.23 19.79 10.53
N VAL C 1769 -7.67 19.17 9.49
CA VAL C 1769 -7.53 19.85 8.21
C VAL C 1769 -8.89 20.20 7.62
N ILE C 1770 -9.84 19.27 7.71
CA ILE C 1770 -11.16 19.50 7.11
C ILE C 1770 -11.88 20.65 7.81
N LEU C 1771 -11.85 20.68 9.14
CA LEU C 1771 -12.50 21.77 9.86
C LEU C 1771 -11.77 23.08 9.66
N GLU C 1772 -10.44 23.06 9.50
CA GLU C 1772 -9.74 24.28 9.17
C GLU C 1772 -10.19 24.83 7.82
N ASN C 1773 -10.30 23.96 6.82
CA ASN C 1773 -10.78 24.40 5.51
C ASN C 1773 -12.20 24.94 5.60
N PHE C 1774 -13.07 24.26 6.36
CA PHE C 1774 -14.44 24.73 6.52
C PHE C 1774 -14.48 26.10 7.19
N SER C 1775 -13.70 26.30 8.25
CA SER C 1775 -13.67 27.58 8.93
C SER C 1775 -13.10 28.68 8.04
N VAL C 1776 -12.11 28.36 7.22
CA VAL C 1776 -11.54 29.36 6.33
C VAL C 1776 -12.54 29.78 5.26
N ALA C 1777 -13.20 28.80 4.62
CA ALA C 1777 -14.07 29.12 3.50
C ALA C 1777 -15.46 29.59 3.96
N THR C 1778 -16.19 28.72 4.66
CA THR C 1778 -17.54 29.05 5.08
C THR C 1778 -17.55 30.08 6.21
#